data_4EGN
#
_entry.id   4EGN
#
_cell.length_a   106.534
_cell.length_b   143.444
_cell.length_c   172.820
_cell.angle_alpha   90.00
_cell.angle_beta   90.00
_cell.angle_gamma   90.00
#
_symmetry.space_group_name_H-M   'P 21 21 21'
#
loop_
_entity.id
_entity.type
_entity.pdbx_description
1 polymer 'Cytochrome P450'
2 non-polymer 'PROTOPORPHYRIN IX CONTAINING FE'
3 non-polymer 'SULFATE ION'
4 non-polymer GLYCEROL
5 non-polymer '3,4-dimethoxybenzoic acid'
6 non-polymer 'CHLORIDE ION'
7 water water
#
_entity_poly.entity_id   1
_entity_poly.type   'polypeptide(L)'
_entity_poly.pdbx_seq_one_letter_code
;MISNSSAESISAPPNDSTIPHLAIDPFSLDFFDDPYPDQQTLRDAGPVVYLDKWNVYGVARYAEVHAVLNDPTTFCSSRG
VGLSDFKKEKPWRPPSLILEADPPAHTRPRAVLSKVLSPATMKTIRDGFAAAADAKVDELLQRGCIDAIADLAEAYPLSV
FPDAMGLKQEGREHLLPYAGLVFNAFGPPNELRQTAIERSAPHQAYVNEQCQRPNLAPGGFGACIHAFTDTGEITPDEAP
LLVRSLLSAGLDTTVNGIGAAVYCLARFPGELQRLRSDPTLARNAFEEAVRFESPVQTFFRTTTREVELGGAVIGEGEKV
LMFLGSANRDPRRWSDPDLYDITRKTSGHVGFGSGVHMCVGQLVARLEGEVMLSALARKVAAIDIDGPVKRRFNNTLRGL
ESLPVKLTPA
;
_entity_poly.pdbx_strand_id   A,B,C,D
#
loop_
_chem_comp.id
_chem_comp.type
_chem_comp.name
_chem_comp.formula
CL non-polymer 'CHLORIDE ION' 'Cl -1'
GOL non-polymer GLYCEROL 'C3 H8 O3'
HEM non-polymer 'PROTOPORPHYRIN IX CONTAINING FE' 'C34 H32 Fe N4 O4'
SO4 non-polymer 'SULFATE ION' 'O4 S -2'
TWO non-polymer '3,4-dimethoxybenzoic acid' 'C9 H10 O4'
#
# COMPACT_ATOMS: atom_id res chain seq x y z
N THR A 18 5.39 37.30 6.18
CA THR A 18 5.02 36.30 7.23
C THR A 18 3.61 35.70 6.93
N ILE A 19 3.48 34.39 7.11
CA ILE A 19 2.22 33.74 6.74
C ILE A 19 1.54 33.40 8.05
N PRO A 20 0.29 33.81 8.25
CA PRO A 20 -0.26 33.38 9.56
C PRO A 20 -0.39 31.85 9.73
N HIS A 21 -0.14 31.36 10.95
CA HIS A 21 -0.24 29.91 11.30
C HIS A 21 -1.54 29.66 11.94
N LEU A 22 -2.31 28.66 11.53
CA LEU A 22 -3.55 28.40 12.24
C LEU A 22 -3.54 26.93 12.63
N ALA A 23 -4.20 26.61 13.74
CA ALA A 23 -4.29 25.25 14.23
C ALA A 23 -5.59 24.57 13.70
N ILE A 24 -6.40 25.26 12.91
CA ILE A 24 -7.64 24.64 12.32
C ILE A 24 -7.28 23.32 11.54
N ASP A 25 -8.01 22.23 11.82
CA ASP A 25 -7.88 21.00 11.03
C ASP A 25 -9.14 20.91 10.15
N PRO A 26 -9.01 21.28 8.84
CA PRO A 26 -10.15 21.25 7.95
C PRO A 26 -10.52 19.82 7.50
N PHE A 27 -9.80 18.78 7.99
CA PHE A 27 -10.18 17.38 7.81
C PHE A 27 -10.66 16.66 9.09
N SER A 28 -11.03 17.46 10.14
CA SER A 28 -11.48 16.93 11.41
C SER A 28 -12.98 16.81 11.39
N LEU A 29 -13.49 15.85 12.18
CA LEU A 29 -14.95 15.70 12.26
C LEU A 29 -15.62 16.99 12.77
N ASP A 30 -15.07 17.63 13.77
CA ASP A 30 -15.72 18.85 14.31
C ASP A 30 -15.79 19.91 13.23
N PHE A 31 -14.74 20.03 12.43
CA PHE A 31 -14.81 20.99 11.29
C PHE A 31 -15.89 20.62 10.30
N PHE A 32 -15.93 19.35 9.85
CA PHE A 32 -16.99 18.90 8.94
C PHE A 32 -18.38 19.18 9.47
N ASP A 33 -18.53 19.02 10.77
CA ASP A 33 -19.85 19.17 11.39
C ASP A 33 -20.25 20.60 11.51
N ASP A 34 -19.26 21.48 11.46
CA ASP A 34 -19.64 22.93 11.49
C ASP A 34 -18.49 23.77 10.92
N PRO A 35 -18.37 23.82 9.57
CA PRO A 35 -17.17 24.38 8.94
C PRO A 35 -17.20 25.89 8.90
N TYR A 36 -18.35 26.53 9.05
CA TYR A 36 -18.42 27.94 8.61
C TYR A 36 -17.57 28.93 9.44
N PRO A 37 -17.55 28.79 10.79
CA PRO A 37 -16.71 29.73 11.59
C PRO A 37 -15.24 29.55 11.25
N ASP A 38 -14.81 28.31 11.11
CA ASP A 38 -13.42 28.06 10.74
C ASP A 38 -13.09 28.53 9.33
N GLN A 39 -14.03 28.42 8.40
CA GLN A 39 -13.70 28.84 7.06
C GLN A 39 -13.56 30.36 7.04
N GLN A 40 -14.45 31.04 7.78
CA GLN A 40 -14.26 32.46 8.00
C GLN A 40 -12.93 32.85 8.55
N THR A 41 -12.45 32.13 9.55
CA THR A 41 -11.14 32.42 10.13
C THR A 41 -10.03 32.17 9.06
N LEU A 42 -10.15 31.06 8.29
CA LEU A 42 -9.17 30.71 7.23
C LEU A 42 -9.11 31.86 6.23
N ARG A 43 -10.24 32.47 5.90
CA ARG A 43 -10.28 33.63 5.01
C ARG A 43 -9.69 34.88 5.67
N ASP A 44 -10.13 35.12 6.91
CA ASP A 44 -9.88 36.45 7.54
C ASP A 44 -8.50 36.52 8.13
N ALA A 45 -7.82 35.40 8.40
CA ALA A 45 -6.48 35.49 8.94
C ALA A 45 -5.56 36.11 7.94
N GLY A 46 -5.76 35.84 6.66
CA GLY A 46 -4.92 36.48 5.64
C GLY A 46 -5.17 35.76 4.32
N PRO A 47 -4.66 36.30 3.23
CA PRO A 47 -4.91 35.64 1.95
C PRO A 47 -4.18 34.28 1.78
N VAL A 48 -3.05 34.04 2.46
CA VAL A 48 -2.42 32.70 2.41
C VAL A 48 -2.20 32.33 3.87
N VAL A 49 -2.50 31.10 4.24
CA VAL A 49 -2.34 30.65 5.61
C VAL A 49 -1.44 29.42 5.63
N TYR A 50 -0.92 29.11 6.83
CA TYR A 50 -0.16 27.88 7.08
C TYR A 50 -0.93 27.04 8.10
N LEU A 51 -1.19 25.79 7.76
CA LEU A 51 -1.98 24.89 8.65
C LEU A 51 -1.00 24.04 9.47
N ASP A 52 -0.90 24.31 10.78
CA ASP A 52 -0.01 23.61 11.68
C ASP A 52 -0.26 22.11 11.58
N LYS A 53 -1.55 21.72 11.56
CA LYS A 53 -1.87 20.29 11.71
C LYS A 53 -1.25 19.45 10.60
N TRP A 54 -1.28 19.95 9.36
CA TRP A 54 -0.84 19.13 8.25
C TRP A 54 0.35 19.76 7.50
N ASN A 55 0.88 20.88 8.02
CA ASN A 55 2.18 21.39 7.52
C ASN A 55 2.02 21.70 6.01
N VAL A 56 1.02 22.52 5.66
CA VAL A 56 0.73 22.77 4.28
C VAL A 56 0.18 24.19 4.20
N TYR A 57 0.40 24.87 3.09
CA TYR A 57 -0.23 26.16 2.85
C TYR A 57 -1.67 26.07 2.37
N GLY A 58 -2.52 27.04 2.73
CA GLY A 58 -3.91 27.06 2.17
C GLY A 58 -4.35 28.44 1.71
N VAL A 59 -5.31 28.49 0.80
CA VAL A 59 -5.94 29.74 0.39
C VAL A 59 -7.43 29.51 0.45
N ALA A 60 -8.17 30.44 1.06
CA ALA A 60 -9.60 30.23 1.35
C ALA A 60 -10.42 31.32 0.73
N ARG A 61 -9.79 32.42 0.25
CA ARG A 61 -10.65 33.48 -0.38
C ARG A 61 -10.92 33.20 -1.84
N TYR A 62 -12.01 33.77 -2.36
CA TYR A 62 -12.31 33.59 -3.78
C TYR A 62 -11.15 34.03 -4.69
N ALA A 63 -10.54 35.17 -4.39
CA ALA A 63 -9.51 35.67 -5.40
C ALA A 63 -8.32 34.72 -5.62
N GLU A 64 -7.74 34.24 -4.53
CA GLU A 64 -6.66 33.32 -4.59
C GLU A 64 -7.05 31.96 -5.13
N VAL A 65 -8.20 31.46 -4.69
CA VAL A 65 -8.60 30.13 -5.16
C VAL A 65 -8.78 30.17 -6.68
N HIS A 66 -9.46 31.21 -7.16
CA HIS A 66 -9.67 31.39 -8.58
C HIS A 66 -8.36 31.59 -9.33
N ALA A 67 -7.47 32.43 -8.80
CA ALA A 67 -6.20 32.61 -9.47
C ALA A 67 -5.38 31.31 -9.52
N VAL A 68 -5.41 30.50 -8.45
CA VAL A 68 -4.58 29.26 -8.46
C VAL A 68 -5.12 28.29 -9.58
N LEU A 69 -6.44 28.10 -9.61
CA LEU A 69 -7.16 27.16 -10.54
C LEU A 69 -6.80 27.51 -11.98
N ASN A 70 -6.70 28.84 -12.21
CA ASN A 70 -6.45 29.39 -13.56
C ASN A 70 -5.00 29.64 -13.94
N ASP A 71 -4.06 29.13 -13.14
CA ASP A 71 -2.67 29.10 -13.55
C ASP A 71 -2.10 27.69 -13.38
N PRO A 72 -2.42 26.78 -14.32
CA PRO A 72 -1.99 25.37 -14.12
C PRO A 72 -0.53 25.15 -14.34
N THR A 73 0.14 26.06 -15.09
CA THR A 73 1.57 25.93 -15.26
C THR A 73 2.35 26.11 -13.93
N THR A 74 1.93 27.12 -13.19
CA THR A 74 2.54 27.41 -11.89
C THR A 74 2.02 26.44 -10.79
N PHE A 75 0.71 26.13 -10.82
CA PHE A 75 0.01 25.31 -9.81
C PHE A 75 -0.47 24.05 -10.51
N CYS A 76 0.39 23.04 -10.49
CA CYS A 76 0.20 21.83 -11.35
C CYS A 76 -0.66 20.79 -10.60
N SER A 77 -1.20 19.80 -11.35
CA SER A 77 -2.06 18.70 -10.84
C SER A 77 -1.30 17.36 -10.92
N SER A 78 -0.16 17.28 -11.66
CA SER A 78 0.45 15.94 -11.90
C SER A 78 1.19 15.47 -10.68
N ARG A 79 1.39 16.34 -9.70
CA ARG A 79 1.96 15.92 -8.43
C ARG A 79 0.83 15.60 -7.44
N GLY A 80 -0.35 15.39 -8.00
CA GLY A 80 -1.54 14.95 -7.18
C GLY A 80 -2.38 16.17 -6.80
N VAL A 81 -3.70 15.96 -6.55
CA VAL A 81 -4.59 17.03 -6.13
C VAL A 81 -5.14 16.72 -4.72
N GLY A 82 -4.50 15.75 -4.08
CA GLY A 82 -4.65 15.46 -2.64
C GLY A 82 -3.46 16.04 -1.89
N LEU A 83 -3.39 15.78 -0.59
CA LEU A 83 -2.23 16.19 0.17
C LEU A 83 -0.95 15.50 -0.34
N SER A 84 -1.04 14.23 -0.67
CA SER A 84 0.17 13.51 -1.01
C SER A 84 0.85 14.08 -2.28
N ASP A 85 2.19 14.21 -2.25
CA ASP A 85 2.99 14.72 -3.37
C ASP A 85 3.45 13.51 -4.18
N PHE A 86 2.96 13.31 -5.41
CA PHE A 86 3.25 12.13 -6.14
C PHE A 86 4.72 12.07 -6.58
N LYS A 87 5.39 13.19 -6.58
CA LYS A 87 6.81 13.16 -6.97
C LYS A 87 7.60 12.48 -5.85
N LYS A 88 7.16 12.70 -4.62
CA LYS A 88 7.79 12.17 -3.43
C LYS A 88 7.18 10.87 -2.94
N GLU A 89 5.88 10.59 -3.18
CA GLU A 89 5.21 9.56 -2.43
C GLU A 89 4.51 8.61 -3.42
N LYS A 90 4.23 7.46 -3.15
CA LYS A 90 3.59 6.41 -3.94
C LYS A 90 2.06 6.67 -4.03
N PRO A 91 1.52 6.96 -5.19
CA PRO A 91 0.08 7.20 -5.33
C PRO A 91 -0.67 5.99 -4.82
N TRP A 92 -1.80 6.18 -4.15
CA TRP A 92 -2.47 5.01 -3.58
C TRP A 92 -3.06 4.10 -4.67
N ARG A 93 -3.29 4.67 -5.85
CA ARG A 93 -3.73 3.91 -7.00
C ARG A 93 -3.04 4.55 -8.25
N PRO A 94 -3.04 3.84 -9.41
CA PRO A 94 -2.44 4.44 -10.62
C PRO A 94 -3.15 5.79 -10.87
N PRO A 95 -2.40 6.85 -11.10
CA PRO A 95 -2.96 8.20 -11.22
C PRO A 95 -4.01 8.28 -12.34
N SER A 96 -5.01 9.16 -12.17
CA SER A 96 -5.99 9.42 -13.21
C SER A 96 -5.23 10.06 -14.41
N LEU A 97 -5.65 9.76 -15.64
CA LEU A 97 -5.08 10.40 -16.85
C LEU A 97 -5.55 11.84 -17.07
N ILE A 98 -6.62 12.22 -16.38
CA ILE A 98 -7.21 13.54 -16.60
C ILE A 98 -7.01 14.42 -15.35
N LEU A 99 -7.51 13.98 -14.17
CA LEU A 99 -7.47 14.79 -12.92
C LEU A 99 -6.05 15.08 -12.47
N GLU A 100 -5.18 14.07 -12.59
CA GLU A 100 -3.84 14.10 -12.07
C GLU A 100 -2.81 14.25 -13.18
N ALA A 101 -3.15 15.03 -14.20
CA ALA A 101 -2.18 15.29 -15.29
C ALA A 101 -2.25 16.79 -15.59
N ASP A 102 -1.20 17.34 -16.22
CA ASP A 102 -1.18 18.73 -16.61
C ASP A 102 -1.17 18.80 -18.16
N PRO A 103 -1.55 19.94 -18.71
CA PRO A 103 -1.28 20.10 -20.17
C PRO A 103 0.23 20.01 -20.43
N PRO A 104 0.69 19.41 -21.55
CA PRO A 104 -0.13 18.93 -22.65
C PRO A 104 -0.68 17.51 -22.43
N ALA A 105 -0.10 16.72 -21.51
CA ALA A 105 -0.56 15.32 -21.36
C ALA A 105 -2.07 15.21 -21.08
N HIS A 106 -2.63 16.19 -20.39
CA HIS A 106 -4.04 16.19 -19.97
C HIS A 106 -4.95 16.35 -21.19
N THR A 107 -4.44 16.94 -22.26
CA THR A 107 -5.38 17.48 -23.29
C THR A 107 -6.15 16.42 -24.05
N ARG A 108 -5.46 15.34 -24.45
CA ARG A 108 -6.14 14.32 -25.26
C ARG A 108 -7.16 13.56 -24.41
N PRO A 109 -6.79 13.12 -23.16
CA PRO A 109 -7.93 12.55 -22.43
C PRO A 109 -9.07 13.50 -22.08
N ARG A 110 -8.79 14.78 -21.80
CA ARG A 110 -9.84 15.75 -21.56
C ARG A 110 -10.74 15.83 -22.79
N ALA A 111 -10.13 15.87 -23.97
CA ALA A 111 -10.93 15.95 -25.21
C ALA A 111 -11.88 14.79 -25.40
N VAL A 112 -11.40 13.57 -25.12
CA VAL A 112 -12.25 12.40 -25.21
C VAL A 112 -13.45 12.50 -24.28
N LEU A 113 -13.23 12.83 -22.99
CA LEU A 113 -14.38 12.84 -22.05
C LEU A 113 -15.31 14.03 -22.32
N SER A 114 -14.74 15.15 -22.78
CA SER A 114 -15.58 16.33 -23.16
C SER A 114 -16.56 15.95 -24.33
N LYS A 115 -16.01 15.22 -25.30
CA LYS A 115 -16.90 14.74 -26.42
C LYS A 115 -17.89 13.69 -25.93
N VAL A 116 -17.46 12.77 -25.06
CA VAL A 116 -18.41 11.74 -24.52
C VAL A 116 -19.56 12.42 -23.74
N LEU A 117 -19.27 13.53 -23.05
CA LEU A 117 -20.26 14.18 -22.14
C LEU A 117 -20.71 15.54 -22.67
N SER A 118 -20.80 15.64 -24.01
CA SER A 118 -21.04 16.91 -24.73
C SER A 118 -22.51 17.36 -24.66
N PRO A 119 -22.79 18.67 -24.95
CA PRO A 119 -24.17 19.09 -25.04
C PRO A 119 -25.01 18.21 -26.00
N ALA A 120 -24.44 17.74 -27.11
CA ALA A 120 -25.23 16.93 -28.11
C ALA A 120 -25.52 15.57 -27.45
N THR A 121 -24.58 15.06 -26.65
CA THR A 121 -24.92 13.85 -25.93
C THR A 121 -26.05 14.11 -24.90
N MET A 122 -26.01 15.22 -24.14
CA MET A 122 -27.04 15.51 -23.15
C MET A 122 -28.41 15.55 -23.83
N LYS A 123 -28.46 16.09 -25.02
CA LYS A 123 -29.75 16.13 -25.72
C LYS A 123 -30.38 14.78 -25.91
N THR A 124 -29.57 13.79 -26.26
CA THR A 124 -30.03 12.44 -26.52
C THR A 124 -30.49 11.69 -25.29
N ILE A 125 -30.02 12.10 -24.09
CA ILE A 125 -30.40 11.35 -22.90
C ILE A 125 -31.37 12.13 -22.01
N ARG A 126 -31.60 13.41 -22.27
CA ARG A 126 -32.40 14.26 -21.39
C ARG A 126 -33.83 13.82 -21.20
N ASP A 127 -34.53 13.44 -22.27
CA ASP A 127 -35.95 13.01 -22.07
C ASP A 127 -36.05 11.81 -21.09
N GLY A 128 -35.20 10.81 -21.28
CA GLY A 128 -35.16 9.66 -20.36
C GLY A 128 -34.84 10.09 -18.92
N PHE A 129 -33.86 10.97 -18.76
CA PHE A 129 -33.52 11.44 -17.41
C PHE A 129 -34.67 12.23 -16.81
N ALA A 130 -35.34 13.06 -17.61
CA ALA A 130 -36.48 13.83 -17.07
C ALA A 130 -37.66 12.88 -16.68
N ALA A 131 -37.91 11.88 -17.52
CA ALA A 131 -39.04 10.94 -17.19
C ALA A 131 -38.74 10.17 -15.91
N ALA A 132 -37.49 9.73 -15.75
CA ALA A 132 -37.12 9.10 -14.46
C ALA A 132 -37.27 9.98 -13.25
N ALA A 133 -36.93 11.26 -13.40
CA ALA A 133 -37.03 12.18 -12.30
C ALA A 133 -38.54 12.42 -11.94
N ASP A 134 -39.37 12.60 -12.94
CA ASP A 134 -40.78 12.78 -12.62
C ASP A 134 -41.40 11.56 -11.97
N ALA A 135 -41.08 10.38 -12.50
CA ALA A 135 -41.61 9.08 -11.93
C ALA A 135 -41.10 8.91 -10.52
N LYS A 136 -39.80 9.25 -10.32
CA LYS A 136 -39.29 9.20 -8.94
C LYS A 136 -40.11 10.10 -8.00
N VAL A 137 -40.37 11.34 -8.41
CA VAL A 137 -41.05 12.22 -7.47
C VAL A 137 -42.51 11.71 -7.25
N ASP A 138 -43.15 11.18 -8.29
CA ASP A 138 -44.51 10.67 -8.09
C ASP A 138 -44.44 9.52 -7.09
N GLU A 139 -43.45 8.62 -7.23
CA GLU A 139 -43.39 7.49 -6.25
C GLU A 139 -43.16 7.97 -4.82
N LEU A 140 -42.27 8.93 -4.60
CA LEU A 140 -42.02 9.45 -3.24
C LEU A 140 -43.29 10.03 -2.64
N LEU A 141 -44.12 10.63 -3.46
CA LEU A 141 -45.25 11.36 -2.90
C LEU A 141 -46.31 10.32 -2.46
N GLN A 142 -46.21 9.08 -2.92
CA GLN A 142 -47.18 8.08 -2.44
C GLN A 142 -46.85 7.67 -1.00
N ARG A 143 -45.55 7.68 -0.62
CA ARG A 143 -45.09 7.34 0.74
C ARG A 143 -45.19 8.60 1.57
N GLY A 144 -44.92 9.80 1.01
CA GLY A 144 -44.99 10.97 1.92
C GLY A 144 -43.72 11.20 2.80
N CYS A 145 -43.40 10.24 3.66
CA CYS A 145 -42.25 10.28 4.57
C CYS A 145 -41.15 9.53 3.90
N ILE A 146 -40.06 10.24 3.51
CA ILE A 146 -39.03 9.62 2.72
C ILE A 146 -37.68 10.09 3.24
N ASP A 147 -36.61 9.39 2.84
CA ASP A 147 -35.33 9.88 3.27
C ASP A 147 -34.81 10.59 2.03
N ALA A 148 -34.63 11.92 2.08
CA ALA A 148 -34.23 12.65 0.86
C ALA A 148 -32.80 12.26 0.40
N ILE A 149 -32.11 11.57 1.13
CA ILE A 149 -30.83 11.01 0.67
C ILE A 149 -31.07 9.64 0.08
N ALA A 150 -31.32 8.56 0.92
CA ALA A 150 -31.51 7.27 0.24
C ALA A 150 -32.54 7.22 -0.89
N ASP A 151 -33.68 7.85 -0.68
CA ASP A 151 -34.79 7.70 -1.63
C ASP A 151 -34.74 8.70 -2.78
N LEU A 152 -33.79 9.65 -2.78
CA LEU A 152 -33.89 10.77 -3.76
C LEU A 152 -32.49 11.18 -4.24
N ALA A 153 -31.67 11.74 -3.36
CA ALA A 153 -30.32 12.15 -3.80
C ALA A 153 -29.50 10.93 -4.20
N GLU A 154 -29.61 9.80 -3.50
CA GLU A 154 -28.97 8.56 -3.98
C GLU A 154 -29.78 7.83 -5.03
N ALA A 155 -31.06 7.59 -4.75
CA ALA A 155 -31.81 6.68 -5.67
C ALA A 155 -31.93 7.26 -7.10
N TYR A 156 -32.13 8.56 -7.23
CA TYR A 156 -32.28 9.10 -8.57
C TYR A 156 -31.01 8.94 -9.46
N PRO A 157 -29.86 9.46 -9.03
CA PRO A 157 -28.66 9.21 -9.87
C PRO A 157 -28.38 7.69 -10.09
N LEU A 158 -28.64 6.87 -9.07
CA LEU A 158 -28.49 5.38 -9.27
C LEU A 158 -29.42 4.82 -10.33
N SER A 159 -30.57 5.46 -10.53
CA SER A 159 -31.52 5.01 -11.53
C SER A 159 -31.18 5.50 -12.92
N VAL A 160 -30.32 6.53 -13.11
CA VAL A 160 -30.07 7.00 -14.48
C VAL A 160 -28.60 6.86 -14.90
N PHE A 161 -27.68 7.14 -13.99
CA PHE A 161 -26.24 7.26 -14.43
C PHE A 161 -25.56 5.88 -14.72
N PRO A 162 -25.70 4.88 -13.80
CA PRO A 162 -25.18 3.53 -14.15
C PRO A 162 -25.66 3.00 -15.50
N ASP A 163 -26.94 3.19 -15.77
CA ASP A 163 -27.52 2.83 -17.14
C ASP A 163 -26.93 3.65 -18.24
N ALA A 164 -26.80 4.96 -18.02
CA ALA A 164 -26.19 5.81 -19.01
C ALA A 164 -24.69 5.44 -19.31
N MET A 165 -23.96 4.95 -18.29
CA MET A 165 -22.60 4.46 -18.52
C MET A 165 -22.57 3.15 -19.33
N GLY A 166 -23.67 2.40 -19.28
CA GLY A 166 -23.70 1.05 -19.87
C GLY A 166 -23.29 -0.07 -18.90
N LEU A 167 -23.43 0.14 -17.58
CA LEU A 167 -22.89 -0.80 -16.63
C LEU A 167 -23.87 -1.97 -16.46
N LYS A 168 -23.36 -3.16 -16.18
CA LYS A 168 -24.32 -4.30 -15.85
C LYS A 168 -24.98 -4.04 -14.51
N GLN A 169 -26.04 -4.78 -14.24
CA GLN A 169 -26.82 -4.65 -12.99
C GLN A 169 -26.00 -5.05 -11.76
N GLU A 170 -25.28 -6.17 -11.86
CA GLU A 170 -24.58 -6.74 -10.69
C GLU A 170 -23.40 -5.86 -10.14
N GLY A 171 -23.28 -5.76 -8.83
CA GLY A 171 -22.17 -5.10 -8.24
C GLY A 171 -22.32 -3.59 -8.13
N ARG A 172 -23.45 -3.00 -8.57
CA ARG A 172 -23.60 -1.54 -8.49
C ARG A 172 -23.53 -0.95 -7.12
N GLU A 173 -23.83 -1.75 -6.11
CA GLU A 173 -23.71 -1.26 -4.76
C GLU A 173 -22.27 -0.86 -4.35
N HIS A 174 -21.24 -1.24 -5.12
CA HIS A 174 -19.92 -0.72 -4.85
C HIS A 174 -19.68 0.73 -5.39
N LEU A 175 -20.57 1.27 -6.19
CA LEU A 175 -20.28 2.59 -6.81
C LEU A 175 -20.09 3.69 -5.77
N LEU A 176 -21.04 3.83 -4.85
CA LEU A 176 -21.03 4.94 -3.90
C LEU A 176 -19.87 4.73 -2.95
N PRO A 177 -19.71 3.53 -2.36
CA PRO A 177 -18.51 3.46 -1.52
C PRO A 177 -17.19 3.56 -2.28
N TYR A 178 -17.12 3.18 -3.55
CA TYR A 178 -15.83 3.33 -4.29
C TYR A 178 -15.50 4.82 -4.37
N ALA A 179 -16.50 5.63 -4.73
CA ALA A 179 -16.26 7.07 -4.91
C ALA A 179 -15.98 7.70 -3.56
N GLY A 180 -16.68 7.28 -2.51
CA GLY A 180 -16.31 7.74 -1.12
C GLY A 180 -14.82 7.52 -0.78
N LEU A 181 -14.31 6.31 -1.08
CA LEU A 181 -12.90 6.00 -0.94
C LEU A 181 -12.01 6.96 -1.74
N VAL A 182 -12.33 7.16 -3.00
CA VAL A 182 -11.42 8.01 -3.86
C VAL A 182 -11.38 9.42 -3.25
N PHE A 183 -12.55 9.93 -2.86
CA PHE A 183 -12.62 11.22 -2.26
C PHE A 183 -11.94 11.30 -0.90
N ASN A 184 -12.02 10.23 -0.09
CA ASN A 184 -11.29 10.23 1.20
C ASN A 184 -9.78 10.20 0.97
N ALA A 185 -9.38 9.56 -0.12
CA ALA A 185 -7.90 9.33 -0.35
C ALA A 185 -7.22 10.65 -0.78
N PHE A 186 -7.96 11.65 -1.23
CA PHE A 186 -7.25 12.95 -1.46
C PHE A 186 -6.83 13.59 -0.14
N GLY A 187 -7.48 13.17 0.94
CA GLY A 187 -7.20 13.85 2.20
C GLY A 187 -5.87 13.46 2.87
N PRO A 188 -5.65 14.01 4.10
CA PRO A 188 -4.44 13.72 4.88
C PRO A 188 -4.52 12.30 5.41
N PRO A 189 -3.43 11.72 5.96
CA PRO A 189 -3.45 10.33 6.47
C PRO A 189 -4.14 10.24 7.84
N ASN A 190 -5.44 10.54 7.89
CA ASN A 190 -6.20 10.45 9.17
C ASN A 190 -6.97 9.13 9.14
N GLU A 191 -7.78 8.87 10.16
CA GLU A 191 -8.54 7.59 10.19
C GLU A 191 -9.51 7.47 8.98
N LEU A 192 -10.18 8.55 8.55
CA LEU A 192 -11.07 8.40 7.39
C LEU A 192 -10.31 7.83 6.22
N ARG A 193 -9.11 8.37 5.96
CA ARG A 193 -8.36 7.94 4.79
C ARG A 193 -7.84 6.54 4.99
N GLN A 194 -7.25 6.25 6.16
CA GLN A 194 -6.61 4.94 6.33
C GLN A 194 -7.66 3.79 6.29
N THR A 195 -8.78 3.97 6.98
CA THR A 195 -9.84 2.93 6.95
C THR A 195 -10.40 2.76 5.52
N ALA A 196 -10.60 3.85 4.76
CA ALA A 196 -11.09 3.66 3.39
C ALA A 196 -10.12 2.78 2.58
N ILE A 197 -8.84 3.09 2.68
CA ILE A 197 -7.89 2.35 1.89
C ILE A 197 -7.80 0.92 2.38
N GLU A 198 -7.84 0.69 3.71
CA GLU A 198 -7.78 -0.74 4.15
C GLU A 198 -8.91 -1.59 3.55
N ARG A 199 -10.05 -0.94 3.31
CA ARG A 199 -11.22 -1.63 2.78
C ARG A 199 -11.44 -1.51 1.24
N SER A 200 -10.42 -1.05 0.51
CA SER A 200 -10.68 -0.70 -0.87
C SER A 200 -10.75 -1.84 -1.83
N ALA A 201 -10.12 -2.96 -1.51
CA ALA A 201 -9.89 -3.97 -2.58
C ALA A 201 -11.18 -4.43 -3.31
N PRO A 202 -12.25 -4.81 -2.56
CA PRO A 202 -13.38 -5.22 -3.35
C PRO A 202 -14.02 -4.13 -4.19
N HIS A 203 -14.05 -2.89 -3.72
CA HIS A 203 -14.61 -1.83 -4.58
C HIS A 203 -13.69 -1.71 -5.84
N GLN A 204 -12.37 -1.75 -5.66
CA GLN A 204 -11.50 -1.49 -6.86
C GLN A 204 -11.62 -2.67 -7.87
N ALA A 205 -11.81 -3.89 -7.35
CA ALA A 205 -11.89 -5.12 -8.21
C ALA A 205 -13.16 -5.01 -9.02
N TYR A 206 -14.24 -4.56 -8.39
CA TYR A 206 -15.49 -4.37 -9.15
C TYR A 206 -15.28 -3.30 -10.24
N VAL A 207 -14.76 -2.14 -9.84
CA VAL A 207 -14.60 -1.04 -10.84
C VAL A 207 -13.66 -1.48 -11.97
N ASN A 208 -12.54 -2.11 -11.61
CA ASN A 208 -11.62 -2.57 -12.66
C ASN A 208 -12.29 -3.44 -13.69
N GLU A 209 -13.19 -4.33 -13.26
CA GLU A 209 -13.85 -5.20 -14.22
C GLU A 209 -14.80 -4.39 -15.10
N GLN A 210 -15.52 -3.43 -14.48
CA GLN A 210 -16.54 -2.72 -15.25
C GLN A 210 -15.88 -1.66 -16.21
N CYS A 211 -14.58 -1.40 -16.12
CA CYS A 211 -13.91 -0.50 -17.06
C CYS A 211 -13.55 -1.21 -18.36
N GLN A 212 -13.72 -2.54 -18.41
CA GLN A 212 -13.25 -3.31 -19.58
C GLN A 212 -14.25 -3.25 -20.69
N ARG A 213 -13.77 -3.16 -21.92
CA ARG A 213 -14.69 -2.98 -23.05
C ARG A 213 -15.83 -4.04 -23.14
N PRO A 214 -15.54 -5.35 -22.90
CA PRO A 214 -16.71 -6.26 -23.11
C PRO A 214 -17.81 -6.07 -22.05
N ASN A 215 -17.56 -5.31 -20.98
CA ASN A 215 -18.58 -5.20 -19.87
C ASN A 215 -19.42 -3.92 -19.92
N LEU A 216 -19.21 -3.14 -20.99
CA LEU A 216 -19.91 -1.85 -21.13
C LEU A 216 -20.86 -1.91 -22.28
N ALA A 217 -22.14 -1.71 -22.00
CA ALA A 217 -23.18 -1.88 -23.03
C ALA A 217 -23.04 -0.91 -24.19
N PRO A 218 -23.42 -1.38 -25.40
CA PRO A 218 -23.37 -0.47 -26.57
C PRO A 218 -24.17 0.82 -26.34
N GLY A 219 -23.73 1.98 -26.87
CA GLY A 219 -24.57 3.18 -26.75
C GLY A 219 -24.24 4.04 -25.52
N GLY A 220 -23.64 3.47 -24.47
CA GLY A 220 -23.50 4.15 -23.16
C GLY A 220 -22.14 4.91 -23.12
N PHE A 221 -21.86 5.62 -22.02
CA PHE A 221 -20.63 6.42 -22.04
C PHE A 221 -19.37 5.51 -22.13
N GLY A 222 -19.43 4.35 -21.46
CA GLY A 222 -18.29 3.50 -21.39
C GLY A 222 -17.90 3.03 -22.76
N ALA A 223 -18.89 2.53 -23.48
CA ALA A 223 -18.68 2.02 -24.89
C ALA A 223 -18.23 3.19 -25.78
N CYS A 224 -18.80 4.36 -25.56
CA CYS A 224 -18.44 5.53 -26.39
CA CYS A 224 -18.43 5.55 -26.39
C CYS A 224 -16.94 5.85 -26.12
N ILE A 225 -16.51 5.82 -24.87
CA ILE A 225 -15.07 6.01 -24.56
C ILE A 225 -14.19 5.00 -25.31
N HIS A 226 -14.54 3.70 -25.22
CA HIS A 226 -13.70 2.65 -25.86
C HIS A 226 -13.71 2.77 -27.41
N ALA A 227 -14.77 3.34 -27.98
CA ALA A 227 -14.75 3.62 -29.44
C ALA A 227 -13.61 4.56 -29.88
N PHE A 228 -13.10 5.41 -28.96
CA PHE A 228 -11.91 6.19 -29.28
C PHE A 228 -10.63 5.35 -29.53
N THR A 229 -10.58 4.10 -29.05
CA THR A 229 -9.44 3.29 -29.41
C THR A 229 -9.49 2.95 -30.93
N ASP A 230 -10.67 2.98 -31.55
CA ASP A 230 -10.74 2.43 -32.91
C ASP A 230 -10.14 3.41 -33.97
N THR A 231 -10.14 4.70 -33.65
CA THR A 231 -9.62 5.74 -34.51
C THR A 231 -8.17 6.04 -34.13
N GLY A 232 -7.66 5.39 -33.04
CA GLY A 232 -6.33 5.75 -32.49
C GLY A 232 -6.25 6.99 -31.62
N GLU A 233 -7.39 7.58 -31.27
CA GLU A 233 -7.43 8.73 -30.39
C GLU A 233 -6.88 8.35 -28.97
N ILE A 234 -7.18 7.15 -28.46
CA ILE A 234 -6.54 6.65 -27.22
C ILE A 234 -6.14 5.20 -27.41
N THR A 235 -5.28 4.68 -26.53
CA THR A 235 -4.87 3.27 -26.64
C THR A 235 -5.86 2.36 -25.87
N PRO A 236 -5.86 1.03 -26.20
CA PRO A 236 -6.60 0.06 -25.36
C PRO A 236 -6.20 0.15 -23.87
N ASP A 237 -4.97 0.54 -23.51
CA ASP A 237 -4.66 0.76 -22.05
C ASP A 237 -5.25 2.03 -21.42
N GLU A 238 -5.38 3.06 -22.24
CA GLU A 238 -5.94 4.29 -21.74
C GLU A 238 -7.47 4.22 -21.53
N ALA A 239 -8.17 3.51 -22.40
CA ALA A 239 -9.59 3.59 -22.39
C ALA A 239 -10.18 3.11 -21.02
N PRO A 240 -9.70 1.97 -20.47
CA PRO A 240 -10.26 1.54 -19.16
C PRO A 240 -9.98 2.62 -18.04
N LEU A 241 -8.85 3.32 -18.13
CA LEU A 241 -8.52 4.33 -17.11
C LEU A 241 -9.45 5.54 -17.30
N LEU A 242 -9.92 5.83 -18.52
CA LEU A 242 -10.86 6.98 -18.70
C LEU A 242 -12.23 6.54 -18.21
N VAL A 243 -12.62 5.26 -18.41
CA VAL A 243 -13.92 4.77 -17.82
C VAL A 243 -13.81 4.96 -16.31
N ARG A 244 -12.64 4.63 -15.79
CA ARG A 244 -12.43 4.65 -14.33
C ARG A 244 -12.63 6.06 -13.78
N SER A 245 -12.16 7.07 -14.52
CA SER A 245 -12.49 8.47 -14.14
C SER A 245 -13.98 8.71 -13.96
N LEU A 246 -14.85 8.25 -14.89
CA LEU A 246 -16.27 8.58 -14.80
C LEU A 246 -16.90 7.75 -13.62
N LEU A 247 -16.34 6.58 -13.35
CA LEU A 247 -16.85 5.78 -12.19
C LEU A 247 -16.29 6.30 -10.84
N SER A 248 -15.18 7.06 -10.86
CA SER A 248 -14.74 7.66 -9.63
C SER A 248 -15.59 8.96 -9.36
N ALA A 249 -15.74 9.83 -10.37
CA ALA A 249 -16.32 11.16 -10.15
C ALA A 249 -17.81 11.33 -10.51
N GLY A 250 -18.36 10.47 -11.30
CA GLY A 250 -19.62 10.81 -11.94
C GLY A 250 -20.91 10.48 -11.16
N LEU A 251 -20.81 9.84 -10.00
CA LEU A 251 -22.06 9.48 -9.22
C LEU A 251 -22.16 10.25 -7.88
N ASP A 252 -21.19 10.05 -6.97
CA ASP A 252 -21.35 10.61 -5.59
C ASP A 252 -21.43 12.11 -5.56
N THR A 253 -20.75 12.76 -6.48
CA THR A 253 -20.81 14.22 -6.66
C THR A 253 -22.25 14.64 -6.88
N THR A 254 -22.91 14.02 -7.86
CA THR A 254 -24.28 14.41 -8.20
C THR A 254 -25.27 14.09 -7.07
N VAL A 255 -25.04 12.96 -6.38
CA VAL A 255 -25.81 12.57 -5.15
C VAL A 255 -25.68 13.69 -4.14
N ASN A 256 -24.43 14.15 -3.87
CA ASN A 256 -24.29 15.26 -2.93
C ASN A 256 -24.80 16.61 -3.43
N GLY A 257 -24.74 16.87 -4.75
CA GLY A 257 -25.27 18.16 -5.25
C GLY A 257 -26.80 18.12 -5.15
N ILE A 258 -27.39 17.00 -5.54
CA ILE A 258 -28.86 16.92 -5.42
C ILE A 258 -29.30 16.97 -3.97
N GLY A 259 -28.62 16.19 -3.11
CA GLY A 259 -28.89 16.24 -1.67
C GLY A 259 -28.78 17.66 -1.12
N ALA A 260 -27.71 18.39 -1.52
CA ALA A 260 -27.60 19.84 -1.12
C ALA A 260 -28.83 20.64 -1.54
N ALA A 261 -29.27 20.48 -2.79
CA ALA A 261 -30.34 21.32 -3.28
C ALA A 261 -31.65 21.00 -2.54
N VAL A 262 -31.95 19.71 -2.30
CA VAL A 262 -33.12 19.35 -1.46
C VAL A 262 -33.02 19.87 -0.02
N TYR A 263 -31.84 19.74 0.56
CA TYR A 263 -31.60 20.31 1.87
C TYR A 263 -31.79 21.84 1.90
N CYS A 264 -31.31 22.52 0.85
CA CYS A 264 -31.51 23.97 0.75
C CYS A 264 -33.03 24.27 0.62
N LEU A 265 -33.71 23.55 -0.28
CA LEU A 265 -35.16 23.82 -0.44
C LEU A 265 -35.96 23.57 0.84
N ALA A 266 -35.52 22.57 1.63
CA ALA A 266 -36.11 22.21 2.94
C ALA A 266 -35.83 23.27 3.97
N ARG A 267 -34.62 23.79 4.00
CA ARG A 267 -34.34 24.85 4.99
C ARG A 267 -34.84 26.24 4.59
N PHE A 268 -35.09 26.51 3.30
CA PHE A 268 -35.46 27.89 2.84
C PHE A 268 -36.82 27.78 2.13
N PRO A 269 -37.94 27.67 2.93
CA PRO A 269 -39.27 27.41 2.31
C PRO A 269 -39.63 28.51 1.27
N GLY A 270 -39.24 29.76 1.54
CA GLY A 270 -39.52 30.87 0.58
C GLY A 270 -38.90 30.61 -0.80
N GLU A 271 -37.67 30.02 -0.85
CA GLU A 271 -37.07 29.72 -2.14
C GLU A 271 -37.79 28.62 -2.84
N LEU A 272 -38.23 27.58 -2.12
CA LEU A 272 -39.03 26.54 -2.77
C LEU A 272 -40.30 27.12 -3.43
N GLN A 273 -40.93 28.08 -2.73
CA GLN A 273 -42.12 28.73 -3.30
C GLN A 273 -41.80 29.55 -4.56
N ARG A 274 -40.63 30.24 -4.60
CA ARG A 274 -40.28 30.92 -5.80
C ARG A 274 -39.98 29.97 -6.95
N LEU A 275 -39.40 28.83 -6.62
CA LEU A 275 -39.13 27.83 -7.63
C LEU A 275 -40.51 27.30 -8.17
N ARG A 276 -41.45 27.01 -7.24
CA ARG A 276 -42.75 26.52 -7.67
C ARG A 276 -43.41 27.62 -8.56
N SER A 277 -43.21 28.91 -8.29
CA SER A 277 -43.85 29.96 -9.19
C SER A 277 -43.25 30.03 -10.54
N ASP A 278 -41.95 29.70 -10.65
CA ASP A 278 -41.33 29.74 -11.96
C ASP A 278 -40.37 28.52 -12.04
N PRO A 279 -40.89 27.39 -12.55
CA PRO A 279 -40.03 26.18 -12.61
C PRO A 279 -38.80 26.26 -13.53
N THR A 280 -38.70 27.27 -14.39
CA THR A 280 -37.55 27.44 -15.27
C THR A 280 -36.34 27.93 -14.41
N LEU A 281 -36.56 28.27 -13.13
CA LEU A 281 -35.49 28.51 -12.18
C LEU A 281 -34.75 27.20 -11.73
N ALA A 282 -35.28 26.02 -12.10
CA ALA A 282 -34.72 24.73 -11.63
C ALA A 282 -33.20 24.66 -11.87
N ARG A 283 -32.76 24.93 -13.08
CA ARG A 283 -31.31 24.86 -13.38
C ARG A 283 -30.45 25.78 -12.47
N ASN A 284 -30.90 27.01 -12.25
CA ASN A 284 -30.12 27.93 -11.44
C ASN A 284 -30.27 27.60 -9.94
N ALA A 285 -31.44 27.10 -9.55
CA ALA A 285 -31.64 26.68 -8.17
C ALA A 285 -30.61 25.58 -7.84
N PHE A 286 -30.35 24.69 -8.80
CA PHE A 286 -29.38 23.62 -8.60
C PHE A 286 -27.93 24.22 -8.57
N GLU A 287 -27.64 25.11 -9.51
CA GLU A 287 -26.29 25.76 -9.54
C GLU A 287 -26.04 26.46 -8.22
N GLU A 288 -27.05 27.15 -7.70
CA GLU A 288 -26.82 27.85 -6.47
C GLU A 288 -26.63 26.88 -5.28
N ALA A 289 -27.30 25.73 -5.32
CA ALA A 289 -27.07 24.68 -4.28
C ALA A 289 -25.58 24.25 -4.33
N VAL A 290 -25.03 24.07 -5.54
CA VAL A 290 -23.61 23.65 -5.66
C VAL A 290 -22.71 24.74 -5.05
N ARG A 291 -23.03 26.03 -5.33
CA ARG A 291 -22.24 27.11 -4.70
C ARG A 291 -22.38 27.02 -3.18
N PHE A 292 -23.61 26.93 -2.73
CA PHE A 292 -23.94 27.11 -1.32
C PHE A 292 -23.36 26.02 -0.47
N GLU A 293 -23.46 24.78 -0.94
CA GLU A 293 -22.94 23.67 -0.12
C GLU A 293 -21.58 23.23 -0.53
N SER A 294 -21.24 23.41 -1.79
CA SER A 294 -19.96 22.97 -2.35
C SER A 294 -19.69 21.52 -2.04
N PRO A 295 -20.41 20.62 -2.71
CA PRO A 295 -20.15 19.19 -2.47
C PRO A 295 -18.66 18.79 -2.53
N VAL A 296 -17.88 19.24 -3.52
CA VAL A 296 -16.46 18.97 -3.43
C VAL A 296 -15.84 20.17 -2.73
N GLN A 297 -15.33 19.96 -1.50
CA GLN A 297 -14.92 21.06 -0.65
C GLN A 297 -13.53 21.64 -0.97
N THR A 298 -12.61 20.78 -1.35
CA THR A 298 -11.21 21.08 -1.34
C THR A 298 -10.50 20.34 -2.45
N PHE A 299 -9.45 20.97 -3.00
CA PHE A 299 -8.50 20.20 -3.84
C PHE A 299 -7.17 20.90 -3.67
N PHE A 300 -6.08 20.18 -3.87
CA PHE A 300 -4.74 20.78 -3.76
C PHE A 300 -4.10 21.00 -5.14
N ARG A 301 -3.06 21.83 -5.18
CA ARG A 301 -2.11 21.87 -6.29
C ARG A 301 -0.68 21.90 -5.73
N THR A 302 0.33 21.74 -6.61
CA THR A 302 1.71 21.82 -6.22
C THR A 302 2.42 22.90 -7.08
N THR A 303 3.15 23.80 -6.43
CA THR A 303 3.91 24.79 -7.12
C THR A 303 5.04 24.16 -7.94
N THR A 304 5.24 24.75 -9.06
CA THR A 304 6.15 24.37 -10.09
C THR A 304 7.35 25.40 -10.13
N ARG A 305 7.30 26.46 -9.35
CA ARG A 305 8.36 27.44 -9.32
C ARG A 305 8.02 28.28 -8.14
N GLU A 306 8.97 29.12 -7.76
CA GLU A 306 8.68 30.11 -6.76
C GLU A 306 7.55 30.99 -7.22
N VAL A 307 6.57 31.35 -6.37
CA VAL A 307 5.46 32.15 -6.82
C VAL A 307 4.95 33.07 -5.72
N GLU A 308 4.63 34.30 -6.10
CA GLU A 308 4.05 35.19 -5.17
C GLU A 308 2.53 35.01 -5.14
N LEU A 309 1.95 34.61 -4.00
CA LEU A 309 0.50 34.28 -3.97
C LEU A 309 -0.09 35.02 -2.79
N GLY A 310 -1.08 35.86 -3.02
CA GLY A 310 -1.65 36.64 -1.88
C GLY A 310 -0.60 37.48 -1.13
N GLY A 311 0.37 38.01 -1.85
CA GLY A 311 1.47 38.70 -1.19
C GLY A 311 2.54 37.88 -0.45
N ALA A 312 2.49 36.56 -0.46
CA ALA A 312 3.50 35.77 0.23
C ALA A 312 4.34 35.10 -0.86
N VAL A 313 5.62 34.87 -0.64
CA VAL A 313 6.39 34.14 -1.66
C VAL A 313 6.46 32.69 -1.26
N ILE A 314 6.00 31.79 -2.15
CA ILE A 314 5.90 30.35 -1.80
C ILE A 314 6.93 29.65 -2.67
N GLY A 315 7.74 28.77 -2.09
CA GLY A 315 8.79 28.14 -2.87
C GLY A 315 8.26 27.11 -3.86
N GLU A 316 9.13 26.64 -4.78
CA GLU A 316 8.79 25.61 -5.70
C GLU A 316 8.56 24.28 -4.99
N GLY A 317 7.68 23.44 -5.51
CA GLY A 317 7.53 22.08 -4.91
C GLY A 317 6.56 22.00 -3.71
N GLU A 318 5.73 23.00 -3.50
CA GLU A 318 4.98 23.13 -2.31
C GLU A 318 3.48 22.84 -2.59
N LYS A 319 2.87 22.03 -1.72
CA LYS A 319 1.42 21.80 -1.81
C LYS A 319 0.69 23.06 -1.36
N VAL A 320 -0.41 23.35 -2.05
CA VAL A 320 -1.31 24.42 -1.63
C VAL A 320 -2.72 23.83 -1.62
N LEU A 321 -3.42 24.02 -0.51
CA LEU A 321 -4.85 23.61 -0.36
C LEU A 321 -5.81 24.72 -0.75
N MET A 322 -6.73 24.46 -1.67
CA MET A 322 -7.72 25.44 -2.07
C MET A 322 -9.04 25.09 -1.38
N PHE A 323 -9.63 26.04 -0.68
CA PHE A 323 -10.95 25.83 -0.06
C PHE A 323 -11.99 26.30 -1.01
N LEU A 324 -12.48 25.36 -1.83
CA LEU A 324 -13.50 25.76 -2.81
C LEU A 324 -14.79 26.20 -2.14
N GLY A 325 -15.22 25.42 -1.14
CA GLY A 325 -16.42 25.75 -0.40
C GLY A 325 -16.32 27.17 0.27
N SER A 326 -15.18 27.49 0.84
CA SER A 326 -14.92 28.78 1.40
C SER A 326 -14.98 29.89 0.32
N ALA A 327 -14.38 29.68 -0.85
CA ALA A 327 -14.29 30.69 -1.93
C ALA A 327 -15.70 31.00 -2.36
N ASN A 328 -16.53 29.96 -2.36
CA ASN A 328 -17.97 30.09 -2.74
C ASN A 328 -18.87 30.82 -1.72
N ARG A 329 -18.33 31.04 -0.53
CA ARG A 329 -19.01 31.79 0.50
C ARG A 329 -18.24 33.06 0.89
N ASP A 330 -17.29 33.50 0.03
CA ASP A 330 -16.40 34.60 0.44
C ASP A 330 -17.20 35.89 0.25
N PRO A 331 -17.38 36.68 1.31
CA PRO A 331 -18.15 37.93 1.12
C PRO A 331 -17.42 38.99 0.28
N ARG A 332 -16.13 38.79 -0.02
CA ARG A 332 -15.42 39.69 -0.95
C ARG A 332 -15.97 39.47 -2.35
N ARG A 333 -16.52 38.27 -2.63
CA ARG A 333 -17.02 38.00 -3.97
C ARG A 333 -18.55 37.99 -4.06
N TRP A 334 -19.22 37.61 -2.96
CA TRP A 334 -20.66 37.30 -3.07
C TRP A 334 -21.47 38.19 -2.11
N SER A 335 -22.65 38.67 -2.54
CA SER A 335 -23.51 39.38 -1.56
C SER A 335 -24.30 38.34 -0.79
N ASP A 336 -24.34 38.52 0.54
CA ASP A 336 -25.03 37.61 1.44
C ASP A 336 -24.68 36.16 1.08
N PRO A 337 -23.37 35.80 1.23
CA PRO A 337 -22.94 34.45 0.78
C PRO A 337 -23.66 33.32 1.54
N ASP A 338 -24.04 33.55 2.78
CA ASP A 338 -24.80 32.56 3.57
C ASP A 338 -26.31 32.40 3.27
N LEU A 339 -26.83 33.07 2.26
CA LEU A 339 -28.19 32.86 1.88
C LEU A 339 -28.28 32.02 0.63
N TYR A 340 -29.29 31.18 0.57
CA TYR A 340 -29.54 30.34 -0.61
C TYR A 340 -30.54 31.19 -1.43
N ASP A 341 -30.13 31.65 -2.61
CA ASP A 341 -30.93 32.55 -3.44
C ASP A 341 -31.01 31.98 -4.83
N ILE A 342 -32.18 31.44 -5.20
CA ILE A 342 -32.25 30.75 -6.50
C ILE A 342 -32.16 31.67 -7.75
N THR A 343 -32.18 32.98 -7.55
CA THR A 343 -31.97 33.86 -8.74
C THR A 343 -30.60 34.54 -8.65
N ARG A 344 -29.76 34.10 -7.73
CA ARG A 344 -28.39 34.64 -7.68
C ARG A 344 -27.67 34.47 -9.01
N LYS A 345 -26.85 35.46 -9.39
CA LYS A 345 -25.95 35.25 -10.57
C LYS A 345 -24.78 34.35 -10.09
N THR A 346 -24.80 33.08 -10.50
CA THR A 346 -23.89 32.04 -9.93
C THR A 346 -22.63 31.90 -10.75
N SER A 347 -22.65 32.53 -11.93
CA SER A 347 -21.55 32.41 -12.87
C SER A 347 -20.22 32.74 -12.17
N GLY A 348 -19.22 31.90 -12.34
CA GLY A 348 -17.98 32.21 -11.62
C GLY A 348 -17.81 31.49 -10.28
N HIS A 349 -18.83 30.80 -9.73
CA HIS A 349 -18.59 30.01 -8.51
C HIS A 349 -17.59 28.89 -8.87
N VAL A 350 -16.87 28.35 -7.85
CA VAL A 350 -15.84 27.41 -8.15
C VAL A 350 -16.23 25.98 -7.65
N GLY A 351 -17.51 25.72 -7.49
CA GLY A 351 -17.93 24.36 -7.01
C GLY A 351 -17.69 23.26 -8.05
N PHE A 352 -17.61 23.63 -9.33
CA PHE A 352 -17.10 22.70 -10.39
C PHE A 352 -15.67 22.99 -10.76
N GLY A 353 -14.95 23.78 -9.95
CA GLY A 353 -13.58 24.09 -10.36
C GLY A 353 -13.56 25.28 -11.32
N SER A 354 -12.43 25.48 -11.97
CA SER A 354 -12.36 26.64 -12.94
C SER A 354 -11.13 26.45 -13.80
N GLY A 355 -11.25 26.72 -15.09
CA GLY A 355 -10.07 26.64 -15.97
C GLY A 355 -9.93 25.24 -16.67
N VAL A 356 -8.70 24.80 -16.93
CA VAL A 356 -8.48 23.66 -17.83
C VAL A 356 -9.10 22.36 -17.24
N HIS A 357 -9.22 22.26 -15.89
CA HIS A 357 -9.74 21.03 -15.29
C HIS A 357 -11.15 21.24 -14.83
N MET A 358 -11.80 22.36 -15.18
CA MET A 358 -13.17 22.55 -14.72
C MET A 358 -14.03 21.35 -15.09
N CYS A 359 -14.91 20.96 -14.16
CA CYS A 359 -15.64 19.67 -14.25
C CYS A 359 -16.10 19.31 -15.68
N VAL A 360 -15.52 18.26 -16.26
CA VAL A 360 -15.90 17.80 -17.57
C VAL A 360 -17.28 17.11 -17.57
N GLY A 361 -17.75 16.73 -16.39
CA GLY A 361 -19.08 16.11 -16.30
C GLY A 361 -20.16 17.11 -15.92
N GLN A 362 -19.89 18.43 -16.01
CA GLN A 362 -20.80 19.40 -15.35
C GLN A 362 -22.14 19.40 -16.10
N LEU A 363 -22.14 19.07 -17.39
CA LEU A 363 -23.46 19.00 -18.05
C LEU A 363 -24.32 17.83 -17.60
N VAL A 364 -23.69 16.72 -17.22
CA VAL A 364 -24.46 15.60 -16.65
C VAL A 364 -24.99 15.97 -15.32
N ALA A 365 -24.11 16.51 -14.46
CA ALA A 365 -24.58 16.97 -13.15
C ALA A 365 -25.74 18.01 -13.25
N ARG A 366 -25.64 18.99 -14.16
CA ARG A 366 -26.72 20.01 -14.25
C ARG A 366 -27.96 19.41 -14.89
N LEU A 367 -27.77 18.47 -15.84
CA LEU A 367 -29.01 17.77 -16.36
C LEU A 367 -29.79 17.07 -15.21
N GLU A 368 -29.12 16.19 -14.43
CA GLU A 368 -29.75 15.48 -13.31
C GLU A 368 -30.36 16.45 -12.31
N GLY A 369 -29.59 17.48 -11.97
CA GLY A 369 -30.01 18.50 -11.00
C GLY A 369 -31.22 19.26 -11.50
N GLU A 370 -31.14 19.69 -12.75
CA GLU A 370 -32.26 20.46 -13.33
C GLU A 370 -33.58 19.66 -13.38
N VAL A 371 -33.49 18.44 -13.94
CA VAL A 371 -34.70 17.65 -14.14
C VAL A 371 -35.32 17.26 -12.82
N MET A 372 -34.49 17.02 -11.82
CA MET A 372 -35.00 16.67 -10.52
C MET A 372 -35.68 17.87 -9.85
N LEU A 373 -35.07 19.06 -9.91
CA LEU A 373 -35.71 20.20 -9.23
C LEU A 373 -36.97 20.65 -10.04
N SER A 374 -36.94 20.42 -11.35
CA SER A 374 -38.10 20.73 -12.21
C SER A 374 -39.30 19.79 -11.76
N ALA A 375 -39.01 18.48 -11.60
CA ALA A 375 -40.02 17.56 -11.03
C ALA A 375 -40.52 18.02 -9.68
N LEU A 376 -39.62 18.45 -8.78
CA LEU A 376 -40.03 18.94 -7.47
C LEU A 376 -40.84 20.21 -7.62
N ALA A 377 -40.34 21.12 -8.46
CA ALA A 377 -41.06 22.37 -8.78
C ALA A 377 -42.60 22.16 -9.17
N ARG A 378 -42.87 21.17 -10.04
CA ARG A 378 -44.16 20.92 -10.61
C ARG A 378 -45.02 20.06 -9.70
N LYS A 379 -44.44 19.31 -8.77
CA LYS A 379 -45.17 18.21 -8.11
C LYS A 379 -45.31 18.39 -6.62
N VAL A 380 -44.42 19.15 -6.01
CA VAL A 380 -44.33 19.18 -4.54
C VAL A 380 -44.63 20.58 -4.03
N ALA A 381 -45.49 20.69 -2.99
CA ALA A 381 -45.89 21.99 -2.42
C ALA A 381 -45.02 22.34 -1.21
N ALA A 382 -44.50 21.35 -0.51
CA ALA A 382 -43.76 21.63 0.73
C ALA A 382 -42.76 20.48 0.97
N ILE A 383 -41.62 20.83 1.59
CA ILE A 383 -40.59 19.86 1.99
C ILE A 383 -40.22 20.21 3.45
N ASP A 384 -40.61 19.36 4.43
CA ASP A 384 -40.35 19.61 5.84
C ASP A 384 -39.42 18.56 6.44
N ILE A 385 -38.33 19.00 7.03
CA ILE A 385 -37.42 18.06 7.64
C ILE A 385 -38.24 17.51 8.85
N ASP A 386 -38.15 16.22 9.10
CA ASP A 386 -39.01 15.61 10.14
C ASP A 386 -38.23 14.41 10.64
N GLY A 387 -37.34 14.55 11.61
CA GLY A 387 -36.56 13.44 12.04
C GLY A 387 -35.09 13.91 12.12
N PRO A 388 -34.20 13.02 12.64
CA PRO A 388 -32.82 13.41 12.85
C PRO A 388 -32.02 13.53 11.49
N VAL A 389 -31.30 14.63 11.30
CA VAL A 389 -30.46 14.77 10.13
C VAL A 389 -29.08 14.22 10.47
N LYS A 390 -28.57 13.30 9.64
CA LYS A 390 -27.23 12.73 9.96
C LYS A 390 -26.19 13.12 8.87
N ARG A 391 -25.02 13.63 9.24
CA ARG A 391 -24.06 14.09 8.22
C ARG A 391 -23.12 12.92 7.90
N ARG A 392 -22.69 12.78 6.63
CA ARG A 392 -21.68 11.86 6.34
C ARG A 392 -20.30 12.55 6.27
N PHE A 393 -19.28 11.96 6.92
CA PHE A 393 -17.99 12.64 7.02
C PHE A 393 -17.10 12.06 5.95
N ASN A 394 -16.44 12.91 5.19
CA ASN A 394 -15.57 12.48 4.13
C ASN A 394 -14.46 13.54 3.95
N ASN A 395 -13.21 13.11 3.67
CA ASN A 395 -12.17 14.13 3.53
C ASN A 395 -12.36 15.20 2.46
N THR A 396 -13.13 14.93 1.43
CA THR A 396 -13.26 15.91 0.35
C THR A 396 -14.71 16.26 0.11
N LEU A 397 -15.60 15.30 0.36
CA LEU A 397 -17.05 15.46 0.07
C LEU A 397 -17.86 15.93 1.26
N ARG A 398 -18.68 16.97 1.05
CA ARG A 398 -19.59 17.45 2.06
C ARG A 398 -21.04 17.01 1.67
N GLY A 399 -21.73 16.43 2.61
CA GLY A 399 -23.12 16.02 2.33
C GLY A 399 -23.69 15.21 3.52
N LEU A 400 -24.96 14.84 3.39
CA LEU A 400 -25.61 14.14 4.50
C LEU A 400 -25.72 12.64 4.25
N GLU A 401 -25.76 11.88 5.31
CA GLU A 401 -26.06 10.50 5.24
C GLU A 401 -27.59 10.25 5.23
N SER A 402 -28.33 10.97 6.03
CA SER A 402 -29.80 10.77 6.08
C SER A 402 -30.48 12.11 6.27
N LEU A 403 -31.56 12.33 5.56
CA LEU A 403 -32.31 13.61 5.62
C LEU A 403 -33.80 13.29 5.53
N PRO A 404 -34.42 12.89 6.68
CA PRO A 404 -35.84 12.46 6.67
C PRO A 404 -36.72 13.68 6.39
N VAL A 405 -37.58 13.59 5.39
CA VAL A 405 -38.44 14.73 5.10
C VAL A 405 -39.90 14.23 4.84
N LYS A 406 -40.85 15.11 5.06
CA LYS A 406 -42.22 14.95 4.59
C LYS A 406 -42.44 15.75 3.35
N LEU A 407 -42.85 15.08 2.29
CA LEU A 407 -43.15 15.78 1.06
C LEU A 407 -44.68 15.93 1.00
N THR A 408 -45.17 17.16 0.78
CA THR A 408 -46.62 17.47 0.52
C THR A 408 -46.84 17.66 -0.94
N PRO A 409 -47.77 16.90 -1.52
CA PRO A 409 -48.07 17.03 -2.94
C PRO A 409 -48.67 18.42 -3.23
N ALA A 410 -48.45 18.93 -4.46
CA ALA A 410 -49.06 20.12 -5.00
C ALA A 410 -50.58 19.82 -5.26
N THR B 18 -31.53 -21.62 44.30
CA THR B 18 -30.54 -20.46 44.37
C THR B 18 -29.94 -20.00 42.96
N ILE B 19 -30.18 -18.76 42.55
CA ILE B 19 -30.01 -18.43 41.11
C ILE B 19 -28.80 -17.52 41.02
N PRO B 20 -27.74 -17.93 40.32
CA PRO B 20 -26.58 -17.06 40.37
C PRO B 20 -26.73 -15.74 39.59
N HIS B 21 -26.00 -14.72 40.01
CA HIS B 21 -26.04 -13.40 39.32
C HIS B 21 -24.87 -13.33 38.36
N LEU B 22 -25.05 -12.66 37.20
CA LEU B 22 -23.91 -12.43 36.25
C LEU B 22 -24.03 -11.01 35.83
N ALA B 23 -22.90 -10.31 35.62
CA ALA B 23 -22.88 -8.92 35.21
C ALA B 23 -22.74 -8.86 33.69
N ILE B 24 -22.63 -10.01 33.02
CA ILE B 24 -22.52 -10.06 31.54
C ILE B 24 -23.72 -9.29 30.91
N ASP B 25 -23.41 -8.37 30.00
CA ASP B 25 -24.41 -7.74 29.16
C ASP B 25 -24.43 -8.38 27.78
N PRO B 26 -25.48 -9.19 27.51
CA PRO B 26 -25.48 -9.99 26.31
C PRO B 26 -25.93 -9.16 25.11
N PHE B 27 -26.17 -7.86 25.36
CA PHE B 27 -26.51 -6.89 24.33
C PHE B 27 -25.41 -5.86 24.21
N SER B 28 -24.23 -6.14 24.79
CA SER B 28 -23.14 -5.10 24.67
C SER B 28 -22.22 -5.43 23.48
N LEU B 29 -21.54 -4.39 22.99
CA LEU B 29 -20.62 -4.54 21.85
C LEU B 29 -19.52 -5.52 22.17
N ASP B 30 -18.98 -5.48 23.38
CA ASP B 30 -17.93 -6.43 23.75
C ASP B 30 -18.43 -7.88 23.70
N PHE B 31 -19.69 -8.13 24.17
CA PHE B 31 -20.29 -9.46 24.01
C PHE B 31 -20.40 -9.82 22.52
N PHE B 32 -20.98 -8.92 21.70
CA PHE B 32 -21.22 -9.28 20.27
C PHE B 32 -19.88 -9.62 19.59
N ASP B 33 -18.86 -8.86 19.96
CA ASP B 33 -17.56 -9.01 19.31
C ASP B 33 -16.89 -10.30 19.72
N ASP B 34 -17.28 -10.93 20.83
CA ASP B 34 -16.65 -12.15 21.25
C ASP B 34 -17.57 -12.89 22.26
N PRO B 35 -18.64 -13.52 21.77
CA PRO B 35 -19.69 -13.98 22.69
C PRO B 35 -19.41 -15.35 23.36
N TYR B 36 -18.56 -16.16 22.77
CA TYR B 36 -18.44 -17.56 23.19
C TYR B 36 -17.95 -17.80 24.60
N PRO B 37 -16.98 -17.03 25.10
CA PRO B 37 -16.59 -17.22 26.51
C PRO B 37 -17.73 -16.90 27.49
N ASP B 38 -18.41 -15.77 27.27
CA ASP B 38 -19.57 -15.35 28.04
C ASP B 38 -20.75 -16.35 27.90
N GLN B 39 -20.98 -16.94 26.72
CA GLN B 39 -22.07 -17.94 26.61
C GLN B 39 -21.70 -19.19 27.37
N GLN B 40 -20.43 -19.51 27.38
CA GLN B 40 -20.06 -20.60 28.25
C GLN B 40 -20.27 -20.31 29.76
N THR B 41 -19.95 -19.10 30.20
CA THR B 41 -20.18 -18.72 31.59
C THR B 41 -21.73 -18.77 31.86
N LEU B 42 -22.53 -18.36 30.87
CA LEU B 42 -24.00 -18.31 31.02
C LEU B 42 -24.49 -19.72 31.24
N ARG B 43 -23.95 -20.67 30.48
CA ARG B 43 -24.37 -22.06 30.61
C ARG B 43 -23.91 -22.63 31.93
N ASP B 44 -22.66 -22.35 32.28
CA ASP B 44 -22.02 -23.10 33.38
C ASP B 44 -22.45 -22.56 34.73
N ALA B 45 -22.92 -21.33 34.79
CA ALA B 45 -23.32 -20.75 36.06
C ALA B 45 -24.52 -21.48 36.67
N GLY B 46 -25.53 -21.87 35.86
CA GLY B 46 -26.72 -22.64 36.44
C GLY B 46 -27.72 -22.77 35.31
N PRO B 47 -28.77 -23.62 35.45
CA PRO B 47 -29.71 -23.74 34.34
C PRO B 47 -30.50 -22.40 34.18
N VAL B 48 -30.55 -21.58 35.22
CA VAL B 48 -31.25 -20.29 35.13
C VAL B 48 -30.31 -19.28 35.74
N VAL B 49 -30.08 -18.13 35.08
CA VAL B 49 -29.14 -17.15 35.67
C VAL B 49 -29.92 -15.87 35.86
N TYR B 50 -29.44 -14.96 36.68
CA TYR B 50 -30.10 -13.68 36.86
C TYR B 50 -29.16 -12.65 36.24
N LEU B 51 -29.64 -11.89 35.26
CA LEU B 51 -28.78 -10.90 34.61
C LEU B 51 -28.96 -9.56 35.25
N ASP B 52 -28.00 -9.14 36.05
CA ASP B 52 -28.13 -7.83 36.72
C ASP B 52 -28.24 -6.64 35.83
N LYS B 53 -27.65 -6.71 34.64
CA LYS B 53 -27.65 -5.54 33.81
C LYS B 53 -29.10 -5.20 33.40
N TRP B 54 -29.94 -6.20 33.18
CA TRP B 54 -31.27 -5.92 32.61
C TRP B 54 -32.41 -6.42 33.57
N ASN B 55 -32.02 -6.88 34.76
CA ASN B 55 -32.96 -7.45 35.75
C ASN B 55 -33.87 -8.51 35.16
N VAL B 56 -33.27 -9.58 34.60
CA VAL B 56 -34.13 -10.57 33.90
C VAL B 56 -33.49 -11.96 34.07
N TYR B 57 -34.30 -13.02 34.12
CA TYR B 57 -33.78 -14.37 34.14
C TYR B 57 -33.30 -14.78 32.73
N GLY B 58 -32.25 -15.59 32.63
CA GLY B 58 -31.89 -16.18 31.33
C GLY B 58 -31.62 -17.63 31.43
N VAL B 59 -31.78 -18.33 30.31
CA VAL B 59 -31.47 -19.75 30.22
C VAL B 59 -30.66 -19.91 28.91
N ALA B 60 -29.48 -20.49 29.02
CA ALA B 60 -28.54 -20.54 27.92
C ALA B 60 -28.25 -22.00 27.54
N ARG B 61 -28.72 -22.96 28.30
CA ARG B 61 -28.45 -24.39 27.92
C ARG B 61 -29.49 -24.95 26.99
N TYR B 62 -29.15 -25.96 26.18
CA TYR B 62 -30.10 -26.48 25.21
C TYR B 62 -31.38 -26.98 25.94
N ALA B 63 -31.20 -27.70 27.07
CA ALA B 63 -32.36 -28.37 27.74
C ALA B 63 -33.45 -27.33 28.11
N GLU B 64 -33.06 -26.21 28.76
CA GLU B 64 -34.05 -25.19 29.17
C GLU B 64 -34.63 -24.45 27.96
N VAL B 65 -33.77 -24.08 27.02
CA VAL B 65 -34.25 -23.29 25.88
C VAL B 65 -35.24 -24.16 25.14
N HIS B 66 -34.93 -25.45 24.90
CA HIS B 66 -35.84 -26.32 24.15
C HIS B 66 -37.17 -26.49 24.84
N ALA B 67 -37.12 -26.70 26.14
CA ALA B 67 -38.32 -26.88 26.97
C ALA B 67 -39.19 -25.62 27.00
N VAL B 68 -38.54 -24.49 27.17
CA VAL B 68 -39.31 -23.22 27.15
C VAL B 68 -40.00 -23.01 25.77
N LEU B 69 -39.24 -23.06 24.67
CA LEU B 69 -39.88 -22.94 23.33
C LEU B 69 -41.13 -23.85 23.17
N ASN B 70 -41.01 -25.07 23.62
CA ASN B 70 -42.04 -26.10 23.45
C ASN B 70 -43.11 -26.09 24.52
N ASP B 71 -43.14 -25.05 25.35
CA ASP B 71 -44.33 -24.94 26.27
C ASP B 71 -44.92 -23.54 26.13
N PRO B 72 -45.59 -23.26 25.03
CA PRO B 72 -46.08 -21.88 24.80
C PRO B 72 -47.24 -21.45 25.75
N THR B 73 -47.96 -22.41 26.35
CA THR B 73 -49.03 -22.11 27.30
C THR B 73 -48.40 -21.42 28.52
N THR B 74 -47.30 -21.95 28.95
CA THR B 74 -46.60 -21.47 30.14
C THR B 74 -45.66 -20.35 29.81
N PHE B 75 -44.99 -20.40 28.64
CA PHE B 75 -44.05 -19.28 28.32
C PHE B 75 -44.61 -18.58 27.09
N CYS B 76 -45.35 -17.47 27.28
CA CYS B 76 -46.13 -16.98 26.14
C CYS B 76 -45.26 -16.01 25.33
N SER B 77 -45.72 -15.69 24.14
CA SER B 77 -45.11 -14.70 23.26
C SER B 77 -45.99 -13.42 23.16
N SER B 78 -47.25 -13.44 23.64
CA SER B 78 -48.15 -12.30 23.46
C SER B 78 -47.86 -11.10 24.40
N ARG B 79 -46.95 -11.25 25.34
CA ARG B 79 -46.47 -10.09 26.08
C ARG B 79 -45.09 -9.61 25.47
N GLY B 80 -44.81 -10.00 24.23
CA GLY B 80 -43.57 -9.49 23.46
C GLY B 80 -42.52 -10.57 23.54
N VAL B 81 -41.72 -10.71 22.49
CA VAL B 81 -40.57 -11.65 22.54
C VAL B 81 -39.27 -10.83 22.61
N GLY B 82 -39.38 -9.53 22.91
CA GLY B 82 -38.20 -8.71 23.25
C GLY B 82 -38.23 -8.51 24.76
N LEU B 83 -37.38 -7.60 25.24
CA LEU B 83 -37.30 -7.42 26.71
C LEU B 83 -38.58 -6.71 27.18
N SER B 84 -39.07 -5.79 26.37
CA SER B 84 -40.23 -5.03 26.80
C SER B 84 -41.50 -5.94 27.03
N ASP B 85 -42.26 -5.65 28.09
CA ASP B 85 -43.45 -6.50 28.46
C ASP B 85 -44.66 -5.72 27.93
N PHE B 86 -45.40 -6.25 26.96
CA PHE B 86 -46.49 -5.53 26.36
C PHE B 86 -47.63 -5.34 27.37
N LYS B 87 -47.67 -6.12 28.42
CA LYS B 87 -48.71 -5.86 29.45
C LYS B 87 -48.44 -4.56 30.17
N LYS B 88 -47.17 -4.16 30.26
CA LYS B 88 -46.76 -3.01 31.01
C LYS B 88 -46.37 -1.78 30.22
N GLU B 89 -45.93 -1.93 28.95
CA GLU B 89 -45.50 -0.77 28.16
C GLU B 89 -46.10 -0.95 26.77
N LYS B 90 -46.31 0.14 26.04
CA LYS B 90 -46.90 0.14 24.72
C LYS B 90 -45.89 -0.51 23.79
N PRO B 91 -46.29 -1.43 22.89
CA PRO B 91 -45.32 -1.92 21.89
C PRO B 91 -44.80 -0.77 21.00
N TRP B 92 -43.55 -0.88 20.58
CA TRP B 92 -42.96 0.23 19.82
C TRP B 92 -43.68 0.32 18.39
N ARG B 93 -44.21 -0.79 17.89
CA ARG B 93 -44.99 -0.80 16.65
C ARG B 93 -46.20 -1.72 16.88
N PRO B 94 -47.29 -1.61 16.07
CA PRO B 94 -48.39 -2.57 16.31
C PRO B 94 -47.84 -4.03 16.27
N PRO B 95 -48.31 -4.91 17.21
CA PRO B 95 -47.69 -6.24 17.34
C PRO B 95 -47.84 -7.04 16.04
N SER B 96 -46.90 -7.94 15.80
CA SER B 96 -46.99 -8.93 14.78
C SER B 96 -48.23 -9.85 15.17
N LEU B 97 -48.99 -10.29 14.19
CA LEU B 97 -50.14 -11.18 14.34
C LEU B 97 -49.66 -12.61 14.57
N ILE B 98 -48.41 -12.89 14.22
CA ILE B 98 -47.96 -14.27 14.31
C ILE B 98 -46.86 -14.36 15.40
N LEU B 99 -45.83 -13.51 15.31
CA LEU B 99 -44.67 -13.62 16.25
C LEU B 99 -45.10 -13.27 17.67
N GLU B 100 -45.97 -12.27 17.84
CA GLU B 100 -46.24 -11.75 19.14
C GLU B 100 -47.69 -12.16 19.56
N ALA B 101 -48.12 -13.36 19.15
CA ALA B 101 -49.45 -13.92 19.52
C ALA B 101 -49.26 -15.31 20.04
N ASP B 102 -50.22 -15.83 20.82
CA ASP B 102 -50.16 -17.20 21.33
C ASP B 102 -51.30 -18.00 20.71
N PRO B 103 -51.19 -19.33 20.65
CA PRO B 103 -52.42 -20.12 20.26
C PRO B 103 -53.49 -19.75 21.29
N PRO B 104 -54.79 -19.61 20.93
CA PRO B 104 -55.40 -19.80 19.63
C PRO B 104 -55.30 -18.65 18.65
N ALA B 105 -55.10 -17.42 19.12
CA ALA B 105 -55.03 -16.26 18.17
C ALA B 105 -53.96 -16.40 17.12
N HIS B 106 -52.86 -17.05 17.49
CA HIS B 106 -51.74 -17.34 16.56
C HIS B 106 -52.10 -18.26 15.41
N THR B 107 -53.08 -19.15 15.62
CA THR B 107 -53.18 -20.35 14.78
C THR B 107 -53.60 -20.05 13.37
N ARG B 108 -54.56 -19.14 13.22
CA ARG B 108 -55.03 -18.86 11.89
C ARG B 108 -53.96 -18.08 11.07
N PRO B 109 -53.36 -17.01 11.64
CA PRO B 109 -52.31 -16.38 10.84
C PRO B 109 -51.13 -17.31 10.52
N ARG B 110 -50.79 -18.17 11.47
CA ARG B 110 -49.72 -19.15 11.22
C ARG B 110 -50.12 -20.03 10.02
N ALA B 111 -51.37 -20.51 10.02
CA ALA B 111 -51.75 -21.45 8.96
C ALA B 111 -51.71 -20.79 7.59
N VAL B 112 -52.10 -19.51 7.57
CA VAL B 112 -51.99 -18.75 6.33
C VAL B 112 -50.56 -18.62 5.79
N LEU B 113 -49.62 -18.16 6.64
CA LEU B 113 -48.21 -18.02 6.13
C LEU B 113 -47.60 -19.40 5.81
N SER B 114 -47.99 -20.43 6.57
CA SER B 114 -47.49 -21.77 6.34
C SER B 114 -47.91 -22.18 4.92
N LYS B 115 -49.14 -21.84 4.50
CA LYS B 115 -49.58 -22.27 3.18
C LYS B 115 -48.85 -21.44 2.10
N VAL B 116 -48.70 -20.14 2.37
CA VAL B 116 -48.01 -19.20 1.45
C VAL B 116 -46.55 -19.66 1.19
N LEU B 117 -45.87 -20.19 2.23
CA LEU B 117 -44.50 -20.63 2.17
C LEU B 117 -44.33 -22.16 2.20
N SER B 118 -45.20 -22.89 1.51
CA SER B 118 -45.29 -24.33 1.71
C SER B 118 -44.25 -25.07 0.83
N PRO B 119 -44.06 -26.36 1.10
CA PRO B 119 -43.18 -27.14 0.24
C PRO B 119 -43.61 -27.07 -1.23
N ALA B 120 -44.93 -27.07 -1.49
CA ALA B 120 -45.46 -26.95 -2.88
C ALA B 120 -45.01 -25.63 -3.53
N THR B 121 -45.12 -24.56 -2.77
CA THR B 121 -44.70 -23.25 -3.27
C THR B 121 -43.22 -23.28 -3.54
N MET B 122 -42.41 -23.84 -2.63
CA MET B 122 -40.96 -23.88 -2.89
C MET B 122 -40.61 -24.55 -4.24
N LYS B 123 -41.35 -25.63 -4.52
CA LYS B 123 -41.15 -26.41 -5.76
C LYS B 123 -41.32 -25.48 -7.00
N THR B 124 -42.28 -24.58 -6.95
CA THR B 124 -42.58 -23.72 -8.08
C THR B 124 -41.51 -22.61 -8.28
N ILE B 125 -40.74 -22.26 -7.24
CA ILE B 125 -39.80 -21.19 -7.42
C ILE B 125 -38.39 -21.68 -7.39
N ARG B 126 -38.20 -22.94 -7.02
CA ARG B 126 -36.85 -23.49 -6.83
C ARG B 126 -35.92 -23.30 -8.07
N ASP B 127 -36.39 -23.60 -9.27
CA ASP B 127 -35.46 -23.50 -10.44
C ASP B 127 -34.98 -22.05 -10.67
N GLY B 128 -35.90 -21.08 -10.58
CA GLY B 128 -35.46 -19.68 -10.73
C GLY B 128 -34.44 -19.32 -9.62
N PHE B 129 -34.64 -19.81 -8.38
CA PHE B 129 -33.66 -19.46 -7.34
C PHE B 129 -32.28 -20.10 -7.60
N ALA B 130 -32.30 -21.39 -8.06
CA ALA B 130 -31.04 -22.09 -8.33
C ALA B 130 -30.31 -21.39 -9.50
N ALA B 131 -31.03 -21.07 -10.56
CA ALA B 131 -30.41 -20.33 -11.73
C ALA B 131 -29.75 -19.00 -11.28
N ALA B 132 -30.43 -18.23 -10.41
CA ALA B 132 -29.91 -16.93 -9.93
C ALA B 132 -28.67 -17.19 -9.12
N ALA B 133 -28.63 -18.26 -8.34
CA ALA B 133 -27.43 -18.49 -7.50
C ALA B 133 -26.23 -18.92 -8.36
N ASP B 134 -26.46 -19.83 -9.32
CA ASP B 134 -25.41 -20.21 -10.26
C ASP B 134 -24.90 -18.99 -11.04
N ALA B 135 -25.79 -18.11 -11.51
CA ALA B 135 -25.36 -16.90 -12.26
C ALA B 135 -24.59 -15.95 -11.35
N LYS B 136 -25.00 -15.81 -10.10
CA LYS B 136 -24.26 -15.09 -9.10
C LYS B 136 -22.83 -15.60 -8.89
N VAL B 137 -22.68 -16.89 -8.65
CA VAL B 137 -21.35 -17.43 -8.36
C VAL B 137 -20.42 -17.24 -9.65
N ASP B 138 -21.01 -17.42 -10.83
CA ASP B 138 -20.26 -17.21 -12.10
C ASP B 138 -19.78 -15.75 -12.23
N GLU B 139 -20.65 -14.74 -12.01
CA GLU B 139 -20.19 -13.30 -11.99
C GLU B 139 -19.15 -12.99 -10.97
N LEU B 140 -19.29 -13.52 -9.78
CA LEU B 140 -18.29 -13.22 -8.78
C LEU B 140 -16.91 -13.76 -9.16
N LEU B 141 -16.90 -14.95 -9.73
CA LEU B 141 -15.65 -15.56 -10.13
C LEU B 141 -14.98 -14.76 -11.28
N GLN B 142 -15.73 -14.05 -12.11
CA GLN B 142 -15.05 -13.11 -13.04
C GLN B 142 -14.23 -12.03 -12.31
N ARG B 143 -14.62 -11.66 -11.10
CA ARG B 143 -13.91 -10.57 -10.43
C ARG B 143 -12.89 -11.16 -9.47
N GLY B 144 -13.21 -12.32 -8.89
CA GLY B 144 -12.24 -12.91 -7.97
C GLY B 144 -12.28 -12.35 -6.53
N CYS B 145 -11.96 -11.07 -6.37
CA CYS B 145 -11.88 -10.41 -5.11
C CYS B 145 -13.27 -9.76 -4.89
N ILE B 146 -14.02 -10.29 -3.91
CA ILE B 146 -15.42 -9.82 -3.72
C ILE B 146 -15.68 -9.66 -2.24
N ASP B 147 -16.76 -8.95 -1.93
CA ASP B 147 -17.15 -8.86 -0.53
C ASP B 147 -18.20 -9.95 -0.32
N ALA B 148 -17.87 -11.00 0.45
CA ALA B 148 -18.88 -12.08 0.59
C ALA B 148 -20.18 -11.61 1.28
N ILE B 149 -20.12 -10.45 1.94
CA ILE B 149 -21.43 -9.90 2.42
C ILE B 149 -22.11 -9.09 1.29
N ALA B 150 -21.66 -7.86 0.99
CA ALA B 150 -22.30 -7.09 -0.08
C ALA B 150 -22.59 -7.87 -1.39
N ASP B 151 -21.60 -8.62 -1.89
CA ASP B 151 -21.74 -9.17 -3.23
C ASP B 151 -22.35 -10.53 -3.24
N LEU B 152 -22.63 -11.10 -2.05
CA LEU B 152 -23.08 -12.49 -2.05
C LEU B 152 -24.19 -12.71 -0.99
N ALA B 153 -23.85 -12.59 0.29
CA ALA B 153 -24.85 -12.82 1.34
C ALA B 153 -26.06 -11.84 1.27
N GLU B 154 -25.75 -10.59 0.93
CA GLU B 154 -26.79 -9.57 0.71
C GLU B 154 -27.26 -9.65 -0.75
N ALA B 155 -26.33 -9.62 -1.73
CA ALA B 155 -26.79 -9.52 -3.14
C ALA B 155 -27.74 -10.68 -3.58
N TYR B 156 -27.41 -11.90 -3.18
CA TYR B 156 -28.18 -13.05 -3.63
C TYR B 156 -29.66 -12.99 -3.09
N PRO B 157 -29.86 -12.91 -1.77
CA PRO B 157 -31.30 -12.85 -1.33
C PRO B 157 -31.98 -11.57 -1.92
N LEU B 158 -31.27 -10.43 -2.07
CA LEU B 158 -31.89 -9.22 -2.68
C LEU B 158 -32.32 -9.50 -4.12
N SER B 159 -31.58 -10.37 -4.82
CA SER B 159 -31.90 -10.71 -6.22
C SER B 159 -33.07 -11.69 -6.34
N VAL B 160 -33.49 -12.38 -5.24
CA VAL B 160 -34.56 -13.38 -5.38
C VAL B 160 -35.79 -13.13 -4.48
N PHE B 161 -35.56 -12.63 -3.28
CA PHE B 161 -36.65 -12.62 -2.33
C PHE B 161 -37.61 -11.46 -2.58
N PRO B 162 -37.12 -10.22 -2.82
CA PRO B 162 -38.07 -9.14 -3.10
C PRO B 162 -38.91 -9.43 -4.36
N ASP B 163 -38.31 -10.07 -5.38
CA ASP B 163 -39.12 -10.54 -6.55
C ASP B 163 -40.14 -11.65 -6.12
N ALA B 164 -39.68 -12.69 -5.38
CA ALA B 164 -40.58 -13.73 -4.87
C ALA B 164 -41.72 -13.12 -4.05
N MET B 165 -41.47 -11.99 -3.37
CA MET B 165 -42.54 -11.29 -2.65
C MET B 165 -43.49 -10.51 -3.58
N GLY B 166 -42.97 -10.09 -4.75
CA GLY B 166 -43.72 -9.31 -5.70
C GLY B 166 -43.57 -7.85 -5.36
N LEU B 167 -42.44 -7.49 -4.78
CA LEU B 167 -42.27 -6.07 -4.42
C LEU B 167 -41.89 -5.23 -5.68
N LYS B 168 -42.26 -3.98 -5.74
CA LYS B 168 -41.71 -3.11 -6.83
C LYS B 168 -40.20 -2.86 -6.63
N GLN B 169 -39.59 -2.35 -7.69
CA GLN B 169 -38.13 -2.01 -7.69
C GLN B 169 -37.78 -0.91 -6.72
N GLU B 170 -38.59 0.13 -6.63
CA GLU B 170 -38.22 1.36 -5.92
C GLU B 170 -38.33 1.23 -4.40
N GLY B 171 -37.42 1.86 -3.64
CA GLY B 171 -37.49 1.80 -2.16
C GLY B 171 -36.83 0.50 -1.58
N ARG B 172 -36.40 -0.44 -2.40
CA ARG B 172 -35.88 -1.71 -1.82
C ARG B 172 -34.70 -1.57 -0.88
N GLU B 173 -33.91 -0.50 -1.07
CA GLU B 173 -32.79 -0.21 -0.15
C GLU B 173 -33.20 -0.05 1.32
N HIS B 174 -34.48 0.12 1.60
CA HIS B 174 -34.97 0.20 2.96
C HIS B 174 -35.14 -1.21 3.65
N LEU B 175 -35.01 -2.29 2.89
CA LEU B 175 -35.43 -3.61 3.41
C LEU B 175 -34.43 -4.06 4.49
N LEU B 176 -33.12 -4.00 4.19
CA LEU B 176 -32.12 -4.38 5.17
C LEU B 176 -32.20 -3.51 6.45
N PRO B 177 -32.13 -2.15 6.32
CA PRO B 177 -32.19 -1.40 7.60
C PRO B 177 -33.54 -1.53 8.29
N TYR B 178 -34.61 -1.76 7.53
CA TYR B 178 -35.89 -1.91 8.22
C TYR B 178 -35.86 -3.16 9.13
N ALA B 179 -35.37 -4.28 8.63
CA ALA B 179 -35.23 -5.48 9.47
C ALA B 179 -34.21 -5.33 10.59
N GLY B 180 -33.09 -4.61 10.32
CA GLY B 180 -32.13 -4.30 11.37
C GLY B 180 -32.84 -3.53 12.52
N LEU B 181 -33.68 -2.54 12.20
CA LEU B 181 -34.43 -1.85 13.24
C LEU B 181 -35.37 -2.80 14.01
N VAL B 182 -36.09 -3.67 13.31
CA VAL B 182 -37.05 -4.56 14.02
C VAL B 182 -36.28 -5.50 14.95
N PHE B 183 -35.15 -5.97 14.48
CA PHE B 183 -34.34 -6.85 15.34
C PHE B 183 -33.65 -6.13 16.50
N ASN B 184 -33.33 -4.85 16.30
CA ASN B 184 -32.72 -4.09 17.39
C ASN B 184 -33.79 -3.79 18.45
N ALA B 185 -35.03 -3.64 17.99
CA ALA B 185 -36.15 -3.26 18.92
C ALA B 185 -36.55 -4.39 19.86
N PHE B 186 -36.18 -5.65 19.59
CA PHE B 186 -36.41 -6.69 20.63
C PHE B 186 -35.49 -6.51 21.79
N GLY B 187 -34.37 -5.79 21.56
CA GLY B 187 -33.39 -5.67 22.67
C GLY B 187 -33.84 -4.73 23.78
N PRO B 188 -32.96 -4.55 24.78
CA PRO B 188 -33.14 -3.64 25.91
C PRO B 188 -32.96 -2.21 25.42
N PRO B 189 -33.31 -1.22 26.27
CA PRO B 189 -33.31 0.16 25.81
C PRO B 189 -31.83 0.68 25.84
N ASN B 190 -30.97 0.09 25.02
CA ASN B 190 -29.60 0.64 24.86
C ASN B 190 -29.51 1.60 23.63
N GLU B 191 -28.31 2.09 23.33
CA GLU B 191 -28.13 3.03 22.22
C GLU B 191 -28.51 2.39 20.92
N LEU B 192 -28.17 1.11 20.70
CA LEU B 192 -28.53 0.50 19.43
C LEU B 192 -30.08 0.56 19.19
N ARG B 193 -30.84 0.30 20.24
CA ARG B 193 -32.27 0.25 20.12
C ARG B 193 -32.77 1.73 19.96
N GLN B 194 -32.37 2.64 20.83
CA GLN B 194 -32.94 4.00 20.80
C GLN B 194 -32.61 4.76 19.48
N THR B 195 -31.39 4.56 18.97
CA THR B 195 -31.03 5.19 17.73
C THR B 195 -31.84 4.58 16.59
N ALA B 196 -31.97 3.25 16.58
CA ALA B 196 -32.74 2.60 15.53
C ALA B 196 -34.16 3.16 15.51
N ILE B 197 -34.81 3.20 16.65
CA ILE B 197 -36.20 3.67 16.71
C ILE B 197 -36.29 5.18 16.37
N GLU B 198 -35.33 6.00 16.83
CA GLU B 198 -35.27 7.41 16.38
C GLU B 198 -35.24 7.56 14.87
N ARG B 199 -34.59 6.64 14.17
CA ARG B 199 -34.45 6.74 12.75
C ARG B 199 -35.48 5.92 11.91
N SER B 200 -36.48 5.37 12.57
CA SER B 200 -37.32 4.34 11.93
C SER B 200 -38.33 4.86 10.86
N ALA B 201 -38.78 6.13 10.99
CA ALA B 201 -39.96 6.58 10.13
C ALA B 201 -39.91 6.30 8.62
N PRO B 202 -38.82 6.67 7.93
CA PRO B 202 -38.83 6.41 6.51
C PRO B 202 -38.86 4.91 6.20
N HIS B 203 -38.17 4.11 7.01
CA HIS B 203 -38.18 2.69 6.71
C HIS B 203 -39.61 2.14 6.92
N GLN B 204 -40.28 2.60 7.98
CA GLN B 204 -41.62 2.11 8.21
C GLN B 204 -42.61 2.58 7.17
N ALA B 205 -42.43 3.81 6.64
CA ALA B 205 -43.39 4.30 5.62
C ALA B 205 -43.20 3.56 4.34
N TYR B 206 -41.92 3.23 3.97
CA TYR B 206 -41.72 2.38 2.83
C TYR B 206 -42.39 0.99 3.02
N VAL B 207 -42.14 0.36 4.18
CA VAL B 207 -42.71 -1.01 4.32
C VAL B 207 -44.26 -0.93 4.32
N ASN B 208 -44.80 0.05 5.05
CA ASN B 208 -46.27 0.18 5.12
C ASN B 208 -46.94 0.23 3.72
N GLU B 209 -46.33 0.98 2.81
CA GLU B 209 -46.83 1.10 1.48
C GLU B 209 -46.71 -0.19 0.73
N GLN B 210 -45.56 -0.89 0.82
CA GLN B 210 -45.47 -2.10 0.10
C GLN B 210 -46.34 -3.22 0.68
N CYS B 211 -46.88 -3.06 1.87
CA CYS B 211 -47.76 -4.12 2.42
C CYS B 211 -49.15 -4.11 1.78
N GLN B 212 -49.48 -3.02 1.04
CA GLN B 212 -50.82 -2.82 0.51
C GLN B 212 -51.01 -3.63 -0.77
N ARG B 213 -52.26 -4.09 -0.92
CA ARG B 213 -52.58 -5.02 -2.05
C ARG B 213 -52.24 -4.47 -3.40
N PRO B 214 -52.51 -3.17 -3.65
CA PRO B 214 -52.18 -2.75 -5.04
C PRO B 214 -50.69 -2.85 -5.40
N ASN B 215 -49.80 -3.01 -4.39
CA ASN B 215 -48.36 -2.84 -4.60
C ASN B 215 -47.61 -4.13 -4.71
N LEU B 216 -48.35 -5.24 -4.71
CA LEU B 216 -47.71 -6.53 -4.67
C LEU B 216 -48.08 -7.28 -5.94
N ALA B 217 -47.09 -7.50 -6.81
CA ALA B 217 -47.28 -8.14 -8.13
C ALA B 217 -48.04 -9.50 -8.05
N PRO B 218 -48.94 -9.81 -9.05
CA PRO B 218 -49.62 -11.13 -9.05
C PRO B 218 -48.67 -12.30 -8.92
N GLY B 219 -49.08 -13.35 -8.24
CA GLY B 219 -48.25 -14.56 -8.21
C GLY B 219 -47.16 -14.63 -7.14
N GLY B 220 -46.77 -13.49 -6.53
CA GLY B 220 -45.76 -13.52 -5.46
C GLY B 220 -46.32 -13.74 -4.05
N PHE B 221 -45.44 -13.79 -3.04
CA PHE B 221 -45.94 -14.09 -1.66
C PHE B 221 -46.92 -13.05 -1.17
N GLY B 222 -46.67 -11.76 -1.48
CA GLY B 222 -47.53 -10.69 -0.93
C GLY B 222 -48.97 -10.80 -1.52
N ALA B 223 -49.09 -11.00 -2.84
CA ALA B 223 -50.41 -11.16 -3.47
C ALA B 223 -51.11 -12.45 -2.92
N CYS B 224 -50.32 -13.52 -2.74
CA CYS B 224 -50.88 -14.79 -2.25
CA CYS B 224 -50.89 -14.78 -2.27
C CYS B 224 -51.49 -14.54 -0.86
N ILE B 225 -50.79 -13.81 0.01
CA ILE B 225 -51.36 -13.42 1.32
C ILE B 225 -52.69 -12.66 1.17
N HIS B 226 -52.73 -11.64 0.32
CA HIS B 226 -53.93 -10.87 0.18
C HIS B 226 -55.06 -11.71 -0.48
N ALA B 227 -54.73 -12.78 -1.22
CA ALA B 227 -55.81 -13.66 -1.80
C ALA B 227 -56.68 -14.24 -0.65
N PHE B 228 -56.08 -14.39 0.56
CA PHE B 228 -56.82 -14.96 1.71
C PHE B 228 -57.88 -14.02 2.21
N THR B 229 -57.84 -12.73 1.85
CA THR B 229 -58.92 -11.90 2.26
C THR B 229 -60.18 -12.17 1.39
N ASP B 230 -60.02 -12.79 0.23
CA ASP B 230 -61.20 -12.96 -0.71
C ASP B 230 -62.21 -14.05 -0.15
N THR B 231 -61.67 -15.06 0.56
CA THR B 231 -62.53 -16.15 1.17
C THR B 231 -62.90 -15.76 2.56
N GLY B 232 -62.17 -14.81 3.11
CA GLY B 232 -62.48 -14.29 4.44
C GLY B 232 -61.57 -14.99 5.47
N GLU B 233 -60.61 -15.80 5.02
CA GLU B 233 -59.71 -16.39 6.04
C GLU B 233 -58.98 -15.32 6.90
N ILE B 234 -58.64 -14.18 6.30
CA ILE B 234 -58.09 -13.08 7.09
C ILE B 234 -58.80 -11.80 6.63
N THR B 235 -58.73 -10.77 7.44
CA THR B 235 -59.47 -9.52 7.02
C THR B 235 -58.59 -8.56 6.15
N PRO B 236 -59.20 -7.52 5.48
CA PRO B 236 -58.35 -6.50 4.83
C PRO B 236 -57.33 -5.79 5.75
N ASP B 237 -57.59 -5.70 7.04
CA ASP B 237 -56.59 -5.10 7.98
C ASP B 237 -55.47 -6.06 8.37
N GLU B 238 -55.76 -7.34 8.42
CA GLU B 238 -54.73 -8.32 8.74
C GLU B 238 -53.78 -8.55 7.66
N ALA B 239 -54.27 -8.54 6.42
CA ALA B 239 -53.42 -8.92 5.29
C ALA B 239 -52.11 -8.06 5.23
N PRO B 240 -52.22 -6.71 5.29
CA PRO B 240 -50.93 -5.94 5.22
C PRO B 240 -50.00 -6.28 6.45
N LEU B 241 -50.58 -6.64 7.61
CA LEU B 241 -49.78 -7.06 8.77
C LEU B 241 -49.03 -8.37 8.57
N LEU B 242 -49.62 -9.32 7.84
CA LEU B 242 -48.92 -10.54 7.57
C LEU B 242 -47.86 -10.28 6.50
N VAL B 243 -48.17 -9.42 5.55
CA VAL B 243 -47.12 -9.08 4.56
C VAL B 243 -45.93 -8.43 5.34
N ARG B 244 -46.26 -7.57 6.26
CA ARG B 244 -45.31 -6.93 7.17
C ARG B 244 -44.39 -7.95 7.91
N SER B 245 -44.95 -9.11 8.33
CA SER B 245 -44.12 -10.12 8.93
C SER B 245 -43.05 -10.65 7.96
N LEU B 246 -43.38 -10.86 6.70
CA LEU B 246 -42.39 -11.32 5.81
C LEU B 246 -41.35 -10.27 5.46
N LEU B 247 -41.74 -8.99 5.50
CA LEU B 247 -40.79 -7.91 5.21
C LEU B 247 -39.95 -7.63 6.45
N SER B 248 -40.37 -8.10 7.65
CA SER B 248 -39.49 -7.90 8.84
C SER B 248 -38.51 -9.06 8.90
N ALA B 249 -38.98 -10.28 8.72
CA ALA B 249 -38.17 -11.49 9.02
C ALA B 249 -37.50 -12.19 7.83
N GLY B 250 -38.03 -11.90 6.64
CA GLY B 250 -37.71 -12.76 5.48
C GLY B 250 -36.42 -12.48 4.69
N LEU B 251 -35.73 -11.38 4.99
CA LEU B 251 -34.54 -11.08 4.21
C LEU B 251 -33.26 -11.12 5.07
N ASP B 252 -33.21 -10.32 6.14
CA ASP B 252 -31.96 -10.16 6.90
C ASP B 252 -31.47 -11.44 7.51
N THR B 253 -32.43 -12.28 7.95
CA THR B 253 -32.11 -13.54 8.54
C THR B 253 -31.30 -14.39 7.49
N THR B 254 -31.84 -14.49 6.27
CA THR B 254 -31.22 -15.35 5.26
C THR B 254 -29.88 -14.76 4.81
N VAL B 255 -29.80 -13.42 4.76
CA VAL B 255 -28.49 -12.77 4.48
C VAL B 255 -27.46 -13.24 5.53
N ASN B 256 -27.86 -13.18 6.80
CA ASN B 256 -26.91 -13.58 7.82
C ASN B 256 -26.62 -15.10 7.82
N GLY B 257 -27.63 -15.91 7.52
CA GLY B 257 -27.40 -17.36 7.37
C GLY B 257 -26.42 -17.69 6.24
N ILE B 258 -26.66 -17.12 5.05
CA ILE B 258 -25.72 -17.35 3.92
C ILE B 258 -24.33 -16.82 4.25
N GLY B 259 -24.29 -15.63 4.86
CA GLY B 259 -22.97 -15.11 5.25
C GLY B 259 -22.23 -16.01 6.21
N ALA B 260 -22.95 -16.52 7.20
CA ALA B 260 -22.37 -17.44 8.19
C ALA B 260 -21.84 -18.69 7.44
N ALA B 261 -22.65 -19.22 6.51
CA ALA B 261 -22.18 -20.40 5.74
C ALA B 261 -20.89 -20.07 4.95
N VAL B 262 -20.89 -18.94 4.26
CA VAL B 262 -19.64 -18.57 3.56
C VAL B 262 -18.50 -18.37 4.52
N TYR B 263 -18.77 -17.72 5.66
CA TYR B 263 -17.69 -17.56 6.62
C TYR B 263 -17.11 -18.91 7.11
N CYS B 264 -18.01 -19.85 7.42
CA CYS B 264 -17.60 -21.18 7.90
C CYS B 264 -16.77 -21.88 6.82
N LEU B 265 -17.20 -21.79 5.56
CA LEU B 265 -16.47 -22.45 4.48
C LEU B 265 -15.09 -21.88 4.31
N ALA B 266 -14.94 -20.59 4.59
CA ALA B 266 -13.70 -19.88 4.42
C ALA B 266 -12.78 -20.26 5.59
N ARG B 267 -13.33 -20.45 6.79
CA ARG B 267 -12.46 -20.75 7.93
C ARG B 267 -12.18 -22.24 8.12
N PHE B 268 -13.00 -23.12 7.55
CA PHE B 268 -12.88 -24.56 7.67
C PHE B 268 -12.65 -25.09 6.22
N PRO B 269 -11.44 -24.87 5.64
CA PRO B 269 -11.23 -25.24 4.22
C PRO B 269 -11.45 -26.75 3.98
N GLY B 270 -11.18 -27.59 4.98
CA GLY B 270 -11.36 -29.06 4.81
C GLY B 270 -12.84 -29.38 4.63
N GLU B 271 -13.73 -28.61 5.29
CA GLU B 271 -15.17 -28.79 5.08
C GLU B 271 -15.61 -28.34 3.71
N LEU B 272 -14.96 -27.29 3.18
CA LEU B 272 -15.33 -26.87 1.84
C LEU B 272 -14.93 -28.00 0.87
N GLN B 273 -13.74 -28.55 1.04
CA GLN B 273 -13.38 -29.73 0.16
C GLN B 273 -14.35 -30.86 0.32
N ARG B 274 -14.81 -31.13 1.55
CA ARG B 274 -15.81 -32.20 1.70
C ARG B 274 -17.07 -31.89 0.89
N LEU B 275 -17.48 -30.64 0.92
CA LEU B 275 -18.74 -30.29 0.19
C LEU B 275 -18.52 -30.34 -1.33
N ARG B 276 -17.34 -29.90 -1.77
CA ARG B 276 -17.04 -29.99 -3.24
C ARG B 276 -17.06 -31.49 -3.60
N SER B 277 -16.50 -32.36 -2.73
CA SER B 277 -16.52 -33.84 -3.00
C SER B 277 -17.91 -34.37 -3.04
N ASP B 278 -18.82 -33.83 -2.23
CA ASP B 278 -20.18 -34.33 -2.33
C ASP B 278 -21.19 -33.18 -2.20
N PRO B 279 -21.57 -32.58 -3.35
CA PRO B 279 -22.40 -31.40 -3.33
C PRO B 279 -23.79 -31.63 -2.74
N THR B 280 -24.24 -32.89 -2.56
CA THR B 280 -25.57 -33.08 -1.99
C THR B 280 -25.54 -32.71 -0.47
N LEU B 281 -24.34 -32.48 0.08
CA LEU B 281 -24.21 -32.04 1.46
C LEU B 281 -24.63 -30.55 1.59
N ALA B 282 -25.04 -29.88 0.50
CA ALA B 282 -25.27 -28.41 0.51
C ALA B 282 -26.32 -28.01 1.59
N ARG B 283 -27.43 -28.72 1.61
CA ARG B 283 -28.54 -28.32 2.46
C ARG B 283 -28.09 -28.48 3.92
N ASN B 284 -27.39 -29.57 4.25
CA ASN B 284 -26.96 -29.76 5.62
C ASN B 284 -25.79 -28.81 6.01
N ALA B 285 -24.93 -28.46 5.05
CA ALA B 285 -23.85 -27.53 5.32
C ALA B 285 -24.49 -26.15 5.69
N PHE B 286 -25.57 -25.81 5.01
CA PHE B 286 -26.31 -24.64 5.39
C PHE B 286 -26.95 -24.79 6.82
N GLU B 287 -27.61 -25.92 7.07
CA GLU B 287 -28.23 -26.12 8.38
C GLU B 287 -27.22 -25.95 9.48
N GLU B 288 -26.06 -26.58 9.26
CA GLU B 288 -24.95 -26.52 10.21
C GLU B 288 -24.45 -25.11 10.44
N ALA B 289 -24.41 -24.27 9.39
CA ALA B 289 -24.05 -22.85 9.57
C ALA B 289 -25.09 -22.11 10.46
N VAL B 290 -26.37 -22.43 10.28
CA VAL B 290 -27.48 -21.82 11.09
C VAL B 290 -27.18 -22.23 12.58
N ARG B 291 -26.81 -23.48 12.84
CA ARG B 291 -26.60 -23.93 14.25
C ARG B 291 -25.34 -23.23 14.73
N PHE B 292 -24.29 -23.29 13.92
CA PHE B 292 -22.97 -22.78 14.30
C PHE B 292 -22.96 -21.28 14.63
N GLU B 293 -23.50 -20.46 13.73
CA GLU B 293 -23.50 -19.04 13.98
C GLU B 293 -24.80 -18.49 14.61
N SER B 294 -25.92 -19.18 14.46
CA SER B 294 -27.23 -18.72 14.88
C SER B 294 -27.54 -17.25 14.60
N PRO B 295 -27.90 -16.90 13.34
CA PRO B 295 -28.14 -15.51 13.00
C PRO B 295 -29.16 -14.85 13.94
N VAL B 296 -30.19 -15.56 14.37
CA VAL B 296 -31.06 -14.97 15.42
C VAL B 296 -30.56 -15.51 16.77
N GLN B 297 -29.98 -14.65 17.59
CA GLN B 297 -29.21 -15.07 18.78
C GLN B 297 -30.12 -15.31 19.98
N THR B 298 -31.24 -14.57 20.09
CA THR B 298 -32.00 -14.49 21.37
C THR B 298 -33.48 -14.18 21.11
N PHE B 299 -34.37 -14.68 21.97
CA PHE B 299 -35.76 -14.19 21.99
C PHE B 299 -36.17 -14.40 23.42
N PHE B 300 -37.22 -13.70 23.82
CA PHE B 300 -37.75 -13.80 25.19
C PHE B 300 -39.10 -14.46 25.16
N ARG B 301 -39.47 -14.95 26.32
CA ARG B 301 -40.87 -15.36 26.58
C ARG B 301 -41.30 -14.72 27.89
N THR B 302 -42.59 -14.88 28.24
CA THR B 302 -43.02 -14.37 29.51
C THR B 302 -43.88 -15.47 30.23
N THR B 303 -43.63 -15.72 31.50
CA THR B 303 -44.36 -16.80 32.16
C THR B 303 -45.82 -16.40 32.41
N THR B 304 -46.76 -17.35 32.29
CA THR B 304 -48.19 -17.08 32.45
C THR B 304 -48.67 -17.70 33.76
N ARG B 305 -47.77 -18.34 34.54
CA ARG B 305 -48.12 -18.95 35.82
C ARG B 305 -46.83 -19.11 36.54
N GLU B 306 -46.90 -19.34 37.85
CA GLU B 306 -45.70 -19.77 38.57
C GLU B 306 -45.17 -21.09 37.93
N VAL B 307 -43.86 -21.27 37.75
CA VAL B 307 -43.40 -22.42 36.97
C VAL B 307 -42.02 -22.84 37.44
N GLU B 308 -41.85 -24.14 37.65
CA GLU B 308 -40.51 -24.61 37.96
C GLU B 308 -39.67 -24.66 36.67
N LEU B 309 -38.58 -23.91 36.62
CA LEU B 309 -37.72 -23.90 35.42
C LEU B 309 -36.30 -24.10 35.91
N GLY B 310 -35.61 -25.10 35.40
CA GLY B 310 -34.22 -25.31 35.85
C GLY B 310 -34.09 -25.47 37.37
N GLY B 311 -35.07 -26.14 37.99
CA GLY B 311 -35.10 -26.34 39.46
C GLY B 311 -35.47 -25.11 40.26
N ALA B 312 -35.80 -23.97 39.65
CA ALA B 312 -36.18 -22.82 40.44
C ALA B 312 -37.64 -22.49 40.19
N VAL B 313 -38.33 -21.97 41.20
CA VAL B 313 -39.70 -21.67 41.02
C VAL B 313 -39.83 -20.24 40.60
N ILE B 314 -40.26 -20.03 39.36
CA ILE B 314 -40.21 -18.63 38.78
C ILE B 314 -41.65 -18.11 38.83
N GLY B 315 -41.82 -16.86 39.24
CA GLY B 315 -43.16 -16.34 39.39
C GLY B 315 -43.88 -16.12 38.06
N GLU B 316 -45.19 -15.97 38.12
CA GLU B 316 -46.01 -15.54 36.97
C GLU B 316 -45.63 -14.12 36.48
N GLY B 317 -45.68 -13.87 35.17
CA GLY B 317 -45.46 -12.53 34.68
C GLY B 317 -43.95 -12.20 34.51
N GLU B 318 -43.07 -13.23 34.41
CA GLU B 318 -41.62 -12.95 34.40
C GLU B 318 -41.02 -13.11 33.01
N LYS B 319 -40.26 -12.15 32.53
CA LYS B 319 -39.53 -12.33 31.25
C LYS B 319 -38.42 -13.37 31.46
N VAL B 320 -38.20 -14.18 30.45
CA VAL B 320 -37.09 -15.18 30.43
C VAL B 320 -36.42 -14.95 29.05
N LEU B 321 -35.12 -14.67 29.10
CA LEU B 321 -34.33 -14.53 27.89
C LEU B 321 -33.76 -15.88 27.49
N MET B 322 -34.04 -16.36 26.27
CA MET B 322 -33.51 -17.63 25.82
C MET B 322 -32.28 -17.33 24.93
N PHE B 323 -31.14 -18.01 25.13
CA PHE B 323 -29.98 -17.84 24.30
C PHE B 323 -29.97 -18.99 23.28
N LEU B 324 -30.52 -18.75 22.09
CA LEU B 324 -30.61 -19.76 21.02
C LEU B 324 -29.22 -20.16 20.50
N GLY B 325 -28.40 -19.16 20.29
CA GLY B 325 -27.01 -19.36 19.86
C GLY B 325 -26.26 -20.20 20.88
N SER B 326 -26.39 -19.90 22.17
CA SER B 326 -25.71 -20.70 23.18
C SER B 326 -26.23 -22.18 23.24
N ALA B 327 -27.55 -22.37 23.18
CA ALA B 327 -28.17 -23.67 23.18
C ALA B 327 -27.66 -24.48 22.00
N ASN B 328 -27.41 -23.80 20.87
CA ASN B 328 -26.89 -24.47 19.67
C ASN B 328 -25.40 -24.85 19.80
N ARG B 329 -24.73 -24.34 20.84
CA ARG B 329 -23.35 -24.69 21.11
C ARG B 329 -23.13 -25.33 22.48
N ASP B 330 -24.19 -25.84 23.08
CA ASP B 330 -24.10 -26.39 24.42
C ASP B 330 -23.48 -27.84 24.37
N PRO B 331 -22.34 -28.06 25.03
CA PRO B 331 -21.69 -29.42 24.97
C PRO B 331 -22.51 -30.50 25.70
N ARG B 332 -23.51 -30.08 26.47
CA ARG B 332 -24.40 -31.09 27.11
C ARG B 332 -25.19 -31.72 26.03
N ARG B 333 -25.36 -31.02 24.89
CA ARG B 333 -26.23 -31.55 23.81
C ARG B 333 -25.38 -31.94 22.56
N TRP B 334 -24.33 -31.19 22.24
CA TRP B 334 -23.64 -31.33 20.90
C TRP B 334 -22.17 -31.83 21.18
N SER B 335 -21.62 -32.77 20.42
CA SER B 335 -20.14 -33.03 20.55
C SER B 335 -19.35 -32.04 19.74
N ASP B 336 -18.26 -31.54 20.32
CA ASP B 336 -17.43 -30.52 19.66
C ASP B 336 -18.33 -29.41 19.00
N PRO B 337 -19.12 -28.69 19.83
CA PRO B 337 -20.10 -27.74 19.32
C PRO B 337 -19.38 -26.58 18.59
N ASP B 338 -18.12 -26.33 18.89
CA ASP B 338 -17.45 -25.22 18.28
C ASP B 338 -16.80 -25.60 16.96
N LEU B 339 -17.10 -26.79 16.45
CA LEU B 339 -16.50 -27.19 15.17
C LEU B 339 -17.64 -27.12 14.16
N TYR B 340 -17.35 -26.60 12.96
CA TYR B 340 -18.28 -26.61 11.85
C TYR B 340 -18.17 -27.97 11.15
N ASP B 341 -19.23 -28.76 11.14
CA ASP B 341 -19.18 -30.13 10.65
C ASP B 341 -20.35 -30.35 9.73
N ILE B 342 -20.09 -30.36 8.40
CA ILE B 342 -21.22 -30.39 7.46
C ILE B 342 -21.94 -31.72 7.40
N THR B 343 -21.42 -32.76 8.09
CA THR B 343 -22.20 -33.99 8.13
C THR B 343 -22.79 -34.23 9.55
N ARG B 344 -22.67 -33.24 10.45
CA ARG B 344 -23.32 -33.33 11.77
C ARG B 344 -24.81 -33.56 11.59
N LYS B 345 -25.38 -34.38 12.47
CA LYS B 345 -26.85 -34.52 12.54
C LYS B 345 -27.34 -33.31 13.29
N THR B 346 -27.93 -32.43 12.52
CA THR B 346 -28.26 -31.07 13.03
C THR B 346 -29.69 -31.06 13.55
N SER B 347 -30.47 -32.14 13.35
CA SER B 347 -31.89 -32.01 13.64
C SER B 347 -32.07 -31.74 15.13
N GLY B 348 -33.01 -30.86 15.46
CA GLY B 348 -33.09 -30.48 16.88
C GLY B 348 -32.31 -29.22 17.28
N HIS B 349 -31.52 -28.62 16.38
CA HIS B 349 -30.95 -27.31 16.73
C HIS B 349 -32.07 -26.24 16.82
N VAL B 350 -31.86 -25.15 17.52
CA VAL B 350 -32.99 -24.18 17.70
C VAL B 350 -32.73 -22.87 16.97
N GLY B 351 -31.90 -22.95 15.92
CA GLY B 351 -31.61 -21.73 15.11
C GLY B 351 -32.83 -21.10 14.43
N PHE B 352 -33.80 -21.94 14.12
CA PHE B 352 -35.09 -21.49 13.61
C PHE B 352 -36.18 -21.62 14.71
N GLY B 353 -35.78 -21.74 15.96
CA GLY B 353 -36.79 -21.83 17.05
C GLY B 353 -37.25 -23.30 17.11
N SER B 354 -38.37 -23.55 17.78
CA SER B 354 -38.82 -24.95 17.95
C SER B 354 -40.26 -24.87 18.44
N GLY B 355 -41.17 -25.74 17.90
CA GLY B 355 -42.59 -25.78 18.36
C GLY B 355 -43.48 -24.95 17.49
N VAL B 356 -44.47 -24.32 18.14
CA VAL B 356 -45.56 -23.75 17.37
C VAL B 356 -45.09 -22.50 16.61
N HIS B 357 -44.04 -21.77 17.11
CA HIS B 357 -43.58 -20.58 16.37
C HIS B 357 -42.34 -20.92 15.54
N MET B 358 -42.01 -22.20 15.42
CA MET B 358 -40.79 -22.51 14.70
C MET B 358 -40.86 -21.85 13.31
N CYS B 359 -39.77 -21.20 12.91
CA CYS B 359 -39.67 -20.39 11.67
C CYS B 359 -40.58 -20.89 10.51
N VAL B 360 -41.65 -20.13 10.29
CA VAL B 360 -42.53 -20.40 9.17
C VAL B 360 -41.91 -20.18 7.77
N GLY B 361 -40.80 -19.44 7.72
CA GLY B 361 -40.05 -19.13 6.45
C GLY B 361 -38.91 -20.12 6.31
N GLN B 362 -38.88 -21.20 7.09
CA GLN B 362 -37.65 -22.04 7.06
C GLN B 362 -37.37 -22.72 5.71
N LEU B 363 -38.42 -23.02 4.96
CA LEU B 363 -38.21 -23.62 3.65
C LEU B 363 -37.64 -22.60 2.64
N VAL B 364 -38.03 -21.37 2.78
CA VAL B 364 -37.41 -20.28 1.96
C VAL B 364 -35.92 -20.16 2.29
N ALA B 365 -35.60 -20.05 3.58
CA ALA B 365 -34.22 -19.91 3.99
C ALA B 365 -33.40 -21.08 3.52
N ARG B 366 -33.96 -22.32 3.66
CA ARG B 366 -33.18 -23.50 3.30
C ARG B 366 -33.06 -23.56 1.77
N LEU B 367 -34.08 -23.07 1.05
CA LEU B 367 -33.98 -23.13 -0.43
C LEU B 367 -32.81 -22.22 -0.87
N GLU B 368 -32.80 -21.00 -0.36
CA GLU B 368 -31.74 -20.04 -0.77
C GLU B 368 -30.35 -20.57 -0.33
N GLY B 369 -30.24 -21.04 0.93
CA GLY B 369 -28.97 -21.50 1.46
C GLY B 369 -28.45 -22.72 0.64
N GLU B 370 -29.33 -23.67 0.39
CA GLU B 370 -28.96 -24.85 -0.36
C GLU B 370 -28.50 -24.54 -1.81
N VAL B 371 -29.29 -23.75 -2.54
CA VAL B 371 -28.89 -23.45 -3.94
C VAL B 371 -27.59 -22.64 -4.03
N MET B 372 -27.40 -21.73 -3.07
CA MET B 372 -26.15 -20.97 -3.05
C MET B 372 -24.98 -21.90 -2.72
N LEU B 373 -25.12 -22.73 -1.66
CA LEU B 373 -24.03 -23.61 -1.29
C LEU B 373 -23.74 -24.66 -2.42
N SER B 374 -24.79 -25.05 -3.13
CA SER B 374 -24.64 -25.98 -4.23
C SER B 374 -23.78 -25.29 -5.33
N ALA B 375 -24.06 -24.05 -5.64
CA ALA B 375 -23.37 -23.33 -6.70
C ALA B 375 -21.91 -23.16 -6.32
N LEU B 376 -21.67 -22.79 -5.08
CA LEU B 376 -20.32 -22.76 -4.57
C LEU B 376 -19.62 -24.13 -4.65
N ALA B 377 -20.27 -25.19 -4.20
CA ALA B 377 -19.70 -26.56 -4.25
C ALA B 377 -19.22 -26.98 -5.66
N ARG B 378 -20.05 -26.68 -6.66
CA ARG B 378 -19.78 -27.06 -8.07
C ARG B 378 -18.79 -26.08 -8.74
N LYS B 379 -18.65 -24.85 -8.22
CA LYS B 379 -17.94 -23.84 -8.98
C LYS B 379 -16.65 -23.29 -8.41
N VAL B 380 -16.44 -23.48 -7.11
CA VAL B 380 -15.42 -22.75 -6.39
C VAL B 380 -14.55 -23.75 -5.76
N ALA B 381 -13.26 -23.54 -5.93
CA ALA B 381 -12.24 -24.45 -5.45
C ALA B 381 -11.73 -23.99 -4.09
N ALA B 382 -11.63 -22.69 -3.84
CA ALA B 382 -11.15 -22.22 -2.53
C ALA B 382 -11.84 -20.90 -2.20
N ILE B 383 -11.97 -20.59 -0.91
CA ILE B 383 -12.48 -19.31 -0.46
C ILE B 383 -11.52 -18.86 0.58
N ASP B 384 -10.81 -17.77 0.31
CA ASP B 384 -9.82 -17.26 1.25
C ASP B 384 -10.16 -15.88 1.69
N ILE B 385 -10.19 -15.70 2.99
CA ILE B 385 -10.49 -14.38 3.54
C ILE B 385 -9.29 -13.49 3.26
N ASP B 386 -9.50 -12.28 2.75
CA ASP B 386 -8.32 -11.52 2.32
C ASP B 386 -8.63 -10.03 2.48
N GLY B 387 -8.37 -9.48 3.67
CA GLY B 387 -8.68 -8.10 4.01
C GLY B 387 -9.43 -8.12 5.36
N PRO B 388 -9.76 -6.95 5.90
CA PRO B 388 -10.38 -6.76 7.22
C PRO B 388 -11.84 -7.25 7.29
N VAL B 389 -12.13 -8.08 8.29
CA VAL B 389 -13.47 -8.65 8.50
C VAL B 389 -14.15 -7.68 9.51
N LYS B 390 -15.33 -7.20 9.16
CA LYS B 390 -15.99 -6.20 9.99
C LYS B 390 -17.36 -6.75 10.47
N ARG B 391 -17.60 -6.77 11.78
CA ARG B 391 -18.87 -7.28 12.36
C ARG B 391 -19.95 -6.17 12.34
N ARG B 392 -21.19 -6.53 12.07
CA ARG B 392 -22.30 -5.66 12.32
C ARG B 392 -22.93 -5.94 13.68
N PHE B 393 -23.20 -4.88 14.43
CA PHE B 393 -23.74 -5.09 15.76
C PHE B 393 -25.24 -4.87 15.77
N ASN B 394 -25.97 -5.81 16.36
CA ASN B 394 -27.44 -5.72 16.41
C ASN B 394 -27.91 -6.42 17.71
N ASN B 395 -28.96 -5.89 18.35
CA ASN B 395 -29.41 -6.56 19.60
C ASN B 395 -29.83 -8.03 19.50
N THR B 396 -30.27 -8.49 18.33
CA THR B 396 -30.81 -9.85 18.15
C THR B 396 -30.02 -10.56 17.02
N LEU B 397 -29.56 -9.83 16.00
CA LEU B 397 -28.97 -10.51 14.83
C LEU B 397 -27.47 -10.60 14.94
N ARG B 398 -26.88 -11.79 14.71
CA ARG B 398 -25.44 -11.92 14.64
C ARG B 398 -25.02 -12.05 13.15
N GLY B 399 -24.05 -11.23 12.71
CA GLY B 399 -23.56 -11.39 11.37
C GLY B 399 -22.48 -10.36 11.09
N LEU B 400 -21.95 -10.40 9.86
CA LEU B 400 -20.82 -9.56 9.48
C LEU B 400 -21.32 -8.46 8.63
N GLU B 401 -20.65 -7.32 8.72
CA GLU B 401 -20.89 -6.24 7.76
C GLU B 401 -20.06 -6.35 6.45
N SER B 402 -18.84 -6.82 6.58
CA SER B 402 -17.96 -7.00 5.42
C SER B 402 -17.08 -8.23 5.60
N LEU B 403 -16.94 -9.00 4.52
CA LEU B 403 -16.16 -10.26 4.61
C LEU B 403 -15.40 -10.34 3.26
N PRO B 404 -14.28 -9.63 3.12
CA PRO B 404 -13.65 -9.69 1.78
C PRO B 404 -12.97 -11.05 1.57
N VAL B 405 -13.24 -11.64 0.42
CA VAL B 405 -12.63 -12.93 0.11
C VAL B 405 -12.15 -12.96 -1.38
N LYS B 406 -11.21 -13.89 -1.61
CA LYS B 406 -10.80 -14.24 -2.93
C LYS B 406 -11.44 -15.56 -3.20
N LEU B 407 -12.21 -15.67 -4.28
CA LEU B 407 -12.79 -16.93 -4.76
C LEU B 407 -11.88 -17.51 -5.89
N THR B 408 -11.38 -18.74 -5.76
CA THR B 408 -10.61 -19.48 -6.81
C THR B 408 -11.58 -20.38 -7.55
N PRO B 409 -11.65 -20.29 -8.89
CA PRO B 409 -12.57 -21.14 -9.62
C PRO B 409 -12.13 -22.63 -9.60
N ALA B 410 -13.09 -23.53 -9.71
CA ALA B 410 -12.81 -24.97 -9.79
C ALA B 410 -12.21 -25.25 -11.17
N THR C 18 48.47 -33.49 -11.44
CA THR C 18 47.63 -34.41 -10.57
C THR C 18 46.31 -33.69 -10.19
N ILE C 19 45.18 -34.40 -10.09
CA ILE C 19 43.92 -33.64 -10.06
C ILE C 19 43.37 -33.67 -8.64
N PRO C 20 43.19 -32.51 -8.02
CA PRO C 20 42.73 -32.56 -6.63
C PRO C 20 41.21 -32.76 -6.57
N HIS C 21 40.81 -33.46 -5.51
CA HIS C 21 39.43 -33.86 -5.24
C HIS C 21 38.72 -32.88 -4.29
N LEU C 22 37.55 -32.42 -4.61
CA LEU C 22 36.90 -31.49 -3.69
C LEU C 22 35.52 -32.02 -3.38
N ALA C 23 35.07 -31.79 -2.13
CA ALA C 23 33.82 -32.42 -1.69
C ALA C 23 32.61 -31.52 -1.99
N ILE C 24 32.87 -30.24 -2.30
CA ILE C 24 31.78 -29.23 -2.43
C ILE C 24 30.70 -29.62 -3.43
N ASP C 25 29.43 -29.49 -3.02
CA ASP C 25 28.35 -29.59 -3.98
C ASP C 25 28.05 -28.22 -4.63
N PRO C 26 28.43 -28.05 -5.94
CA PRO C 26 28.18 -26.72 -6.58
C PRO C 26 26.66 -26.44 -6.86
N PHE C 27 25.81 -27.42 -6.58
CA PHE C 27 24.36 -27.23 -6.73
C PHE C 27 23.64 -27.25 -5.38
N SER C 28 24.36 -27.06 -4.26
CA SER C 28 23.67 -26.99 -2.94
C SER C 28 23.20 -25.52 -2.72
N LEU C 29 22.17 -25.38 -1.91
CA LEU C 29 21.64 -24.03 -1.65
C LEU C 29 22.64 -23.15 -0.99
N ASP C 30 23.49 -23.72 -0.12
CA ASP C 30 24.51 -22.85 0.52
C ASP C 30 25.53 -22.34 -0.47
N PHE C 31 25.85 -23.17 -1.47
CA PHE C 31 26.71 -22.71 -2.56
C PHE C 31 26.01 -21.56 -3.31
N PHE C 32 24.77 -21.81 -3.79
CA PHE C 32 24.09 -20.71 -4.50
C PHE C 32 24.02 -19.41 -3.68
N ASP C 33 23.87 -19.59 -2.37
CA ASP C 33 23.66 -18.43 -1.54
C ASP C 33 24.88 -17.49 -1.47
N ASP C 34 26.07 -18.03 -1.60
CA ASP C 34 27.27 -17.18 -1.72
C ASP C 34 28.36 -18.02 -2.42
N PRO C 35 28.42 -17.98 -3.75
CA PRO C 35 29.24 -18.95 -4.47
C PRO C 35 30.71 -18.51 -4.56
N TYR C 36 31.03 -17.27 -4.19
CA TYR C 36 32.36 -16.66 -4.55
C TYR C 36 33.57 -17.26 -3.82
N PRO C 37 33.46 -17.50 -2.49
CA PRO C 37 34.57 -18.12 -1.81
C PRO C 37 34.85 -19.48 -2.44
N ASP C 38 33.84 -20.29 -2.70
CA ASP C 38 34.08 -21.62 -3.28
C ASP C 38 34.54 -21.51 -4.71
N GLN C 39 34.09 -20.50 -5.46
CA GLN C 39 34.61 -20.42 -6.82
C GLN C 39 36.09 -20.04 -6.82
N GLN C 40 36.50 -19.21 -5.88
CA GLN C 40 37.92 -18.90 -5.75
C GLN C 40 38.70 -20.19 -5.41
N THR C 41 38.17 -21.00 -4.46
CA THR C 41 38.83 -22.27 -4.11
C THR C 41 38.94 -23.18 -5.34
N LEU C 42 37.86 -23.28 -6.12
CA LEU C 42 37.91 -24.07 -7.32
C LEU C 42 39.00 -23.61 -8.34
N ARG C 43 39.13 -22.30 -8.58
CA ARG C 43 40.19 -21.79 -9.41
C ARG C 43 41.56 -22.09 -8.84
N ASP C 44 41.75 -21.80 -7.53
CA ASP C 44 43.07 -21.86 -6.97
C ASP C 44 43.53 -23.30 -6.84
N ALA C 45 42.59 -24.24 -6.83
CA ALA C 45 43.03 -25.67 -6.65
C ALA C 45 43.80 -26.19 -7.82
N GLY C 46 43.45 -25.70 -9.01
CA GLY C 46 44.20 -26.08 -10.20
C GLY C 46 43.37 -25.81 -11.44
N PRO C 47 43.98 -26.05 -12.62
CA PRO C 47 43.23 -25.84 -13.86
C PRO C 47 42.10 -26.82 -13.98
N VAL C 48 42.21 -27.98 -13.35
CA VAL C 48 41.13 -28.99 -13.41
C VAL C 48 40.96 -29.59 -11.99
N VAL C 49 39.73 -29.71 -11.55
CA VAL C 49 39.44 -30.29 -10.23
C VAL C 49 38.52 -31.49 -10.45
N TYR C 50 38.47 -32.41 -9.49
CA TYR C 50 37.42 -33.43 -9.54
C TYR C 50 36.41 -33.24 -8.39
N LEU C 51 35.13 -33.21 -8.73
CA LEU C 51 34.08 -32.92 -7.79
C LEU C 51 33.46 -34.26 -7.50
N ASP C 52 33.87 -34.85 -6.39
CA ASP C 52 33.33 -36.12 -5.93
C ASP C 52 31.86 -36.12 -5.72
N LYS C 53 31.24 -35.00 -5.38
CA LYS C 53 29.81 -35.09 -5.11
C LYS C 53 29.03 -35.74 -6.23
N TRP C 54 29.36 -35.34 -7.48
CA TRP C 54 28.58 -35.74 -8.68
C TRP C 54 29.45 -36.53 -9.65
N ASN C 55 30.69 -36.81 -9.27
CA ASN C 55 31.70 -37.54 -10.08
C ASN C 55 31.86 -36.86 -11.44
N VAL C 56 32.20 -35.58 -11.43
CA VAL C 56 32.46 -34.85 -12.69
C VAL C 56 33.75 -34.07 -12.49
N TYR C 57 34.40 -33.74 -13.61
CA TYR C 57 35.49 -32.84 -13.54
C TYR C 57 34.96 -31.40 -13.57
N GLY C 58 35.73 -30.47 -13.03
CA GLY C 58 35.30 -29.08 -13.00
C GLY C 58 36.42 -28.19 -13.53
N VAL C 59 36.08 -27.15 -14.29
CA VAL C 59 37.03 -26.10 -14.64
C VAL C 59 36.43 -24.73 -14.28
N ALA C 60 37.18 -23.93 -13.52
CA ALA C 60 36.68 -22.68 -12.99
C ALA C 60 37.46 -21.45 -13.45
N ARG C 61 38.61 -21.68 -14.11
CA ARG C 61 39.46 -20.57 -14.55
C ARG C 61 39.05 -20.16 -15.96
N TYR C 62 39.28 -18.89 -16.25
CA TYR C 62 38.98 -18.41 -17.57
C TYR C 62 39.66 -19.24 -18.67
N ALA C 63 40.96 -19.55 -18.48
CA ALA C 63 41.66 -20.24 -19.61
C ALA C 63 41.02 -21.58 -20.01
N GLU C 64 40.77 -22.44 -19.04
CA GLU C 64 40.24 -23.75 -19.37
C GLU C 64 38.79 -23.66 -19.84
N VAL C 65 38.00 -22.81 -19.18
CA VAL C 65 36.57 -22.70 -19.60
C VAL C 65 36.54 -22.23 -21.05
N HIS C 66 37.31 -21.20 -21.39
CA HIS C 66 37.30 -20.76 -22.80
C HIS C 66 37.80 -21.87 -23.73
N ALA C 67 38.84 -22.63 -23.30
CA ALA C 67 39.42 -23.69 -24.18
C ALA C 67 38.36 -24.76 -24.39
N VAL C 68 37.70 -25.17 -23.32
CA VAL C 68 36.74 -26.23 -23.46
C VAL C 68 35.58 -25.82 -24.37
N LEU C 69 35.00 -24.63 -24.14
CA LEU C 69 33.89 -24.14 -25.04
C LEU C 69 34.29 -24.13 -26.51
N ASN C 70 35.58 -23.82 -26.76
CA ASN C 70 36.10 -23.71 -28.17
C ASN C 70 36.66 -25.00 -28.74
N ASP C 71 36.42 -26.12 -28.06
CA ASP C 71 36.78 -27.39 -28.66
C ASP C 71 35.62 -28.33 -28.56
N PRO C 72 34.60 -28.11 -29.40
CA PRO C 72 33.34 -28.92 -29.29
C PRO C 72 33.55 -30.39 -29.73
N THR C 73 34.58 -30.60 -30.54
CA THR C 73 34.86 -31.99 -30.99
C THR C 73 35.27 -32.86 -29.82
N THR C 74 36.19 -32.33 -29.01
CA THR C 74 36.62 -33.01 -27.80
C THR C 74 35.58 -32.93 -26.63
N PHE C 75 34.97 -31.75 -26.42
CA PHE C 75 34.05 -31.54 -25.28
C PHE C 75 32.70 -31.31 -25.92
N CYS C 76 32.01 -32.41 -26.11
CA CYS C 76 30.81 -32.41 -26.92
C CYS C 76 29.59 -31.99 -26.11
N SER C 77 28.53 -31.64 -26.81
CA SER C 77 27.24 -31.26 -26.21
C SER C 77 26.16 -32.28 -26.39
N SER C 78 26.35 -33.22 -27.35
CA SER C 78 25.18 -34.11 -27.65
C SER C 78 24.98 -35.21 -26.62
N ARG C 79 25.87 -35.32 -25.62
CA ARG C 79 25.62 -36.22 -24.53
C ARG C 79 24.96 -35.45 -23.33
N GLY C 80 24.43 -34.25 -23.59
CA GLY C 80 23.78 -33.41 -22.58
C GLY C 80 24.75 -32.34 -22.10
N VAL C 81 24.19 -31.14 -21.84
CA VAL C 81 24.93 -30.07 -21.23
C VAL C 81 24.51 -29.84 -19.76
N GLY C 82 23.68 -30.75 -19.25
CA GLY C 82 23.45 -30.87 -17.81
C GLY C 82 24.25 -32.04 -17.27
N LEU C 83 23.97 -32.42 -16.00
CA LEU C 83 24.71 -33.55 -15.39
C LEU C 83 24.50 -34.90 -16.10
N SER C 84 23.27 -35.19 -16.45
CA SER C 84 22.97 -36.48 -17.04
C SER C 84 23.68 -36.72 -18.37
N ASP C 85 24.10 -37.96 -18.58
CA ASP C 85 24.89 -38.38 -19.75
C ASP C 85 23.89 -39.09 -20.66
N PHE C 86 23.60 -38.45 -21.79
CA PHE C 86 22.52 -38.96 -22.68
C PHE C 86 22.89 -40.29 -23.36
N LYS C 87 24.19 -40.60 -23.49
CA LYS C 87 24.56 -41.93 -23.94
C LYS C 87 24.09 -42.96 -22.88
N LYS C 88 24.00 -42.61 -21.60
CA LYS C 88 23.67 -43.63 -20.57
C LYS C 88 22.22 -43.56 -20.02
N GLU C 89 21.55 -42.41 -20.15
CA GLU C 89 20.26 -42.18 -19.45
C GLU C 89 19.40 -41.46 -20.48
N LYS C 90 18.12 -41.79 -20.50
CA LYS C 90 17.19 -41.12 -21.38
C LYS C 90 17.03 -39.64 -20.98
N PRO C 91 17.15 -38.69 -21.94
CA PRO C 91 16.90 -37.27 -21.62
C PRO C 91 15.51 -37.05 -20.97
N TRP C 92 15.36 -36.04 -20.09
CA TRP C 92 14.05 -35.84 -19.43
C TRP C 92 12.96 -35.27 -20.37
N ARG C 93 13.37 -34.61 -21.46
CA ARG C 93 12.51 -34.16 -22.54
C ARG C 93 13.27 -34.46 -23.89
N PRO C 94 12.56 -34.52 -25.03
CA PRO C 94 13.31 -34.72 -26.28
C PRO C 94 14.40 -33.60 -26.40
N PRO C 95 15.63 -34.00 -26.81
CA PRO C 95 16.75 -33.08 -26.83
C PRO C 95 16.49 -31.87 -27.74
N SER C 96 17.05 -30.73 -27.33
CA SER C 96 17.12 -29.55 -28.15
C SER C 96 17.86 -29.88 -29.43
N LEU C 97 17.36 -29.41 -30.56
CA LEU C 97 18.12 -29.57 -31.85
C LEU C 97 19.35 -28.72 -31.94
N ILE C 98 19.46 -27.78 -31.01
CA ILE C 98 20.59 -26.91 -31.12
C ILE C 98 21.49 -27.00 -29.91
N LEU C 99 20.93 -26.85 -28.71
CA LEU C 99 21.76 -26.76 -27.47
C LEU C 99 22.43 -28.10 -27.25
N GLU C 100 21.73 -29.15 -27.59
CA GLU C 100 22.23 -30.47 -27.30
C GLU C 100 22.60 -31.29 -28.53
N ALA C 101 23.04 -30.62 -29.58
CA ALA C 101 23.65 -31.29 -30.76
C ALA C 101 25.04 -30.74 -30.97
N ASP C 102 25.91 -31.53 -31.63
CA ASP C 102 27.23 -31.11 -32.05
C ASP C 102 27.23 -30.80 -33.53
N PRO C 103 28.15 -29.94 -33.96
CA PRO C 103 28.33 -29.92 -35.42
C PRO C 103 28.74 -31.42 -35.82
N PRO C 104 28.32 -31.93 -37.00
CA PRO C 104 27.59 -31.13 -38.04
C PRO C 104 26.02 -31.02 -37.87
N ALA C 105 25.38 -31.89 -37.09
CA ALA C 105 23.91 -31.88 -36.94
C ALA C 105 23.43 -30.53 -36.34
N HIS C 106 24.26 -29.87 -35.53
CA HIS C 106 23.95 -28.53 -34.94
C HIS C 106 23.81 -27.45 -36.00
N THR C 107 24.65 -27.57 -37.06
CA THR C 107 24.97 -26.42 -37.94
C THR C 107 23.75 -25.79 -38.67
N ARG C 108 22.95 -26.64 -39.27
CA ARG C 108 21.75 -26.18 -39.98
C ARG C 108 20.75 -25.48 -39.08
N PRO C 109 20.31 -26.12 -38.00
CA PRO C 109 19.38 -25.39 -37.10
C PRO C 109 20.01 -24.13 -36.44
N ARG C 110 21.31 -24.16 -36.19
CA ARG C 110 21.99 -22.97 -35.68
C ARG C 110 21.86 -21.80 -36.72
N ALA C 111 22.10 -22.11 -38.00
CA ALA C 111 22.10 -21.09 -39.06
C ALA C 111 20.70 -20.52 -39.17
N VAL C 112 19.69 -21.36 -38.97
CA VAL C 112 18.31 -20.87 -39.07
C VAL C 112 18.01 -19.91 -37.95
N LEU C 113 18.31 -20.30 -36.72
CA LEU C 113 18.06 -19.39 -35.59
C LEU C 113 18.90 -18.15 -35.65
N SER C 114 20.12 -18.25 -36.20
CA SER C 114 20.97 -17.09 -36.25
C SER C 114 20.31 -16.06 -37.22
N LYS C 115 19.75 -16.55 -38.33
CA LYS C 115 18.98 -15.67 -39.21
C LYS C 115 17.72 -15.09 -38.59
N VAL C 116 16.95 -15.90 -37.88
CA VAL C 116 15.76 -15.36 -37.20
C VAL C 116 16.08 -14.24 -36.19
N LEU C 117 17.25 -14.32 -35.48
CA LEU C 117 17.60 -13.33 -34.46
C LEU C 117 18.77 -12.44 -34.87
N SER C 118 18.84 -12.09 -36.15
CA SER C 118 19.98 -11.38 -36.72
C SER C 118 19.94 -9.88 -36.36
N PRO C 119 21.08 -9.19 -36.61
CA PRO C 119 21.18 -7.74 -36.49
C PRO C 119 20.09 -7.04 -37.36
N ALA C 120 19.87 -7.49 -38.61
CA ALA C 120 18.72 -6.97 -39.44
C ALA C 120 17.33 -7.05 -38.69
N THR C 121 17.02 -8.20 -38.11
CA THR C 121 15.80 -8.38 -37.34
C THR C 121 15.71 -7.44 -36.14
N MET C 122 16.83 -7.27 -35.41
CA MET C 122 16.82 -6.42 -34.24
C MET C 122 16.44 -4.96 -34.60
N LYS C 123 17.02 -4.47 -35.70
CA LYS C 123 16.69 -3.16 -36.21
C LYS C 123 15.17 -3.02 -36.38
N THR C 124 14.49 -4.06 -36.87
CA THR C 124 13.07 -3.95 -37.16
C THR C 124 12.24 -3.87 -35.84
N ILE C 125 12.79 -4.35 -34.73
CA ILE C 125 11.98 -4.37 -33.48
C ILE C 125 12.46 -3.35 -32.44
N ARG C 126 13.58 -2.69 -32.71
CA ARG C 126 14.24 -1.93 -31.70
C ARG C 126 13.36 -0.75 -31.19
N ASP C 127 12.69 -0.05 -32.12
CA ASP C 127 11.97 1.16 -31.71
C ASP C 127 10.83 0.74 -30.76
N GLY C 128 10.16 -0.33 -31.09
CA GLY C 128 9.12 -0.83 -30.19
C GLY C 128 9.62 -1.24 -28.78
N PHE C 129 10.81 -1.87 -28.71
CA PHE C 129 11.31 -2.40 -27.43
C PHE C 129 11.71 -1.17 -26.55
N ALA C 130 12.37 -0.16 -27.19
CA ALA C 130 12.75 1.08 -26.57
C ALA C 130 11.51 1.87 -26.08
N ALA C 131 10.46 1.97 -26.91
CA ALA C 131 9.21 2.63 -26.48
C ALA C 131 8.65 1.87 -25.26
N ALA C 132 8.68 0.51 -25.29
CA ALA C 132 8.13 -0.20 -24.12
C ALA C 132 8.99 -0.04 -22.92
N ALA C 133 10.32 0.09 -23.11
CA ALA C 133 11.20 0.32 -21.95
C ALA C 133 10.96 1.72 -21.32
N ASP C 134 10.92 2.74 -22.18
CA ASP C 134 10.67 4.10 -21.67
C ASP C 134 9.34 4.22 -20.91
N ALA C 135 8.30 3.59 -21.47
CA ALA C 135 6.98 3.61 -20.82
C ALA C 135 6.98 2.88 -19.49
N LYS C 136 7.63 1.71 -19.47
CA LYS C 136 7.78 0.97 -18.24
C LYS C 136 8.52 1.80 -17.16
N VAL C 137 9.63 2.49 -17.50
CA VAL C 137 10.36 3.24 -16.48
C VAL C 137 9.49 4.43 -16.01
N ASP C 138 8.78 5.10 -16.94
CA ASP C 138 7.85 6.23 -16.54
C ASP C 138 6.87 5.76 -15.48
N GLU C 139 6.30 4.57 -15.73
CA GLU C 139 5.32 3.98 -14.84
C GLU C 139 5.93 3.59 -13.50
N LEU C 140 7.10 2.93 -13.53
CA LEU C 140 7.79 2.57 -12.28
C LEU C 140 8.13 3.84 -11.46
N LEU C 141 8.58 4.91 -12.14
CA LEU C 141 8.86 6.14 -11.45
C LEU C 141 7.61 6.71 -10.76
N GLN C 142 6.44 6.61 -11.39
CA GLN C 142 5.18 7.09 -10.72
C GLN C 142 4.98 6.28 -9.43
N ARG C 143 5.20 4.95 -9.48
CA ARG C 143 5.09 4.15 -8.27
C ARG C 143 6.16 4.52 -7.23
N GLY C 144 7.39 4.78 -7.67
CA GLY C 144 8.41 5.26 -6.73
C GLY C 144 9.11 4.05 -6.13
N CYS C 145 8.39 3.33 -5.28
CA CYS C 145 8.89 2.18 -4.54
C CYS C 145 8.32 0.96 -5.28
N ILE C 146 9.22 0.09 -5.79
CA ILE C 146 8.80 -1.01 -6.67
C ILE C 146 9.58 -2.22 -6.24
N ASP C 147 9.19 -3.36 -6.77
CA ASP C 147 10.02 -4.55 -6.71
C ASP C 147 10.76 -4.63 -8.05
N ALA C 148 12.06 -4.41 -8.07
CA ALA C 148 12.81 -4.38 -9.38
C ALA C 148 12.86 -5.75 -10.07
N ILE C 149 12.46 -6.81 -9.38
CA ILE C 149 12.38 -8.10 -10.03
C ILE C 149 10.92 -8.19 -10.66
N ALA C 150 9.92 -8.51 -9.87
CA ALA C 150 8.57 -8.63 -10.49
C ALA C 150 8.17 -7.43 -11.36
N ASP C 151 8.45 -6.22 -10.91
CA ASP C 151 7.85 -5.06 -11.62
C ASP C 151 8.71 -4.56 -12.75
N LEU C 152 9.92 -5.10 -12.91
CA LEU C 152 10.83 -4.50 -13.92
C LEU C 152 11.61 -5.60 -14.61
N ALA C 153 12.48 -6.29 -13.87
CA ALA C 153 13.23 -7.44 -14.54
C ALA C 153 12.28 -8.51 -15.18
N GLU C 154 11.16 -8.83 -14.50
CA GLU C 154 10.24 -9.80 -15.11
C GLU C 154 9.25 -9.07 -16.03
N ALA C 155 8.66 -7.98 -15.54
CA ALA C 155 7.53 -7.33 -16.28
C ALA C 155 8.01 -6.82 -17.67
N TYR C 156 9.23 -6.28 -17.72
CA TYR C 156 9.65 -5.73 -19.00
C TYR C 156 9.82 -6.83 -20.09
N PRO C 157 10.66 -7.90 -19.85
CA PRO C 157 10.75 -8.90 -20.92
C PRO C 157 9.36 -9.50 -21.23
N LEU C 158 8.54 -9.72 -20.18
CA LEU C 158 7.16 -10.22 -20.41
C LEU C 158 6.36 -9.27 -21.36
N SER C 159 6.61 -7.95 -21.36
CA SER C 159 5.79 -7.08 -22.18
C SER C 159 6.31 -6.97 -23.63
N VAL C 160 7.51 -7.52 -23.92
CA VAL C 160 8.13 -7.43 -25.31
C VAL C 160 8.39 -8.75 -25.96
N PHE C 161 8.96 -9.69 -25.22
CA PHE C 161 9.40 -10.90 -25.86
C PHE C 161 8.29 -11.90 -26.34
N PRO C 162 7.29 -12.22 -25.45
CA PRO C 162 6.22 -13.03 -25.99
C PRO C 162 5.53 -12.41 -27.22
N ASP C 163 5.35 -11.09 -27.24
CA ASP C 163 4.81 -10.46 -28.45
C ASP C 163 5.78 -10.68 -29.62
N ALA C 164 7.06 -10.43 -29.40
CA ALA C 164 8.05 -10.50 -30.50
C ALA C 164 8.11 -11.96 -31.05
N MET C 165 7.81 -12.95 -30.19
CA MET C 165 7.72 -14.39 -30.56
C MET C 165 6.46 -14.65 -31.42
N GLY C 166 5.42 -13.81 -31.22
CA GLY C 166 4.07 -14.03 -31.86
C GLY C 166 3.16 -14.93 -31.05
N LEU C 167 3.38 -15.04 -29.72
CA LEU C 167 2.50 -15.88 -28.87
C LEU C 167 1.13 -15.17 -28.58
N LYS C 168 0.05 -15.92 -28.45
CA LYS C 168 -1.21 -15.29 -28.06
C LYS C 168 -1.03 -14.87 -26.58
N GLN C 169 -1.98 -14.04 -26.12
CA GLN C 169 -2.03 -13.55 -24.75
C GLN C 169 -2.30 -14.61 -23.71
N GLU C 170 -3.18 -15.56 -24.01
CA GLU C 170 -3.63 -16.51 -23.02
C GLU C 170 -2.51 -17.54 -22.68
N GLY C 171 -2.31 -17.85 -21.38
CA GLY C 171 -1.41 -18.94 -20.99
C GLY C 171 0.04 -18.48 -20.77
N ARG C 172 0.31 -17.20 -20.97
CA ARG C 172 1.66 -16.67 -20.81
C ARG C 172 2.23 -16.86 -19.37
N GLU C 173 1.37 -17.04 -18.37
CA GLU C 173 1.87 -17.27 -16.99
C GLU C 173 2.65 -18.60 -16.92
N HIS C 174 2.57 -19.46 -17.96
CA HIS C 174 3.39 -20.69 -18.01
C HIS C 174 4.88 -20.50 -18.37
N LEU C 175 5.21 -19.37 -18.96
CA LEU C 175 6.55 -19.14 -19.52
C LEU C 175 7.72 -19.18 -18.49
N LEU C 176 7.57 -18.39 -17.42
CA LEU C 176 8.61 -18.39 -16.41
C LEU C 176 8.73 -19.73 -15.65
N PRO C 177 7.61 -20.29 -15.17
CA PRO C 177 7.73 -21.65 -14.60
C PRO C 177 8.44 -22.66 -15.53
N TYR C 178 8.13 -22.57 -16.81
CA TYR C 178 8.65 -23.47 -17.76
C TYR C 178 10.18 -23.30 -17.88
N ALA C 179 10.64 -22.06 -18.12
CA ALA C 179 12.08 -21.79 -18.19
C ALA C 179 12.77 -22.23 -16.88
N GLY C 180 12.20 -21.84 -15.76
CA GLY C 180 12.70 -22.30 -14.43
C GLY C 180 12.96 -23.84 -14.43
N LEU C 181 11.96 -24.58 -14.90
CA LEU C 181 11.98 -26.07 -14.96
C LEU C 181 13.17 -26.53 -15.85
N VAL C 182 13.27 -25.95 -17.04
CA VAL C 182 14.28 -26.46 -17.93
C VAL C 182 15.71 -26.15 -17.44
N PHE C 183 15.91 -24.94 -16.92
CA PHE C 183 17.19 -24.65 -16.20
C PHE C 183 17.47 -25.52 -14.97
N ASN C 184 16.43 -25.87 -14.20
CA ASN C 184 16.69 -26.75 -13.10
C ASN C 184 16.98 -28.16 -13.57
N ALA C 185 16.41 -28.58 -14.70
CA ALA C 185 16.67 -29.94 -15.16
C ALA C 185 18.11 -30.19 -15.64
N PHE C 186 18.87 -29.13 -15.97
CA PHE C 186 20.31 -29.42 -16.22
C PHE C 186 21.03 -29.91 -14.94
N GLY C 187 20.45 -29.65 -13.78
CA GLY C 187 21.11 -29.92 -12.51
C GLY C 187 21.11 -31.40 -12.15
N PRO C 188 21.62 -31.70 -10.96
CA PRO C 188 21.60 -33.07 -10.49
C PRO C 188 20.24 -33.37 -9.95
N PRO C 189 19.99 -34.64 -9.67
CA PRO C 189 18.65 -34.91 -9.16
C PRO C 189 18.40 -34.47 -7.70
N ASN C 190 18.42 -33.19 -7.42
CA ASN C 190 18.19 -32.75 -6.10
C ASN C 190 16.77 -32.28 -5.99
N GLU C 191 16.43 -31.70 -4.83
CA GLU C 191 15.02 -31.31 -4.61
C GLU C 191 14.55 -30.28 -5.69
N LEU C 192 15.43 -29.30 -6.00
CA LEU C 192 15.13 -28.35 -7.08
C LEU C 192 14.71 -29.00 -8.38
N ARG C 193 15.48 -30.01 -8.81
CA ARG C 193 15.18 -30.64 -10.09
C ARG C 193 13.94 -31.54 -9.97
N GLN C 194 13.91 -32.36 -8.93
CA GLN C 194 12.77 -33.30 -8.77
C GLN C 194 11.40 -32.61 -8.65
N THR C 195 11.34 -31.52 -7.88
CA THR C 195 10.14 -30.73 -7.78
C THR C 195 9.74 -30.08 -9.10
N ALA C 196 10.67 -29.46 -9.79
CA ALA C 196 10.36 -28.91 -11.12
C ALA C 196 9.77 -29.96 -12.07
N ILE C 197 10.45 -31.11 -12.18
CA ILE C 197 9.94 -32.16 -13.06
C ILE C 197 8.57 -32.65 -12.58
N GLU C 198 8.34 -32.72 -11.26
CA GLU C 198 7.00 -33.16 -10.79
C GLU C 198 5.93 -32.23 -11.25
N ARG C 199 6.19 -30.93 -11.31
CA ARG C 199 5.21 -29.89 -11.70
C ARG C 199 5.17 -29.56 -13.22
N SER C 200 5.95 -30.30 -14.00
CA SER C 200 6.25 -29.93 -15.40
C SER C 200 5.11 -30.06 -16.44
N ALA C 201 4.31 -31.14 -16.34
CA ALA C 201 3.32 -31.45 -17.39
C ALA C 201 2.50 -30.25 -17.92
N PRO C 202 1.82 -29.46 -17.05
CA PRO C 202 1.02 -28.38 -17.71
C PRO C 202 1.89 -27.31 -18.41
N HIS C 203 3.11 -27.06 -17.93
CA HIS C 203 3.90 -25.99 -18.53
C HIS C 203 4.38 -26.49 -19.86
N GLN C 204 4.76 -27.76 -19.88
CA GLN C 204 5.25 -28.33 -21.13
C GLN C 204 4.13 -28.42 -22.15
N ALA C 205 2.87 -28.69 -21.69
CA ALA C 205 1.76 -28.88 -22.66
C ALA C 205 1.47 -27.54 -23.28
N TYR C 206 1.59 -26.48 -22.51
CA TYR C 206 1.26 -25.11 -22.99
C TYR C 206 2.36 -24.79 -24.05
N VAL C 207 3.62 -25.04 -23.67
CA VAL C 207 4.70 -24.73 -24.63
C VAL C 207 4.55 -25.52 -25.94
N ASN C 208 4.33 -26.81 -25.83
CA ASN C 208 4.17 -27.64 -26.99
C ASN C 208 3.14 -27.07 -27.99
N GLU C 209 2.00 -26.62 -27.47
CA GLU C 209 0.96 -26.09 -28.29
C GLU C 209 1.36 -24.76 -28.93
N GLN C 210 1.99 -23.87 -28.18
CA GLN C 210 2.34 -22.61 -28.78
C GLN C 210 3.50 -22.76 -29.86
N CYS C 211 4.22 -23.90 -29.88
CA CYS C 211 5.33 -24.12 -30.86
C CYS C 211 4.74 -24.41 -32.28
N GLN C 212 3.45 -24.81 -32.31
CA GLN C 212 2.78 -25.18 -33.59
C GLN C 212 2.53 -24.00 -34.53
N ARG C 213 2.74 -24.23 -35.83
CA ARG C 213 2.62 -23.10 -36.78
C ARG C 213 1.34 -22.25 -36.65
N PRO C 214 0.18 -22.91 -36.48
CA PRO C 214 -0.98 -22.02 -36.53
C PRO C 214 -1.07 -21.13 -35.29
N ASN C 215 -0.19 -21.32 -34.27
CA ASN C 215 -0.35 -20.56 -33.02
C ASN C 215 0.60 -19.40 -32.88
N LEU C 216 1.40 -19.13 -33.94
CA LEU C 216 2.47 -18.12 -33.88
C LEU C 216 2.11 -17.02 -34.85
N ALA C 217 1.92 -15.80 -34.33
CA ALA C 217 1.39 -14.75 -35.21
C ALA C 217 2.36 -14.34 -36.34
N PRO C 218 1.80 -13.92 -37.51
CA PRO C 218 2.67 -13.60 -38.67
C PRO C 218 3.70 -12.54 -38.27
N GLY C 219 4.90 -12.54 -38.87
CA GLY C 219 5.86 -11.45 -38.59
C GLY C 219 6.72 -11.72 -37.32
N GLY C 220 6.34 -12.68 -36.43
CA GLY C 220 7.11 -12.93 -35.19
C GLY C 220 8.22 -14.03 -35.32
N PHE C 221 8.99 -14.22 -34.27
CA PHE C 221 10.15 -15.11 -34.43
C PHE C 221 9.63 -16.48 -34.75
N GLY C 222 8.54 -16.88 -34.13
CA GLY C 222 8.05 -18.26 -34.30
C GLY C 222 7.61 -18.48 -35.76
N ALA C 223 6.90 -17.50 -36.34
CA ALA C 223 6.44 -17.64 -37.72
C ALA C 223 7.65 -17.62 -38.67
N CYS C 224 8.63 -16.79 -38.33
CA CYS C 224 9.80 -16.68 -39.19
CA CYS C 224 9.82 -16.69 -39.19
C CYS C 224 10.50 -18.05 -39.21
N ILE C 225 10.63 -18.71 -38.04
CA ILE C 225 11.16 -20.08 -37.96
C ILE C 225 10.40 -21.03 -38.87
N HIS C 226 9.09 -21.10 -38.73
CA HIS C 226 8.29 -22.00 -39.56
C HIS C 226 8.40 -21.70 -41.04
N ALA C 227 8.67 -20.45 -41.42
CA ALA C 227 8.81 -20.15 -42.86
C ALA C 227 9.97 -20.94 -43.49
N PHE C 228 10.94 -21.31 -42.66
CA PHE C 228 12.07 -22.17 -43.14
C PHE C 228 11.58 -23.57 -43.58
N THR C 229 10.38 -23.97 -43.21
CA THR C 229 9.94 -25.26 -43.71
C THR C 229 9.53 -25.15 -45.19
N ASP C 230 9.18 -23.93 -45.66
CA ASP C 230 8.61 -23.81 -47.00
C ASP C 230 9.69 -23.95 -48.10
N THR C 231 10.94 -23.60 -47.82
CA THR C 231 12.09 -23.81 -48.75
C THR C 231 12.72 -25.19 -48.50
N GLY C 232 12.26 -25.90 -47.46
CA GLY C 232 12.90 -27.17 -47.02
C GLY C 232 14.17 -27.09 -46.17
N GLU C 233 14.61 -25.89 -45.75
CA GLU C 233 15.70 -25.74 -44.85
C GLU C 233 15.53 -26.56 -43.53
N ILE C 234 14.31 -26.63 -43.00
CA ILE C 234 14.01 -27.54 -41.85
C ILE C 234 12.68 -28.25 -42.14
N THR C 235 12.44 -29.36 -41.44
CA THR C 235 11.23 -30.13 -41.67
C THR C 235 10.08 -29.62 -40.75
N PRO C 236 8.82 -30.03 -41.04
CA PRO C 236 7.72 -29.67 -40.15
C PRO C 236 7.91 -30.21 -38.72
N ASP C 237 8.62 -31.34 -38.53
CA ASP C 237 8.95 -31.75 -37.15
C ASP C 237 9.99 -30.96 -36.46
N GLU C 238 10.92 -30.40 -37.22
CA GLU C 238 11.96 -29.63 -36.58
C GLU C 238 11.47 -28.22 -36.19
N ALA C 239 10.56 -27.65 -36.95
CA ALA C 239 10.22 -26.23 -36.69
C ALA C 239 9.68 -26.00 -35.24
N PRO C 240 8.74 -26.83 -34.80
CA PRO C 240 8.27 -26.60 -33.40
C PRO C 240 9.36 -26.77 -32.37
N LEU C 241 10.34 -27.65 -32.61
CA LEU C 241 11.42 -27.84 -31.65
C LEU C 241 12.33 -26.63 -31.62
N LEU C 242 12.45 -25.94 -32.76
CA LEU C 242 13.25 -24.74 -32.79
C LEU C 242 12.53 -23.59 -32.11
N VAL C 243 11.20 -23.49 -32.28
CA VAL C 243 10.49 -22.48 -31.44
C VAL C 243 10.62 -22.82 -29.95
N ARG C 244 10.62 -24.12 -29.64
CA ARG C 244 10.75 -24.60 -28.24
C ARG C 244 12.05 -24.09 -27.59
N SER C 245 13.15 -24.08 -28.39
CA SER C 245 14.42 -23.51 -27.95
C SER C 245 14.27 -22.06 -27.51
N LEU C 246 13.56 -21.27 -28.34
CA LEU C 246 13.40 -19.86 -27.99
C LEU C 246 12.51 -19.67 -26.72
N LEU C 247 11.49 -20.51 -26.57
CA LEU C 247 10.64 -20.46 -25.39
C LEU C 247 11.27 -21.09 -24.16
N SER C 248 12.36 -21.90 -24.37
CA SER C 248 13.11 -22.36 -23.24
C SER C 248 14.04 -21.29 -22.73
N ALA C 249 14.82 -20.65 -23.65
CA ALA C 249 15.95 -19.90 -23.25
C ALA C 249 15.71 -18.40 -23.30
N GLY C 250 14.68 -17.97 -24.02
CA GLY C 250 14.64 -16.56 -24.42
C GLY C 250 14.03 -15.60 -23.42
N LEU C 251 13.49 -16.12 -22.33
CA LEU C 251 12.85 -15.19 -21.38
C LEU C 251 13.55 -15.09 -20.03
N ASP C 252 13.62 -16.19 -19.30
CA ASP C 252 14.14 -16.16 -17.94
C ASP C 252 15.61 -15.68 -17.87
N THR C 253 16.35 -15.93 -18.94
CA THR C 253 17.74 -15.40 -19.06
C THR C 253 17.76 -13.86 -19.01
N THR C 254 16.99 -13.25 -19.88
CA THR C 254 16.93 -11.77 -19.97
C THR C 254 16.40 -11.17 -18.64
N VAL C 255 15.53 -11.92 -17.95
CA VAL C 255 14.96 -11.45 -16.66
C VAL C 255 16.13 -11.35 -15.67
N ASN C 256 16.91 -12.40 -15.57
CA ASN C 256 17.99 -12.40 -14.63
C ASN C 256 19.11 -11.54 -15.16
N GLY C 257 19.28 -11.38 -16.45
CA GLY C 257 20.27 -10.33 -16.84
C GLY C 257 19.90 -8.87 -16.47
N ILE C 258 18.66 -8.49 -16.77
CA ILE C 258 18.18 -7.13 -16.45
C ILE C 258 18.19 -7.01 -14.91
N GLY C 259 17.74 -8.06 -14.24
CA GLY C 259 17.74 -7.99 -12.76
C GLY C 259 19.19 -7.75 -12.20
N ALA C 260 20.18 -8.51 -12.73
CA ALA C 260 21.59 -8.34 -12.38
C ALA C 260 22.03 -6.88 -12.60
N ALA C 261 21.67 -6.33 -13.75
CA ALA C 261 22.10 -4.97 -14.05
C ALA C 261 21.47 -3.96 -13.06
N VAL C 262 20.19 -4.12 -12.78
CA VAL C 262 19.53 -3.14 -11.83
C VAL C 262 20.14 -3.31 -10.44
N TYR C 263 20.39 -4.57 -10.04
CA TYR C 263 21.05 -4.84 -8.76
C TYR C 263 22.47 -4.24 -8.71
N CYS C 264 23.23 -4.28 -9.81
CA CYS C 264 24.59 -3.66 -9.78
C CYS C 264 24.47 -2.10 -9.66
N LEU C 265 23.53 -1.50 -10.40
CA LEU C 265 23.41 -0.03 -10.35
C LEU C 265 22.82 0.37 -9.00
N ALA C 266 22.00 -0.51 -8.36
CA ALA C 266 21.43 -0.17 -7.02
C ALA C 266 22.51 -0.16 -5.93
N ARG C 267 23.47 -1.06 -6.08
CA ARG C 267 24.60 -1.24 -5.13
C ARG C 267 25.77 -0.29 -5.34
N PHE C 268 26.01 0.17 -6.58
CA PHE C 268 27.23 0.93 -6.90
C PHE C 268 26.84 2.31 -7.47
N PRO C 269 26.51 3.28 -6.57
CA PRO C 269 25.95 4.54 -7.09
C PRO C 269 26.91 5.28 -8.02
N GLY C 270 28.20 5.07 -7.87
CA GLY C 270 29.18 5.70 -8.83
C GLY C 270 28.99 5.25 -10.28
N GLU C 271 28.68 3.94 -10.51
CA GLU C 271 28.42 3.45 -11.81
C GLU C 271 27.14 4.04 -12.32
N LEU C 272 26.10 4.11 -11.44
CA LEU C 272 24.86 4.73 -11.89
C LEU C 272 25.11 6.19 -12.36
N GLN C 273 25.89 6.95 -11.58
CA GLN C 273 26.27 8.35 -12.00
C GLN C 273 27.00 8.46 -13.32
N ARG C 274 27.94 7.55 -13.54
CA ARG C 274 28.61 7.46 -14.83
C ARG C 274 27.62 7.17 -15.95
N LEU C 275 26.68 6.24 -15.72
CA LEU C 275 25.80 5.82 -16.79
C LEU C 275 24.83 7.01 -17.09
N ARG C 276 24.38 7.70 -16.05
CA ARG C 276 23.51 8.86 -16.29
C ARG C 276 24.32 10.00 -16.97
N SER C 277 25.61 10.12 -16.66
CA SER C 277 26.38 11.13 -17.30
C SER C 277 26.60 10.84 -18.81
N ASP C 278 26.58 9.57 -19.23
CA ASP C 278 26.73 9.19 -20.61
C ASP C 278 25.83 7.96 -20.89
N PRO C 279 24.53 8.19 -21.19
CA PRO C 279 23.65 7.07 -21.48
C PRO C 279 24.12 6.12 -22.60
N THR C 280 25.08 6.54 -23.47
CA THR C 280 25.59 5.58 -24.49
C THR C 280 26.37 4.44 -23.81
N LEU C 281 26.64 4.57 -22.52
CA LEU C 281 27.23 3.44 -21.82
C LEU C 281 26.21 2.31 -21.51
N ALA C 282 24.93 2.48 -21.87
CA ALA C 282 23.90 1.50 -21.43
C ALA C 282 24.22 0.07 -21.85
N ARG C 283 24.61 -0.10 -23.12
CA ARG C 283 24.82 -1.46 -23.66
C ARG C 283 26.01 -2.14 -22.92
N ASN C 284 27.12 -1.39 -22.75
CA ASN C 284 28.24 -1.94 -22.00
C ASN C 284 27.95 -2.18 -20.51
N ALA C 285 27.19 -1.26 -19.90
CA ALA C 285 26.70 -1.43 -18.52
C ALA C 285 25.92 -2.74 -18.37
N PHE C 286 25.06 -3.03 -19.36
CA PHE C 286 24.34 -4.33 -19.40
C PHE C 286 25.34 -5.53 -19.58
N GLU C 287 26.28 -5.42 -20.55
CA GLU C 287 27.29 -6.45 -20.75
C GLU C 287 28.07 -6.77 -19.47
N GLU C 288 28.51 -5.73 -18.77
CA GLU C 288 29.32 -5.82 -17.56
C GLU C 288 28.46 -6.45 -16.49
N ALA C 289 27.14 -6.20 -16.54
CA ALA C 289 26.30 -6.93 -15.53
C ALA C 289 26.23 -8.46 -15.79
N VAL C 290 26.27 -8.84 -17.07
CA VAL C 290 26.22 -10.26 -17.45
C VAL C 290 27.53 -10.91 -16.98
N ARG C 291 28.67 -10.24 -17.24
CA ARG C 291 29.92 -10.77 -16.70
C ARG C 291 29.88 -10.89 -15.15
N PHE C 292 29.47 -9.79 -14.49
CA PHE C 292 29.64 -9.64 -13.06
C PHE C 292 28.71 -10.62 -12.30
N GLU C 293 27.48 -10.76 -12.76
CA GLU C 293 26.57 -11.66 -12.13
C GLU C 293 26.57 -13.05 -12.79
N SER C 294 26.81 -13.14 -14.09
CA SER C 294 26.67 -14.42 -14.82
C SER C 294 25.38 -15.16 -14.52
N PRO C 295 24.25 -14.56 -14.93
CA PRO C 295 22.91 -15.15 -14.83
C PRO C 295 22.87 -16.65 -15.16
N VAL C 296 23.55 -17.05 -16.23
CA VAL C 296 23.67 -18.48 -16.50
C VAL C 296 25.00 -18.91 -15.94
N GLN C 297 24.99 -19.78 -14.91
CA GLN C 297 26.19 -19.93 -14.07
C GLN C 297 27.08 -21.05 -14.64
N THR C 298 26.45 -22.09 -15.15
CA THR C 298 27.13 -23.38 -15.34
C THR C 298 26.60 -24.06 -16.63
N PHE C 299 27.48 -24.74 -17.41
CA PHE C 299 27.04 -25.81 -18.32
C PHE C 299 28.04 -26.89 -18.29
N PHE C 300 27.63 -28.09 -18.74
CA PHE C 300 28.51 -29.19 -18.80
C PHE C 300 28.91 -29.49 -20.26
N ARG C 301 30.02 -30.24 -20.41
CA ARG C 301 30.29 -30.96 -21.69
C ARG C 301 30.65 -32.39 -21.32
N THR C 302 30.70 -33.28 -22.33
CA THR C 302 31.24 -34.62 -22.17
C THR C 302 32.45 -34.89 -23.03
N THR C 303 33.53 -35.49 -22.47
CA THR C 303 34.73 -35.77 -23.28
C THR C 303 34.45 -36.90 -24.28
N THR C 304 34.97 -36.72 -25.47
CA THR C 304 34.81 -37.74 -26.48
C THR C 304 36.10 -38.56 -26.64
N ARG C 305 37.16 -38.19 -25.94
CA ARG C 305 38.40 -38.97 -25.96
C ARG C 305 39.14 -38.55 -24.69
N GLU C 306 40.19 -39.29 -24.34
CA GLU C 306 41.10 -38.87 -23.31
C GLU C 306 41.73 -37.57 -23.75
N VAL C 307 41.85 -36.62 -22.85
CA VAL C 307 42.32 -35.32 -23.27
C VAL C 307 43.13 -34.73 -22.15
N GLU C 308 44.17 -34.00 -22.51
CA GLU C 308 44.90 -33.32 -21.52
C GLU C 308 44.49 -31.87 -21.55
N LEU C 309 44.15 -31.30 -20.38
CA LEU C 309 43.61 -29.95 -20.29
C LEU C 309 44.34 -29.23 -19.16
N GLY C 310 45.09 -28.20 -19.51
CA GLY C 310 45.99 -27.51 -18.56
C GLY C 310 46.96 -28.39 -17.78
N GLY C 311 47.53 -29.44 -18.39
CA GLY C 311 48.45 -30.30 -17.68
C GLY C 311 47.74 -31.51 -17.11
N ALA C 312 46.40 -31.48 -17.07
CA ALA C 312 45.64 -32.55 -16.36
C ALA C 312 44.96 -33.47 -17.33
N VAL C 313 45.03 -34.80 -17.12
CA VAL C 313 44.51 -35.77 -18.06
C VAL C 313 43.13 -36.20 -17.63
N ILE C 314 42.14 -36.02 -18.54
CA ILE C 314 40.74 -36.47 -18.31
C ILE C 314 40.37 -37.61 -19.26
N GLY C 315 39.79 -38.72 -18.76
CA GLY C 315 39.40 -39.88 -19.57
C GLY C 315 38.25 -39.55 -20.53
N GLU C 316 38.07 -40.42 -21.52
CA GLU C 316 36.89 -40.38 -22.45
C GLU C 316 35.60 -40.55 -21.70
N GLY C 317 34.53 -39.91 -22.17
CA GLY C 317 33.18 -40.19 -21.65
C GLY C 317 32.97 -39.58 -20.25
N GLU C 318 33.75 -38.56 -19.90
CA GLU C 318 33.57 -37.93 -18.56
C GLU C 318 32.81 -36.58 -18.67
N LYS C 319 31.93 -36.25 -17.72
CA LYS C 319 31.36 -34.91 -17.63
C LYS C 319 32.35 -33.85 -17.14
N VAL C 320 32.31 -32.68 -17.77
CA VAL C 320 33.20 -31.62 -17.37
C VAL C 320 32.24 -30.43 -17.09
N LEU C 321 32.27 -29.92 -15.86
CA LEU C 321 31.32 -28.81 -15.51
C LEU C 321 32.10 -27.51 -15.68
N MET C 322 31.61 -26.54 -16.48
CA MET C 322 32.24 -25.28 -16.59
C MET C 322 31.59 -24.24 -15.73
N PHE C 323 32.40 -23.59 -14.90
CA PHE C 323 31.89 -22.52 -14.05
C PHE C 323 32.04 -21.19 -14.79
N LEU C 324 31.02 -20.81 -15.56
CA LEU C 324 31.12 -19.57 -16.33
C LEU C 324 31.26 -18.32 -15.47
N GLY C 325 30.49 -18.26 -14.36
CA GLY C 325 30.56 -17.11 -13.48
C GLY C 325 31.96 -16.98 -12.84
N SER C 326 32.61 -18.13 -12.53
CA SER C 326 34.00 -18.11 -12.01
C SER C 326 34.97 -17.61 -13.09
N ALA C 327 34.79 -18.09 -14.33
CA ALA C 327 35.67 -17.69 -15.44
C ALA C 327 35.55 -16.18 -15.66
N ASN C 328 34.37 -15.67 -15.47
CA ASN C 328 34.10 -14.23 -15.55
C ASN C 328 34.64 -13.37 -14.41
N ARG C 329 35.11 -13.99 -13.33
CA ARG C 329 35.68 -13.28 -12.19
C ARG C 329 37.13 -13.75 -11.88
N ASP C 330 37.74 -14.48 -12.83
CA ASP C 330 39.08 -15.07 -12.65
C ASP C 330 40.12 -13.91 -12.70
N PRO C 331 40.81 -13.61 -11.56
CA PRO C 331 41.79 -12.50 -11.64
C PRO C 331 42.95 -12.82 -12.58
N ARG C 332 43.07 -14.06 -13.05
CA ARG C 332 44.11 -14.31 -14.06
C ARG C 332 43.76 -13.66 -15.40
N ARG C 333 42.47 -13.30 -15.59
CA ARG C 333 42.03 -12.75 -16.86
C ARG C 333 41.62 -11.31 -16.66
N TRP C 334 41.01 -10.97 -15.54
CA TRP C 334 40.31 -9.72 -15.37
C TRP C 334 41.06 -8.92 -14.30
N SER C 335 41.12 -7.65 -14.56
CA SER C 335 41.66 -6.73 -13.61
C SER C 335 40.52 -6.31 -12.64
N ASP C 336 40.79 -6.34 -11.33
CA ASP C 336 39.73 -6.19 -10.29
C ASP C 336 38.38 -6.83 -10.72
N PRO C 337 38.40 -8.17 -10.84
CA PRO C 337 37.27 -8.88 -11.37
C PRO C 337 36.01 -8.63 -10.50
N ASP C 338 36.18 -8.37 -9.22
CA ASP C 338 35.02 -8.28 -8.37
C ASP C 338 34.42 -6.89 -8.31
N LEU C 339 34.89 -5.99 -9.20
CA LEU C 339 34.28 -4.69 -9.32
C LEU C 339 33.34 -4.66 -10.51
N TYR C 340 32.19 -4.01 -10.32
CA TYR C 340 31.27 -3.68 -11.43
C TYR C 340 31.77 -2.36 -12.08
N ASP C 341 32.31 -2.46 -13.30
CA ASP C 341 32.93 -1.27 -13.99
C ASP C 341 32.31 -1.17 -15.39
N ILE C 342 31.39 -0.23 -15.56
CA ILE C 342 30.62 -0.12 -16.81
C ILE C 342 31.47 0.41 -18.01
N THR C 343 32.72 0.77 -17.80
CA THR C 343 33.62 1.03 -18.97
C THR C 343 34.62 -0.09 -19.22
N ARG C 344 34.46 -1.19 -18.47
CA ARG C 344 35.39 -2.33 -18.66
C ARG C 344 35.34 -2.81 -20.09
N LYS C 345 36.49 -3.24 -20.58
CA LYS C 345 36.49 -3.94 -21.88
C LYS C 345 36.03 -5.37 -21.62
N THR C 346 34.75 -5.63 -21.94
CA THR C 346 34.09 -6.90 -21.59
C THR C 346 34.21 -7.96 -22.65
N SER C 347 34.64 -7.58 -23.85
CA SER C 347 34.82 -8.53 -24.95
C SER C 347 35.57 -9.78 -24.43
N GLY C 348 35.09 -10.98 -24.76
CA GLY C 348 35.76 -12.21 -24.28
C GLY C 348 35.15 -12.78 -22.98
N HIS C 349 34.28 -12.05 -22.27
CA HIS C 349 33.60 -12.71 -21.14
C HIS C 349 32.82 -13.94 -21.67
N VAL C 350 32.56 -14.92 -20.81
CA VAL C 350 31.84 -16.13 -21.27
C VAL C 350 30.42 -16.21 -20.72
N GLY C 351 29.82 -15.06 -20.39
CA GLY C 351 28.48 -15.15 -19.79
C GLY C 351 27.42 -15.52 -20.81
N PHE C 352 27.71 -15.32 -22.10
CA PHE C 352 26.90 -15.85 -23.25
C PHE C 352 27.53 -17.10 -23.88
N GLY C 353 28.52 -17.69 -23.21
CA GLY C 353 29.23 -18.80 -23.87
C GLY C 353 30.31 -18.28 -24.84
N SER C 354 30.81 -19.15 -25.73
CA SER C 354 31.93 -18.85 -26.61
C SER C 354 32.02 -20.01 -27.65
N GLY C 355 32.17 -19.65 -28.93
CA GLY C 355 32.37 -20.67 -29.98
C GLY C 355 31.09 -21.00 -30.69
N VAL C 356 30.88 -22.27 -31.05
CA VAL C 356 29.84 -22.60 -32.01
C VAL C 356 28.46 -22.52 -31.33
N HIS C 357 28.38 -22.68 -29.99
CA HIS C 357 27.05 -22.56 -29.33
C HIS C 357 26.85 -21.18 -28.65
N MET C 358 27.79 -20.24 -28.85
CA MET C 358 27.68 -18.95 -28.14
C MET C 358 26.26 -18.40 -28.32
N CYS C 359 25.65 -17.94 -27.24
CA CYS C 359 24.22 -17.53 -27.27
C CYS C 359 23.68 -17.03 -28.64
N VAL C 360 22.79 -17.78 -29.24
CA VAL C 360 22.25 -17.35 -30.56
C VAL C 360 21.24 -16.17 -30.36
N GLY C 361 20.77 -16.01 -29.11
CA GLY C 361 19.81 -14.97 -28.72
C GLY C 361 20.45 -13.71 -28.17
N GLN C 362 21.78 -13.58 -28.30
CA GLN C 362 22.50 -12.59 -27.51
C GLN C 362 22.09 -11.16 -27.98
N LEU C 363 21.69 -11.03 -29.25
CA LEU C 363 21.29 -9.69 -29.71
C LEU C 363 19.92 -9.24 -29.14
N VAL C 364 19.00 -10.18 -28.91
CA VAL C 364 17.73 -9.86 -28.24
C VAL C 364 18.03 -9.44 -26.76
N ALA C 365 18.88 -10.23 -26.04
CA ALA C 365 19.22 -9.94 -24.63
C ALA C 365 19.84 -8.57 -24.58
N ARG C 366 20.78 -8.29 -25.49
CA ARG C 366 21.45 -6.99 -25.42
C ARG C 366 20.49 -5.82 -25.80
N LEU C 367 19.55 -6.08 -26.70
CA LEU C 367 18.62 -5.02 -27.13
C LEU C 367 17.77 -4.68 -25.89
N GLU C 368 17.25 -5.73 -25.24
CA GLU C 368 16.42 -5.57 -24.00
C GLU C 368 17.19 -4.86 -22.90
N GLY C 369 18.39 -5.35 -22.60
CA GLY C 369 19.16 -4.70 -21.57
C GLY C 369 19.56 -3.25 -21.90
N GLU C 370 20.10 -3.01 -23.11
CA GLU C 370 20.45 -1.67 -23.52
C GLU C 370 19.23 -0.69 -23.39
N VAL C 371 18.09 -1.05 -23.94
CA VAL C 371 17.01 -0.11 -23.96
C VAL C 371 16.48 0.13 -22.55
N MET C 372 16.50 -0.89 -21.69
CA MET C 372 16.01 -0.71 -20.33
C MET C 372 17.00 0.23 -19.64
N LEU C 373 18.28 -0.07 -19.77
CA LEU C 373 19.25 0.68 -18.97
C LEU C 373 19.35 2.13 -19.50
N SER C 374 19.09 2.31 -20.81
CA SER C 374 19.06 3.65 -21.41
C SER C 374 17.87 4.50 -20.82
N ALA C 375 16.68 3.89 -20.78
CA ALA C 375 15.52 4.52 -20.10
C ALA C 375 15.87 4.86 -18.65
N LEU C 376 16.51 3.94 -17.90
CA LEU C 376 16.89 4.28 -16.51
C LEU C 376 17.92 5.49 -16.50
N ALA C 377 18.88 5.48 -17.42
CA ALA C 377 19.98 6.46 -17.46
C ALA C 377 19.42 7.89 -17.69
N ARG C 378 18.35 7.97 -18.47
CA ARG C 378 17.79 9.26 -18.85
C ARG C 378 16.71 9.74 -17.85
N LYS C 379 16.07 8.83 -17.12
CA LYS C 379 14.88 9.18 -16.31
C LYS C 379 15.12 9.08 -14.81
N VAL C 380 16.12 8.29 -14.37
CA VAL C 380 16.21 8.01 -12.93
C VAL C 380 17.50 8.61 -12.32
N ALA C 381 17.40 9.34 -11.19
CA ALA C 381 18.56 10.00 -10.53
C ALA C 381 19.23 9.08 -9.48
N ALA C 382 18.48 8.18 -8.82
CA ALA C 382 19.06 7.37 -7.76
C ALA C 382 18.25 6.09 -7.73
N ILE C 383 18.92 5.00 -7.37
CA ILE C 383 18.21 3.71 -7.17
C ILE C 383 18.68 3.16 -5.81
N ASP C 384 17.76 3.06 -4.84
CA ASP C 384 18.12 2.76 -3.44
C ASP C 384 17.36 1.54 -3.00
N ILE C 385 18.10 0.52 -2.56
CA ILE C 385 17.44 -0.67 -2.04
C ILE C 385 16.63 -0.24 -0.81
N ASP C 386 15.37 -0.62 -0.70
CA ASP C 386 14.62 -0.11 0.45
C ASP C 386 13.78 -1.25 1.01
N GLY C 387 14.20 -2.49 0.88
CA GLY C 387 13.42 -3.57 1.48
C GLY C 387 14.28 -4.85 1.42
N PRO C 388 13.82 -5.96 2.06
CA PRO C 388 14.66 -7.16 2.19
C PRO C 388 15.00 -7.73 0.77
N VAL C 389 16.25 -8.08 0.53
CA VAL C 389 16.64 -8.62 -0.80
C VAL C 389 16.48 -10.14 -0.70
N LYS C 390 15.77 -10.78 -1.64
CA LYS C 390 15.63 -12.23 -1.51
C LYS C 390 16.22 -12.94 -2.72
N ARG C 391 17.08 -13.92 -2.50
CA ARG C 391 17.71 -14.63 -3.66
C ARG C 391 16.77 -15.77 -4.18
N ARG C 392 16.80 -16.03 -5.48
CA ARG C 392 16.12 -17.16 -6.08
C ARG C 392 17.16 -18.29 -6.36
N PHE C 393 16.84 -19.53 -5.97
CA PHE C 393 17.75 -20.67 -6.14
C PHE C 393 17.31 -21.48 -7.36
N ASN C 394 18.24 -21.78 -8.24
CA ASN C 394 18.02 -22.57 -9.47
C ASN C 394 19.29 -23.35 -9.84
N ASN C 395 19.18 -24.59 -10.32
CA ASN C 395 20.39 -25.34 -10.55
C ASN C 395 21.37 -24.65 -11.54
N THR C 396 20.87 -23.77 -12.39
CA THR C 396 21.73 -23.18 -13.46
C THR C 396 21.73 -21.69 -13.42
N LEU C 397 20.60 -21.09 -13.02
CA LEU C 397 20.46 -19.60 -13.07
C LEU C 397 20.82 -18.96 -11.72
N ARG C 398 21.52 -17.82 -11.76
CA ARG C 398 21.82 -16.98 -10.57
C ARG C 398 20.96 -15.72 -10.70
N GLY C 399 20.18 -15.44 -9.66
CA GLY C 399 19.36 -14.23 -9.67
C GLY C 399 18.53 -14.03 -8.43
N LEU C 400 17.77 -12.94 -8.41
CA LEU C 400 17.05 -12.59 -7.19
C LEU C 400 15.57 -12.93 -7.35
N GLU C 401 14.90 -13.25 -6.24
CA GLU C 401 13.43 -13.37 -6.28
C GLU C 401 12.74 -11.97 -6.08
N SER C 402 13.33 -11.13 -5.26
CA SER C 402 12.77 -9.80 -4.93
C SER C 402 13.93 -8.77 -4.64
N LEU C 403 13.75 -7.56 -5.15
CA LEU C 403 14.74 -6.48 -5.03
C LEU C 403 13.98 -5.19 -4.84
N PRO C 404 13.45 -4.93 -3.59
CA PRO C 404 12.69 -3.71 -3.40
C PRO C 404 13.61 -2.51 -3.53
N VAL C 405 13.27 -1.57 -4.41
CA VAL C 405 14.09 -0.36 -4.60
C VAL C 405 13.13 0.86 -4.65
N LYS C 406 13.68 2.00 -4.22
CA LYS C 406 13.05 3.27 -4.45
C LYS C 406 13.79 3.90 -5.62
N LEU C 407 13.03 4.37 -6.61
CA LEU C 407 13.55 5.11 -7.78
C LEU C 407 13.32 6.59 -7.54
N THR C 408 14.41 7.36 -7.52
CA THR C 408 14.29 8.81 -7.53
C THR C 408 14.34 9.41 -8.96
N PRO C 409 13.39 10.34 -9.29
CA PRO C 409 13.28 10.89 -10.65
C PRO C 409 14.43 11.85 -10.88
N ALA C 410 14.96 11.87 -12.11
CA ALA C 410 15.91 12.89 -12.57
C ALA C 410 15.02 14.11 -12.83
N THR D 18 11.42 38.50 -1.18
CA THR D 18 12.41 37.61 -1.94
C THR D 18 12.81 36.34 -1.20
N ILE D 19 12.30 36.14 0.02
CA ILE D 19 12.66 34.95 0.80
C ILE D 19 11.49 33.96 0.66
N PRO D 20 11.74 32.86 -0.06
CA PRO D 20 10.62 31.91 -0.17
C PRO D 20 10.28 31.09 1.08
N HIS D 21 8.96 30.87 1.26
CA HIS D 21 8.41 30.02 2.30
C HIS D 21 8.28 28.56 1.83
N LEU D 22 8.84 27.61 2.62
CA LEU D 22 8.69 26.17 2.35
C LEU D 22 8.16 25.46 3.60
N ALA D 23 7.32 24.41 3.40
CA ALA D 23 6.87 23.59 4.51
C ALA D 23 7.76 22.37 4.68
N ILE D 24 8.92 22.35 4.07
CA ILE D 24 9.86 21.26 4.29
C ILE D 24 10.23 21.10 5.77
N ASP D 25 10.20 19.85 6.26
CA ASP D 25 10.50 19.57 7.66
C ASP D 25 11.83 18.87 7.70
N PRO D 26 12.91 19.62 8.02
CA PRO D 26 14.23 18.99 7.96
C PRO D 26 14.49 18.07 9.18
N PHE D 27 13.50 18.02 10.08
CA PHE D 27 13.60 17.11 11.21
C PHE D 27 12.54 16.00 11.16
N SER D 28 11.95 15.74 9.98
CA SER D 28 10.98 14.65 9.89
C SER D 28 11.72 13.34 9.61
N LEU D 29 11.11 12.20 9.97
CA LEU D 29 11.76 10.93 9.71
C LEU D 29 11.91 10.70 8.24
N ASP D 30 10.93 11.15 7.44
CA ASP D 30 11.05 10.96 5.99
C ASP D 30 12.27 11.75 5.46
N PHE D 31 12.44 12.98 5.94
CA PHE D 31 13.67 13.74 5.55
C PHE D 31 14.94 13.00 5.94
N PHE D 32 15.02 12.51 7.19
CA PHE D 32 16.23 11.81 7.59
C PHE D 32 16.52 10.61 6.71
N ASP D 33 15.43 9.98 6.29
CA ASP D 33 15.58 8.73 5.57
C ASP D 33 16.13 8.96 4.18
N ASP D 34 15.89 10.12 3.62
CA ASP D 34 16.30 10.40 2.22
C ASP D 34 16.34 11.93 2.09
N PRO D 35 17.40 12.58 2.58
CA PRO D 35 17.36 14.06 2.72
C PRO D 35 17.76 14.76 1.37
N TYR D 36 18.24 14.02 0.36
CA TYR D 36 18.91 14.67 -0.74
C TYR D 36 17.97 15.46 -1.65
N PRO D 37 16.76 14.89 -1.99
CA PRO D 37 15.87 15.66 -2.84
C PRO D 37 15.51 16.97 -2.16
N ASP D 38 15.19 16.95 -0.86
CA ASP D 38 14.79 18.20 -0.20
C ASP D 38 16.00 19.18 -0.02
N GLN D 39 17.19 18.67 0.15
CA GLN D 39 18.38 19.53 0.31
C GLN D 39 18.63 20.23 -1.05
N GLN D 40 18.47 19.49 -2.13
CA GLN D 40 18.48 20.12 -3.42
C GLN D 40 17.43 21.31 -3.58
N THR D 41 16.19 21.06 -3.18
CA THR D 41 15.16 22.06 -3.31
C THR D 41 15.57 23.26 -2.47
N LEU D 42 16.13 23.02 -1.26
CA LEU D 42 16.42 24.13 -0.34
C LEU D 42 17.53 24.99 -0.91
N ARG D 43 18.54 24.36 -1.49
CA ARG D 43 19.60 25.09 -2.21
C ARG D 43 19.05 25.87 -3.43
N ASP D 44 18.23 25.20 -4.26
CA ASP D 44 17.78 25.84 -5.48
C ASP D 44 16.80 26.95 -5.19
N ALA D 45 16.19 26.95 -3.99
CA ALA D 45 15.29 28.03 -3.67
C ALA D 45 15.89 29.43 -3.51
N GLY D 46 17.15 29.54 -3.09
CA GLY D 46 17.82 30.84 -3.12
C GLY D 46 18.81 30.81 -1.96
N PRO D 47 19.51 31.92 -1.73
CA PRO D 47 20.45 31.92 -0.62
C PRO D 47 19.76 31.72 0.73
N VAL D 48 18.52 32.12 0.89
CA VAL D 48 17.91 32.10 2.22
C VAL D 48 16.44 31.64 2.04
N VAL D 49 15.95 30.63 2.83
CA VAL D 49 14.53 30.27 2.81
C VAL D 49 13.88 30.52 4.19
N TYR D 50 12.54 30.50 4.26
CA TYR D 50 11.92 30.52 5.58
C TYR D 50 11.16 29.24 5.72
N LEU D 51 11.37 28.57 6.86
CA LEU D 51 10.78 27.22 7.08
C LEU D 51 9.64 27.31 8.04
N ASP D 52 8.40 27.33 7.56
CA ASP D 52 7.27 27.59 8.46
C ASP D 52 7.04 26.45 9.46
N LYS D 53 7.49 25.24 9.12
CA LYS D 53 7.28 24.11 10.02
C LYS D 53 7.76 24.50 11.43
N TRP D 54 8.96 25.12 11.49
CA TRP D 54 9.55 25.44 12.79
C TRP D 54 9.83 26.94 12.99
N ASN D 55 9.36 27.79 12.07
CA ASN D 55 9.54 29.26 12.17
C ASN D 55 11.01 29.71 12.30
N VAL D 56 11.82 29.22 11.37
CA VAL D 56 13.28 29.55 11.30
C VAL D 56 13.67 29.82 9.86
N TYR D 57 14.76 30.58 9.70
CA TYR D 57 15.36 30.80 8.36
C TYR D 57 16.32 29.68 8.11
N GLY D 58 16.53 29.31 6.85
CA GLY D 58 17.49 28.24 6.57
C GLY D 58 18.44 28.67 5.48
N VAL D 59 19.65 28.12 5.49
CA VAL D 59 20.60 28.33 4.42
C VAL D 59 21.21 27.00 4.15
N ALA D 60 21.17 26.55 2.89
CA ALA D 60 21.59 25.20 2.51
C ALA D 60 22.73 25.27 1.48
N ARG D 61 23.02 26.45 0.93
CA ARG D 61 24.13 26.48 -0.02
C ARG D 61 25.48 26.66 0.70
N TYR D 62 26.53 26.12 0.08
CA TYR D 62 27.92 26.33 0.61
C TYR D 62 28.24 27.81 0.93
N ALA D 63 27.95 28.71 0.01
CA ALA D 63 28.43 30.11 0.16
C ALA D 63 27.78 30.76 1.39
N GLU D 64 26.47 30.52 1.62
CA GLU D 64 25.84 31.18 2.79
C GLU D 64 26.18 30.43 4.07
N VAL D 65 26.27 29.11 4.00
CA VAL D 65 26.61 28.40 5.27
C VAL D 65 28.04 28.81 5.73
N HIS D 66 28.96 28.85 4.78
CA HIS D 66 30.38 29.29 5.10
C HIS D 66 30.41 30.73 5.65
N ALA D 67 29.64 31.63 5.01
CA ALA D 67 29.59 33.03 5.45
C ALA D 67 28.97 33.13 6.85
N VAL D 68 27.89 32.36 7.11
CA VAL D 68 27.29 32.48 8.43
C VAL D 68 28.28 31.97 9.52
N LEU D 69 28.90 30.83 9.26
CA LEU D 69 29.84 30.23 10.26
C LEU D 69 30.96 31.25 10.64
N ASN D 70 31.36 32.06 9.65
CA ASN D 70 32.50 33.01 9.78
C ASN D 70 32.14 34.41 10.15
N ASP D 71 30.87 34.59 10.54
CA ASP D 71 30.44 35.83 11.12
C ASP D 71 29.75 35.64 12.44
N PRO D 72 30.52 35.35 13.49
CA PRO D 72 29.93 35.02 14.76
C PRO D 72 29.37 36.22 15.50
N THR D 73 29.86 37.42 15.20
CA THR D 73 29.25 38.65 15.79
C THR D 73 27.76 38.76 15.40
N THR D 74 27.50 38.57 14.09
CA THR D 74 26.16 38.72 13.55
C THR D 74 25.33 37.44 13.84
N PHE D 75 25.96 36.27 13.63
CA PHE D 75 25.27 35.02 13.86
C PHE D 75 25.82 34.32 15.13
N CYS D 76 25.23 34.58 16.29
CA CYS D 76 25.87 34.25 17.53
C CYS D 76 25.48 32.85 17.91
N SER D 77 26.27 32.28 18.81
CA SER D 77 25.98 30.94 19.40
C SER D 77 25.45 30.99 20.79
N SER D 78 25.48 32.15 21.45
CA SER D 78 25.26 32.20 22.88
C SER D 78 23.77 32.16 23.20
N ARG D 79 22.93 32.27 22.16
CA ARG D 79 21.45 32.09 22.33
C ARG D 79 21.05 30.61 21.94
N GLY D 80 22.07 29.74 21.84
CA GLY D 80 21.87 28.29 21.55
C GLY D 80 22.19 27.98 20.11
N VAL D 81 22.71 26.78 19.83
CA VAL D 81 22.89 26.36 18.49
C VAL D 81 21.88 25.26 18.11
N GLY D 82 20.85 25.11 18.94
CA GLY D 82 19.66 24.28 18.53
C GLY D 82 18.54 25.25 18.24
N LEU D 83 17.33 24.71 18.04
CA LEU D 83 16.17 25.53 17.77
C LEU D 83 15.85 26.49 18.90
N SER D 84 15.97 26.03 20.15
CA SER D 84 15.46 26.86 21.24
C SER D 84 16.35 28.11 21.39
N ASP D 85 15.75 29.29 21.56
CA ASP D 85 16.43 30.55 21.79
C ASP D 85 16.71 30.78 23.30
N PHE D 86 17.96 30.68 23.73
CA PHE D 86 18.24 30.80 25.18
C PHE D 86 17.81 32.14 25.75
N LYS D 87 17.66 33.17 24.91
CA LYS D 87 17.14 34.41 25.40
C LYS D 87 15.64 34.33 25.85
N LYS D 88 14.86 33.39 25.30
CA LYS D 88 13.43 33.30 25.57
C LYS D 88 13.10 32.14 26.46
N GLU D 89 13.94 31.13 26.46
CA GLU D 89 13.67 29.99 27.32
C GLU D 89 14.90 29.33 27.86
N LYS D 90 14.69 28.62 28.95
CA LYS D 90 15.84 28.22 29.73
C LYS D 90 16.39 26.97 29.03
N PRO D 91 17.73 26.85 28.89
CA PRO D 91 18.34 25.69 28.22
C PRO D 91 17.98 24.40 28.92
N TRP D 92 17.93 23.31 28.17
CA TRP D 92 17.52 22.03 28.77
C TRP D 92 18.60 21.52 29.75
N ARG D 93 19.85 21.94 29.54
CA ARG D 93 20.93 21.63 30.49
C ARG D 93 21.76 22.92 30.64
N PRO D 94 22.63 23.02 31.68
CA PRO D 94 23.50 24.22 31.68
C PRO D 94 24.35 24.32 30.37
N PRO D 95 24.38 25.54 29.76
CA PRO D 95 25.10 25.79 28.51
C PRO D 95 26.52 25.29 28.53
N SER D 96 26.94 24.69 27.44
CA SER D 96 28.33 24.41 27.21
C SER D 96 29.14 25.76 27.27
N LEU D 97 30.35 25.74 27.87
CA LEU D 97 31.24 26.98 27.96
C LEU D 97 31.91 27.31 26.66
N ILE D 98 31.86 26.36 25.73
CA ILE D 98 32.49 26.58 24.44
C ILE D 98 31.47 26.62 23.28
N LEU D 99 30.64 25.58 23.13
CA LEU D 99 29.76 25.49 21.94
C LEU D 99 28.76 26.62 22.03
N GLU D 100 28.31 26.93 23.22
CA GLU D 100 27.19 27.84 23.36
C GLU D 100 27.62 29.17 23.96
N ALA D 101 28.83 29.57 23.58
CA ALA D 101 29.40 30.87 24.02
C ALA D 101 29.96 31.59 22.79
N ASP D 102 29.94 32.93 22.81
CA ASP D 102 30.55 33.73 21.71
C ASP D 102 31.93 34.27 22.19
N PRO D 103 32.84 34.66 21.24
CA PRO D 103 34.02 35.45 21.64
C PRO D 103 33.46 36.76 22.25
N PRO D 104 34.08 37.30 23.33
CA PRO D 104 35.32 36.86 23.94
C PRO D 104 35.21 35.69 24.98
N ALA D 105 34.06 35.49 25.60
CA ALA D 105 33.87 34.50 26.64
C ALA D 105 34.32 33.13 26.16
N HIS D 106 34.16 32.84 24.88
CA HIS D 106 34.42 31.52 24.33
C HIS D 106 35.90 31.23 24.28
N THR D 107 36.74 32.27 24.21
CA THR D 107 38.12 32.10 23.72
C THR D 107 39.00 31.36 24.71
N ARG D 108 38.87 31.69 25.99
CA ARG D 108 39.73 31.01 27.00
C ARG D 108 39.35 29.52 27.11
N PRO D 109 38.04 29.19 27.25
CA PRO D 109 37.78 27.72 27.21
C PRO D 109 38.18 26.99 25.94
N ARG D 110 38.04 27.63 24.79
CA ARG D 110 38.43 27.06 23.51
C ARG D 110 39.95 26.80 23.48
N ALA D 111 40.72 27.74 24.03
CA ALA D 111 42.20 27.62 24.05
C ALA D 111 42.67 26.44 24.89
N VAL D 112 41.99 26.22 26.01
CA VAL D 112 42.26 25.08 26.82
C VAL D 112 42.02 23.75 26.07
N LEU D 113 40.83 23.63 25.47
CA LEU D 113 40.51 22.44 24.69
C LEU D 113 41.42 22.22 23.54
N SER D 114 41.81 23.32 22.89
CA SER D 114 42.71 23.23 21.79
C SER D 114 44.08 22.68 22.24
N LYS D 115 44.58 23.12 23.40
CA LYS D 115 45.89 22.62 23.89
C LYS D 115 45.70 21.16 24.28
N VAL D 116 44.58 20.82 24.96
CA VAL D 116 44.42 19.41 25.41
C VAL D 116 44.38 18.45 24.15
N LEU D 117 43.79 18.92 23.07
CA LEU D 117 43.66 18.02 21.88
C LEU D 117 44.58 18.40 20.76
N SER D 118 45.80 18.78 21.12
CA SER D 118 46.73 19.42 20.15
C SER D 118 47.48 18.40 19.28
N PRO D 119 48.11 18.84 18.17
CA PRO D 119 48.91 17.91 17.40
C PRO D 119 49.98 17.18 18.27
N ALA D 120 50.61 17.90 19.19
CA ALA D 120 51.60 17.31 20.09
C ALA D 120 50.97 16.17 20.92
N THR D 121 49.78 16.38 21.51
CA THR D 121 49.02 15.34 22.20
C THR D 121 48.70 14.12 21.29
N MET D 122 48.34 14.38 20.01
CA MET D 122 47.95 13.29 19.12
C MET D 122 49.16 12.35 18.88
N LYS D 123 50.30 12.95 18.58
CA LYS D 123 51.58 12.22 18.46
C LYS D 123 51.85 11.30 19.64
N THR D 124 51.53 11.75 20.87
CA THR D 124 51.62 10.85 22.08
C THR D 124 50.63 9.71 22.19
N ILE D 125 49.45 9.80 21.59
CA ILE D 125 48.52 8.68 21.73
C ILE D 125 48.40 7.82 20.45
N ARG D 126 49.06 8.29 19.39
CA ARG D 126 48.88 7.74 18.07
C ARG D 126 49.21 6.24 17.93
N ASP D 127 50.34 5.78 18.50
CA ASP D 127 50.74 4.36 18.25
C ASP D 127 49.73 3.42 18.85
N GLY D 128 49.32 3.71 20.10
CA GLY D 128 48.26 2.97 20.77
C GLY D 128 46.99 2.95 19.93
N PHE D 129 46.63 4.08 19.33
CA PHE D 129 45.31 4.11 18.67
C PHE D 129 45.45 3.23 17.40
N ALA D 130 46.60 3.30 16.75
CA ALA D 130 46.85 2.52 15.55
C ALA D 130 46.90 1.00 15.86
N ALA D 131 47.55 0.64 16.98
CA ALA D 131 47.60 -0.75 17.45
C ALA D 131 46.20 -1.29 17.70
N ALA D 132 45.37 -0.51 18.41
CA ALA D 132 43.98 -0.92 18.63
C ALA D 132 43.20 -1.11 17.28
N ALA D 133 43.59 -0.32 16.27
CA ALA D 133 42.85 -0.31 14.98
C ALA D 133 43.26 -1.57 14.21
N ASP D 134 44.57 -1.80 14.14
CA ASP D 134 45.11 -3.03 13.55
C ASP D 134 44.48 -4.27 14.16
N ALA D 135 44.48 -4.36 15.50
CA ALA D 135 43.97 -5.55 16.19
C ALA D 135 42.51 -5.70 15.93
N LYS D 136 41.78 -4.58 15.87
CA LYS D 136 40.35 -4.72 15.71
C LYS D 136 40.09 -5.27 14.30
N VAL D 137 40.87 -4.85 13.30
CA VAL D 137 40.57 -5.24 11.92
C VAL D 137 40.90 -6.74 11.76
N ASP D 138 42.00 -7.22 12.36
CA ASP D 138 42.36 -8.66 12.43
C ASP D 138 41.27 -9.46 13.03
N GLU D 139 40.78 -9.00 14.16
CA GLU D 139 39.72 -9.72 14.81
C GLU D 139 38.46 -9.83 13.92
N LEU D 140 38.19 -8.75 13.18
CA LEU D 140 36.98 -8.70 12.42
C LEU D 140 37.15 -9.50 11.16
N LEU D 141 38.35 -9.51 10.58
CA LEU D 141 38.62 -10.36 9.42
C LEU D 141 38.30 -11.82 9.71
N GLN D 142 38.99 -12.37 10.69
CA GLN D 142 38.69 -13.71 11.20
C GLN D 142 37.14 -13.95 11.31
N ARG D 143 36.36 -12.94 11.65
CA ARG D 143 34.92 -13.16 11.71
C ARG D 143 34.23 -13.16 10.37
N GLY D 144 34.74 -12.35 9.43
CA GLY D 144 34.20 -12.19 8.06
C GLY D 144 32.95 -11.32 7.92
N CYS D 145 31.81 -11.86 8.31
CA CYS D 145 30.50 -11.19 8.31
C CYS D 145 30.24 -10.52 9.67
N ILE D 146 30.25 -9.17 9.69
CA ILE D 146 30.20 -8.38 10.94
C ILE D 146 29.11 -7.33 10.77
N ASP D 147 28.63 -6.71 11.85
CA ASP D 147 27.83 -5.50 11.66
C ASP D 147 28.85 -4.30 11.75
N ALA D 148 29.07 -3.57 10.64
CA ALA D 148 30.16 -2.55 10.70
C ALA D 148 29.85 -1.36 11.68
N ILE D 149 28.61 -1.27 12.18
CA ILE D 149 28.26 -0.29 13.19
C ILE D 149 28.72 -0.87 14.56
N ALA D 150 27.85 -1.66 15.20
CA ALA D 150 28.21 -2.34 16.47
C ALA D 150 29.63 -2.86 16.59
N ASP D 151 30.17 -3.54 15.57
CA ASP D 151 31.43 -4.27 15.71
C ASP D 151 32.65 -3.51 15.28
N LEU D 152 32.43 -2.34 14.66
CA LEU D 152 33.58 -1.64 14.09
C LEU D 152 33.43 -0.11 14.36
N ALA D 153 32.40 0.53 13.78
CA ALA D 153 32.17 1.96 14.00
C ALA D 153 31.94 2.33 15.49
N GLU D 154 31.19 1.49 16.22
CA GLU D 154 31.02 1.68 17.66
C GLU D 154 32.17 1.12 18.48
N ALA D 155 32.46 -0.17 18.27
CA ALA D 155 33.52 -0.89 19.01
C ALA D 155 34.83 -0.15 19.05
N TYR D 156 35.33 0.29 17.89
CA TYR D 156 36.67 0.87 17.89
C TYR D 156 36.75 2.19 18.75
N PRO D 157 35.82 3.15 18.54
CA PRO D 157 35.97 4.34 19.39
C PRO D 157 35.82 4.05 20.89
N LEU D 158 34.83 3.20 21.25
CA LEU D 158 34.67 2.70 22.62
C LEU D 158 35.95 2.04 23.17
N SER D 159 36.77 1.45 22.32
CA SER D 159 38.00 0.80 22.75
C SER D 159 39.16 1.78 22.99
N VAL D 160 39.06 3.00 22.44
CA VAL D 160 40.20 3.92 22.58
C VAL D 160 39.90 5.28 23.23
N PHE D 161 38.68 5.76 23.12
CA PHE D 161 38.44 7.19 23.48
C PHE D 161 38.09 7.28 24.95
N PRO D 162 37.26 6.35 25.44
CA PRO D 162 37.09 6.47 26.90
C PRO D 162 38.42 6.27 27.68
N ASP D 163 39.30 5.38 27.22
CA ASP D 163 40.61 5.24 27.88
C ASP D 163 41.39 6.55 27.75
N ALA D 164 41.37 7.18 26.56
CA ALA D 164 42.17 8.36 26.38
C ALA D 164 41.58 9.53 27.21
N MET D 165 40.30 9.47 27.54
CA MET D 165 39.68 10.40 28.43
C MET D 165 40.16 10.19 29.90
N GLY D 166 40.53 8.94 30.22
CA GLY D 166 40.88 8.52 31.59
C GLY D 166 39.65 8.16 32.38
N LEU D 167 38.60 7.72 31.66
CA LEU D 167 37.34 7.32 32.31
C LEU D 167 37.50 5.90 32.95
N LYS D 168 36.78 5.66 34.04
CA LYS D 168 36.82 4.32 34.59
C LYS D 168 35.98 3.39 33.66
N GLN D 169 36.10 2.07 33.93
CA GLN D 169 35.41 1.01 33.17
C GLN D 169 33.93 0.99 33.39
N GLU D 170 33.51 1.10 34.62
CA GLU D 170 32.11 1.03 34.97
C GLU D 170 31.31 2.22 34.40
N GLY D 171 30.18 1.92 33.76
CA GLY D 171 29.17 2.95 33.51
C GLY D 171 29.27 3.48 32.08
N ARG D 172 30.30 3.03 31.35
CA ARG D 172 30.61 3.50 29.99
C ARG D 172 29.49 3.20 28.98
N GLU D 173 28.50 2.40 29.37
CA GLU D 173 27.39 2.10 28.45
C GLU D 173 26.49 3.33 28.40
N HIS D 174 26.66 4.27 29.36
CA HIS D 174 25.84 5.51 29.29
C HIS D 174 26.33 6.49 28.17
N LEU D 175 27.52 6.28 27.60
CA LEU D 175 28.20 7.33 26.78
C LEU D 175 27.45 7.61 25.46
N LEU D 176 27.22 6.55 24.67
CA LEU D 176 26.39 6.62 23.40
C LEU D 176 25.00 7.18 23.66
N PRO D 177 24.29 6.76 24.66
CA PRO D 177 22.97 7.34 24.87
C PRO D 177 22.98 8.81 25.34
N TYR D 178 24.00 9.19 26.09
CA TYR D 178 24.16 10.56 26.49
C TYR D 178 24.37 11.42 25.23
N ALA D 179 25.32 11.06 24.40
CA ALA D 179 25.60 11.84 23.14
C ALA D 179 24.33 11.91 22.26
N GLY D 180 23.66 10.76 22.05
CA GLY D 180 22.40 10.79 21.29
C GLY D 180 21.36 11.76 21.84
N LEU D 181 21.17 11.82 23.19
CA LEU D 181 20.28 12.81 23.79
C LEU D 181 20.72 14.26 23.48
N VAL D 182 22.00 14.55 23.71
CA VAL D 182 22.47 15.94 23.57
C VAL D 182 22.21 16.40 22.14
N PHE D 183 22.62 15.54 21.20
CA PHE D 183 22.32 15.68 19.78
C PHE D 183 20.86 15.78 19.43
N ASN D 184 19.97 14.97 20.05
CA ASN D 184 18.59 15.16 19.74
C ASN D 184 18.08 16.44 20.32
N ALA D 185 18.70 16.91 21.42
CA ALA D 185 18.20 18.12 22.08
C ALA D 185 18.42 19.42 21.30
N PHE D 186 19.33 19.42 20.32
CA PHE D 186 19.46 20.64 19.47
C PHE D 186 18.24 20.81 18.59
N GLY D 187 17.53 19.70 18.37
CA GLY D 187 16.34 19.69 17.47
C GLY D 187 15.11 20.39 17.97
N PRO D 188 14.03 20.37 17.16
CA PRO D 188 12.74 20.96 17.54
C PRO D 188 12.07 20.01 18.50
N PRO D 189 10.97 20.48 19.13
CA PRO D 189 10.29 19.59 20.07
C PRO D 189 9.48 18.49 19.31
N ASN D 190 10.18 17.57 18.65
CA ASN D 190 9.47 16.45 18.05
C ASN D 190 9.58 15.25 19.03
N GLU D 191 9.09 14.11 18.57
CA GLU D 191 9.04 12.91 19.38
C GLU D 191 10.47 12.48 19.71
N LEU D 192 11.44 12.64 18.77
CA LEU D 192 12.80 12.20 19.08
C LEU D 192 13.38 13.03 20.26
N ARG D 193 13.06 14.32 20.29
CA ARG D 193 13.62 15.16 21.36
C ARG D 193 12.92 14.80 22.71
N GLN D 194 11.59 14.71 22.73
CA GLN D 194 10.93 14.53 24.05
C GLN D 194 11.29 13.19 24.68
N THR D 195 11.38 12.15 23.86
CA THR D 195 11.83 10.85 24.34
C THR D 195 13.27 10.88 24.90
N ALA D 196 14.19 11.49 24.16
CA ALA D 196 15.53 11.75 24.68
C ALA D 196 15.47 12.42 26.06
N ILE D 197 14.82 13.58 26.15
CA ILE D 197 14.79 14.33 27.39
C ILE D 197 14.08 13.59 28.56
N GLU D 198 13.04 12.81 28.25
CA GLU D 198 12.36 11.95 29.24
C GLU D 198 13.32 10.90 29.81
N ARG D 199 14.22 10.34 29.01
CA ARG D 199 15.16 9.34 29.54
C ARG D 199 16.54 9.85 30.04
N SER D 200 16.69 11.17 30.16
CA SER D 200 18.03 11.77 30.28
C SER D 200 18.70 11.60 31.65
N ALA D 201 17.91 11.67 32.73
CA ALA D 201 18.50 11.80 34.12
C ALA D 201 19.58 10.78 34.49
N PRO D 202 19.36 9.47 34.28
CA PRO D 202 20.53 8.64 34.63
C PRO D 202 21.80 8.86 33.81
N HIS D 203 21.67 9.28 32.55
CA HIS D 203 22.85 9.41 31.69
C HIS D 203 23.64 10.68 32.06
N GLN D 204 22.91 11.76 32.34
CA GLN D 204 23.37 13.02 32.87
C GLN D 204 24.11 12.83 34.21
N ALA D 205 23.50 12.07 35.13
CA ALA D 205 24.10 11.84 36.45
C ALA D 205 25.41 11.11 36.30
N TYR D 206 25.46 10.07 35.47
CA TYR D 206 26.68 9.36 35.24
C TYR D 206 27.75 10.32 34.66
N VAL D 207 27.36 11.11 33.65
CA VAL D 207 28.37 11.98 33.01
C VAL D 207 28.83 13.06 34.01
N ASN D 208 27.90 13.68 34.71
CA ASN D 208 28.27 14.68 35.70
C ASN D 208 29.31 14.12 36.72
N GLU D 209 29.13 12.88 37.16
CA GLU D 209 30.06 12.32 38.13
C GLU D 209 31.43 12.12 37.49
N GLN D 210 31.47 11.66 36.24
CA GLN D 210 32.76 11.39 35.63
C GLN D 210 33.51 12.69 35.26
N CYS D 211 32.82 13.83 35.29
CA CYS D 211 33.50 15.10 34.98
C CYS D 211 34.40 15.57 36.13
N GLN D 212 34.15 15.05 37.34
CA GLN D 212 34.94 15.46 38.52
C GLN D 212 36.40 15.03 38.55
N ARG D 213 37.24 15.91 39.09
CA ARG D 213 38.68 15.68 39.04
C ARG D 213 39.11 14.32 39.62
N PRO D 214 38.55 13.93 40.82
CA PRO D 214 38.96 12.64 41.41
C PRO D 214 38.69 11.46 40.42
N ASN D 215 37.72 11.57 39.48
CA ASN D 215 37.31 10.40 38.66
C ASN D 215 37.94 10.24 37.29
N LEU D 216 39.05 10.93 37.01
CA LEU D 216 39.63 10.87 35.67
C LEU D 216 41.08 10.51 35.77
N ALA D 217 41.49 9.36 35.24
CA ALA D 217 42.87 8.86 35.39
C ALA D 217 44.00 9.85 35.01
N PRO D 218 45.14 9.82 35.75
CA PRO D 218 46.33 10.61 35.40
C PRO D 218 46.70 10.52 33.94
N GLY D 219 47.01 11.66 33.33
CA GLY D 219 47.54 11.63 31.95
C GLY D 219 46.50 11.57 30.80
N GLY D 220 45.22 11.36 31.11
CA GLY D 220 44.17 11.35 30.09
C GLY D 220 43.63 12.80 29.82
N PHE D 221 42.67 12.94 28.93
CA PHE D 221 42.28 14.29 28.47
C PHE D 221 41.60 14.96 29.62
N GLY D 222 40.85 14.20 30.39
CA GLY D 222 40.12 14.83 31.47
C GLY D 222 41.03 15.35 32.59
N ALA D 223 42.05 14.57 32.96
CA ALA D 223 43.04 15.02 33.96
C ALA D 223 43.77 16.26 33.36
N CYS D 224 44.04 16.21 32.07
CA CYS D 224 44.79 17.31 31.47
CA CYS D 224 44.79 17.32 31.45
C CYS D 224 43.96 18.60 31.53
N ILE D 225 42.62 18.48 31.36
CA ILE D 225 41.72 19.62 31.49
C ILE D 225 41.80 20.18 32.91
N HIS D 226 41.64 19.30 33.90
CA HIS D 226 41.71 19.77 35.29
C HIS D 226 43.09 20.41 35.68
N ALA D 227 44.20 19.97 35.07
CA ALA D 227 45.54 20.57 35.25
C ALA D 227 45.50 22.10 35.00
N PHE D 228 44.65 22.54 34.07
CA PHE D 228 44.50 24.01 33.82
C PHE D 228 43.99 24.80 35.02
N THR D 229 43.32 24.15 35.99
CA THR D 229 42.93 24.93 37.15
C THR D 229 44.18 25.31 37.99
N ASP D 230 45.28 24.56 37.82
CA ASP D 230 46.38 24.69 38.73
C ASP D 230 47.21 25.93 38.40
N THR D 231 47.15 26.37 37.13
CA THR D 231 47.90 27.58 36.65
C THR D 231 46.98 28.80 36.71
N GLY D 232 45.72 28.52 37.07
CA GLY D 232 44.62 29.47 36.96
C GLY D 232 44.02 29.83 35.56
N GLU D 233 44.32 29.07 34.51
CA GLU D 233 43.67 29.24 33.20
C GLU D 233 42.13 29.12 33.30
N ILE D 234 41.64 28.20 34.15
CA ILE D 234 40.19 27.97 34.35
C ILE D 234 39.95 27.75 35.82
N THR D 235 38.70 27.91 36.24
CA THR D 235 38.36 27.72 37.63
C THR D 235 37.94 26.26 37.91
N PRO D 236 37.91 25.86 39.21
CA PRO D 236 37.41 24.52 39.51
C PRO D 236 35.98 24.33 38.99
N ASP D 237 35.15 25.36 38.91
CA ASP D 237 33.80 25.13 38.37
C ASP D 237 33.70 25.00 36.87
N GLU D 238 34.63 25.63 36.16
CA GLU D 238 34.72 25.45 34.73
C GLU D 238 35.31 24.08 34.35
N ALA D 239 36.28 23.55 35.06
CA ALA D 239 36.92 22.30 34.53
C ALA D 239 35.95 21.13 34.21
N PRO D 240 35.01 20.84 35.12
CA PRO D 240 34.14 19.71 34.79
C PRO D 240 33.20 19.99 33.62
N LEU D 241 32.83 21.27 33.40
CA LEU D 241 31.97 21.62 32.27
C LEU D 241 32.75 21.40 31.02
N LEU D 242 34.07 21.61 31.05
CA LEU D 242 34.87 21.38 29.85
C LEU D 242 35.06 19.89 29.58
N VAL D 243 35.28 19.11 30.65
CA VAL D 243 35.22 17.67 30.41
C VAL D 243 33.82 17.28 29.85
N ARG D 244 32.74 17.85 30.39
CA ARG D 244 31.42 17.54 29.84
C ARG D 244 31.39 17.70 28.28
N SER D 245 31.98 18.76 27.75
CA SER D 245 32.03 18.97 26.29
C SER D 245 32.60 17.78 25.56
N LEU D 246 33.73 17.27 26.04
CA LEU D 246 34.34 16.15 25.36
C LEU D 246 33.48 14.87 25.48
N LEU D 247 32.82 14.69 26.62
CA LEU D 247 31.94 13.52 26.77
C LEU D 247 30.61 13.69 26.01
N SER D 248 30.24 14.92 25.65
CA SER D 248 29.08 15.18 24.80
C SER D 248 29.40 14.89 23.34
N ALA D 249 30.53 15.42 22.88
CA ALA D 249 30.80 15.46 21.47
C ALA D 249 31.80 14.45 21.02
N GLY D 250 32.54 13.80 21.91
CA GLY D 250 33.80 13.21 21.47
C GLY D 250 33.73 11.76 21.03
N LEU D 251 32.57 11.15 21.25
CA LEU D 251 32.39 9.72 20.94
C LEU D 251 31.42 9.44 19.76
N ASP D 252 30.17 9.85 19.86
CA ASP D 252 29.17 9.48 18.86
C ASP D 252 29.51 10.05 17.46
N THR D 253 30.10 11.26 17.41
CA THR D 253 30.52 11.85 16.14
C THR D 253 31.51 10.94 15.47
N THR D 254 32.53 10.46 16.19
CA THR D 254 33.55 9.62 15.57
C THR D 254 32.96 8.24 15.11
N VAL D 255 32.03 7.71 15.92
CA VAL D 255 31.28 6.49 15.58
C VAL D 255 30.70 6.72 14.16
N ASN D 256 29.97 7.82 13.99
CA ASN D 256 29.27 8.12 12.70
C ASN D 256 30.21 8.46 11.55
N GLY D 257 31.29 9.13 11.86
CA GLY D 257 32.36 9.38 10.84
C GLY D 257 32.95 8.09 10.30
N ILE D 258 33.27 7.21 11.26
CA ILE D 258 33.86 5.92 10.86
C ILE D 258 32.85 5.04 10.11
N GLY D 259 31.61 4.98 10.57
CA GLY D 259 30.55 4.16 9.93
C GLY D 259 30.29 4.73 8.54
N ALA D 260 30.30 6.09 8.42
CA ALA D 260 30.23 6.78 7.09
C ALA D 260 31.33 6.31 6.12
N ALA D 261 32.58 6.37 6.60
CA ALA D 261 33.70 6.00 5.76
C ALA D 261 33.61 4.49 5.32
N VAL D 262 33.20 3.61 6.23
CA VAL D 262 32.95 2.18 5.84
C VAL D 262 31.81 2.05 4.76
N TYR D 263 30.71 2.74 5.00
CA TYR D 263 29.59 2.82 4.04
C TYR D 263 30.08 3.34 2.70
N CYS D 264 30.85 4.45 2.70
CA CYS D 264 31.42 4.97 1.47
C CYS D 264 32.30 3.94 0.75
N LEU D 265 33.20 3.27 1.49
CA LEU D 265 34.06 2.27 0.89
C LEU D 265 33.28 1.03 0.34
N ALA D 266 32.17 0.67 0.97
CA ALA D 266 31.32 -0.45 0.56
C ALA D 266 30.58 -0.02 -0.75
N ARG D 267 30.05 1.23 -0.80
CA ARG D 267 29.26 1.66 -1.94
C ARG D 267 30.09 2.08 -3.13
N PHE D 268 31.33 2.49 -2.88
CA PHE D 268 32.21 2.90 -3.93
C PHE D 268 33.46 2.01 -3.90
N PRO D 269 33.33 0.69 -4.21
CA PRO D 269 34.52 -0.22 -3.99
C PRO D 269 35.76 0.14 -4.80
N GLY D 270 35.59 0.85 -5.92
CA GLY D 270 36.73 1.32 -6.68
C GLY D 270 37.64 2.17 -5.83
N GLU D 271 37.01 3.04 -4.98
CA GLU D 271 37.78 3.85 -4.00
C GLU D 271 38.52 2.97 -2.97
N LEU D 272 37.93 1.85 -2.55
CA LEU D 272 38.66 0.94 -1.67
C LEU D 272 39.95 0.40 -2.33
N GLN D 273 39.86 -0.05 -3.59
CA GLN D 273 41.10 -0.48 -4.31
C GLN D 273 42.13 0.61 -4.50
N ARG D 274 41.66 1.86 -4.67
CA ARG D 274 42.65 2.95 -4.79
C ARG D 274 43.31 3.21 -3.41
N LEU D 275 42.55 3.12 -2.34
CA LEU D 275 43.13 3.23 -1.01
C LEU D 275 44.17 2.09 -0.75
N ARG D 276 43.82 0.86 -1.16
CA ARG D 276 44.65 -0.35 -0.93
C ARG D 276 45.92 -0.15 -1.70
N SER D 277 45.81 0.53 -2.81
CA SER D 277 46.90 0.73 -3.68
C SER D 277 47.79 1.88 -3.18
N ASP D 278 47.25 2.78 -2.34
CA ASP D 278 48.09 3.87 -1.81
C ASP D 278 47.53 4.20 -0.46
N PRO D 279 48.01 3.49 0.57
CA PRO D 279 47.39 3.60 1.90
C PRO D 279 47.63 4.98 2.56
N THR D 280 48.52 5.79 2.00
CA THR D 280 48.71 7.14 2.52
C THR D 280 47.48 8.06 2.19
N LEU D 281 46.52 7.55 1.41
CA LEU D 281 45.23 8.19 1.15
C LEU D 281 44.22 8.00 2.30
N ALA D 282 44.58 7.19 3.34
CA ALA D 282 43.68 6.94 4.46
C ALA D 282 43.07 8.23 5.07
N ARG D 283 43.95 9.20 5.37
CA ARG D 283 43.52 10.39 6.13
C ARG D 283 42.51 11.16 5.25
N ASN D 284 42.85 11.38 3.98
CA ASN D 284 41.95 12.06 3.05
C ASN D 284 40.69 11.24 2.69
N ALA D 285 40.77 9.90 2.68
CA ALA D 285 39.57 9.06 2.50
C ALA D 285 38.62 9.26 3.67
N PHE D 286 39.17 9.43 4.87
CA PHE D 286 38.30 9.71 6.00
C PHE D 286 37.64 11.11 5.86
N GLU D 287 38.45 12.09 5.48
CA GLU D 287 37.97 13.48 5.39
C GLU D 287 36.85 13.57 4.36
N GLU D 288 37.07 12.90 3.24
CA GLU D 288 36.08 12.80 2.17
C GLU D 288 34.75 12.14 2.62
N ALA D 289 34.80 11.14 3.50
CA ALA D 289 33.55 10.58 4.03
C ALA D 289 32.82 11.56 4.94
N VAL D 290 33.60 12.37 5.70
CA VAL D 290 32.95 13.35 6.58
C VAL D 290 32.20 14.38 5.65
N ARG D 291 32.83 14.77 4.54
CA ARG D 291 32.14 15.66 3.59
C ARG D 291 30.87 14.99 3.01
N PHE D 292 31.06 13.74 2.56
CA PHE D 292 30.04 13.05 1.77
C PHE D 292 28.83 12.71 2.61
N GLU D 293 29.05 12.24 3.85
CA GLU D 293 27.93 11.91 4.76
C GLU D 293 27.57 13.07 5.75
N SER D 294 28.52 13.96 6.06
CA SER D 294 28.24 15.03 7.09
C SER D 294 27.52 14.46 8.32
N PRO D 295 28.22 13.64 9.11
CA PRO D 295 27.57 13.05 10.30
C PRO D 295 26.93 14.11 11.16
N VAL D 296 27.55 15.28 11.33
CA VAL D 296 26.83 16.34 12.04
C VAL D 296 26.12 17.14 10.91
N GLN D 297 24.79 17.07 10.84
CA GLN D 297 24.10 17.61 9.67
C GLN D 297 23.82 19.08 9.73
N THR D 298 23.53 19.58 10.92
CA THR D 298 22.89 20.87 11.09
C THR D 298 23.32 21.52 12.41
N PHE D 299 23.41 22.87 12.42
CA PHE D 299 23.44 23.65 13.63
C PHE D 299 22.73 24.94 13.37
N PHE D 300 22.24 25.56 14.44
CA PHE D 300 21.63 26.85 14.28
C PHE D 300 22.55 28.02 14.73
N ARG D 301 22.19 29.25 14.33
CA ARG D 301 22.75 30.45 14.96
C ARG D 301 21.60 31.38 15.22
N THR D 302 21.83 32.45 15.98
CA THR D 302 20.75 33.46 16.18
C THR D 302 21.29 34.84 15.70
N THR D 303 20.54 35.57 14.87
CA THR D 303 20.98 36.88 14.38
C THR D 303 21.05 37.86 15.51
N THR D 304 22.06 38.71 15.48
CA THR D 304 22.11 39.70 16.58
C THR D 304 21.77 41.10 16.05
N ARG D 305 21.45 41.24 14.77
CA ARG D 305 21.03 42.53 14.23
C ARG D 305 20.33 42.12 12.93
N GLU D 306 19.66 43.05 12.28
CA GLU D 306 19.21 42.80 10.95
C GLU D 306 20.43 42.62 10.04
N VAL D 307 20.37 41.69 9.09
CA VAL D 307 21.49 41.38 8.26
C VAL D 307 21.04 40.92 6.90
N GLU D 308 21.82 41.23 5.90
CA GLU D 308 21.56 40.84 4.54
C GLU D 308 22.52 39.75 4.19
N LEU D 309 22.00 38.71 3.58
CA LEU D 309 22.80 37.53 3.29
C LEU D 309 22.42 37.01 1.91
N GLY D 310 23.41 36.92 0.99
CA GLY D 310 23.16 36.68 -0.47
C GLY D 310 22.03 37.59 -1.04
N GLY D 311 21.83 38.79 -0.49
CA GLY D 311 20.73 39.70 -0.99
C GLY D 311 19.41 39.66 -0.21
N ALA D 312 19.24 38.69 0.70
CA ALA D 312 18.00 38.50 1.47
C ALA D 312 18.13 39.06 2.89
N VAL D 313 17.11 39.73 3.40
CA VAL D 313 17.20 40.41 4.67
C VAL D 313 16.55 39.59 5.82
N ILE D 314 17.33 39.33 6.90
CA ILE D 314 16.84 38.65 8.10
C ILE D 314 16.83 39.60 9.25
N GLY D 315 15.74 39.59 9.99
CA GLY D 315 15.59 40.45 11.12
C GLY D 315 16.51 40.02 12.29
N GLU D 316 16.64 40.92 13.27
CA GLU D 316 17.31 40.65 14.54
C GLU D 316 16.61 39.56 15.30
N GLY D 317 17.38 38.76 16.02
CA GLY D 317 16.79 37.82 16.98
C GLY D 317 16.08 36.64 16.30
N GLU D 318 16.54 36.27 15.11
CA GLU D 318 15.94 35.12 14.38
C GLU D 318 16.87 33.90 14.38
N LYS D 319 16.30 32.69 14.47
CA LYS D 319 17.11 31.50 14.29
C LYS D 319 17.39 31.27 12.83
N VAL D 320 18.63 30.93 12.56
CA VAL D 320 19.05 30.55 11.19
C VAL D 320 19.59 29.16 11.24
N LEU D 321 18.99 28.24 10.46
CA LEU D 321 19.42 26.83 10.51
C LEU D 321 20.41 26.63 9.39
N MET D 322 21.59 26.08 9.68
CA MET D 322 22.60 25.88 8.64
C MET D 322 22.61 24.43 8.27
N PHE D 323 22.51 24.14 6.96
CA PHE D 323 22.56 22.74 6.52
C PHE D 323 23.97 22.38 6.11
N LEU D 324 24.79 21.87 7.04
CA LEU D 324 26.21 21.53 6.75
C LEU D 324 26.27 20.46 5.69
N GLY D 325 25.42 19.42 5.83
CA GLY D 325 25.56 18.32 4.89
C GLY D 325 25.20 18.75 3.46
N SER D 326 24.23 19.66 3.35
CA SER D 326 23.81 20.21 2.06
C SER D 326 24.98 21.06 1.49
N ALA D 327 25.58 21.91 2.33
CA ALA D 327 26.71 22.74 1.91
C ALA D 327 27.83 21.89 1.32
N ASN D 328 28.06 20.73 1.97
CA ASN D 328 29.09 19.80 1.57
C ASN D 328 28.68 19.05 0.30
N ARG D 329 27.41 19.18 -0.11
CA ARG D 329 27.02 18.59 -1.41
C ARG D 329 26.57 19.57 -2.50
N ASP D 330 26.86 20.85 -2.31
CA ASP D 330 26.37 21.92 -3.15
C ASP D 330 27.14 21.89 -4.45
N PRO D 331 26.43 21.62 -5.61
CA PRO D 331 27.29 21.62 -6.84
C PRO D 331 27.89 22.99 -7.24
N ARG D 332 27.44 24.09 -6.62
CA ARG D 332 28.02 25.39 -6.90
C ARG D 332 29.46 25.40 -6.30
N ARG D 333 29.77 24.46 -5.38
CA ARG D 333 31.11 24.40 -4.71
C ARG D 333 31.87 23.18 -5.12
N TRP D 334 31.21 22.03 -5.32
CA TRP D 334 31.93 20.79 -5.41
C TRP D 334 31.65 20.26 -6.80
N SER D 335 32.68 19.73 -7.48
CA SER D 335 32.42 18.93 -8.70
C SER D 335 31.95 17.55 -8.36
N ASP D 336 30.91 17.08 -9.05
CA ASP D 336 30.32 15.74 -8.77
C ASP D 336 30.23 15.53 -7.25
N PRO D 337 29.45 16.40 -6.54
CA PRO D 337 29.34 16.33 -5.07
C PRO D 337 28.86 14.97 -4.56
N ASP D 338 28.09 14.25 -5.41
CA ASP D 338 27.52 13.01 -5.04
C ASP D 338 28.45 11.79 -5.29
N LEU D 339 29.70 12.03 -5.64
CA LEU D 339 30.71 10.94 -5.70
C LEU D 339 31.65 11.03 -4.50
N TYR D 340 31.97 9.87 -3.93
CA TYR D 340 32.96 9.72 -2.89
C TYR D 340 34.25 9.61 -3.66
N ASP D 341 35.12 10.60 -3.50
CA ASP D 341 36.40 10.58 -4.22
C ASP D 341 37.57 10.82 -3.25
N ILE D 342 38.40 9.80 -3.04
CA ILE D 342 39.35 9.87 -1.92
C ILE D 342 40.56 10.72 -2.29
N THR D 343 40.62 11.19 -3.52
CA THR D 343 41.66 12.15 -3.85
C THR D 343 41.07 13.53 -4.11
N ARG D 344 39.79 13.73 -3.76
CA ARG D 344 39.18 15.09 -3.80
C ARG D 344 39.92 16.11 -2.92
N LYS D 345 40.02 17.36 -3.37
CA LYS D 345 40.53 18.41 -2.51
C LYS D 345 39.42 18.78 -1.51
N THR D 346 39.49 18.26 -0.28
CA THR D 346 38.40 18.41 0.66
C THR D 346 38.55 19.67 1.51
N SER D 347 39.66 20.40 1.39
CA SER D 347 39.79 21.64 2.18
C SER D 347 38.64 22.58 1.96
N GLY D 348 38.08 23.08 3.04
CA GLY D 348 36.95 24.02 2.89
C GLY D 348 35.59 23.35 3.16
N HIS D 349 35.49 22.01 3.18
CA HIS D 349 34.16 21.34 3.57
C HIS D 349 33.80 21.82 4.96
N VAL D 350 32.50 21.81 5.32
CA VAL D 350 32.08 22.36 6.60
C VAL D 350 31.54 21.22 7.55
N GLY D 351 31.98 19.97 7.28
CA GLY D 351 31.60 18.82 8.09
C GLY D 351 32.14 18.94 9.54
N PHE D 352 33.20 19.77 9.74
CA PHE D 352 33.71 20.06 11.11
C PHE D 352 33.42 21.50 11.45
N GLY D 353 32.52 22.13 10.67
CA GLY D 353 32.28 23.56 10.90
C GLY D 353 33.35 24.47 10.23
N SER D 354 33.40 25.75 10.65
CA SER D 354 34.34 26.67 10.08
C SER D 354 34.44 27.91 10.96
N GLY D 355 35.65 28.45 11.10
CA GLY D 355 35.85 29.66 11.92
C GLY D 355 36.11 29.36 13.39
N VAL D 356 35.62 30.21 14.26
CA VAL D 356 36.13 30.23 15.65
C VAL D 356 35.61 29.01 16.41
N HIS D 357 34.51 28.40 15.93
CA HIS D 357 33.96 27.21 16.63
C HIS D 357 34.30 25.89 15.90
N MET D 358 35.05 25.95 14.80
CA MET D 358 35.40 24.76 14.04
C MET D 358 35.88 23.65 14.96
N CYS D 359 35.35 22.47 14.76
CA CYS D 359 35.65 21.29 15.63
C CYS D 359 36.98 21.33 16.38
N VAL D 360 36.91 21.52 17.68
CA VAL D 360 38.20 21.57 18.43
C VAL D 360 38.75 20.16 18.60
N GLY D 361 37.90 19.14 18.34
CA GLY D 361 38.33 17.74 18.48
C GLY D 361 38.73 17.13 17.15
N GLN D 362 38.88 17.96 16.12
CA GLN D 362 38.99 17.39 14.79
C GLN D 362 40.27 16.53 14.71
N LEU D 363 41.30 16.81 15.53
CA LEU D 363 42.55 16.01 15.31
C LEU D 363 42.35 14.58 15.93
N VAL D 364 41.54 14.46 16.98
CA VAL D 364 41.14 13.15 17.52
C VAL D 364 40.29 12.40 16.50
N ALA D 365 39.28 13.08 15.90
CA ALA D 365 38.42 12.37 14.90
C ALA D 365 39.28 11.91 13.72
N ARG D 366 40.14 12.79 13.23
CA ARG D 366 41.04 12.44 12.16
C ARG D 366 42.05 11.33 12.48
N LEU D 367 42.49 11.26 13.72
CA LEU D 367 43.42 10.24 14.11
C LEU D 367 42.72 8.89 14.08
N GLU D 368 41.56 8.85 14.69
CA GLU D 368 40.71 7.65 14.77
C GLU D 368 40.36 7.16 13.37
N GLY D 369 39.90 8.07 12.55
CA GLY D 369 39.53 7.76 11.18
C GLY D 369 40.68 7.25 10.37
N GLU D 370 41.81 7.93 10.44
CA GLU D 370 43.00 7.60 9.64
C GLU D 370 43.57 6.21 9.97
N VAL D 371 43.68 5.91 11.27
CA VAL D 371 44.23 4.61 11.69
C VAL D 371 43.34 3.42 11.33
N MET D 372 42.02 3.57 11.49
CA MET D 372 41.06 2.56 11.05
C MET D 372 41.14 2.39 9.54
N LEU D 373 41.14 3.48 8.77
CA LEU D 373 41.20 3.27 7.32
C LEU D 373 42.57 2.76 6.86
N SER D 374 43.61 3.13 7.60
CA SER D 374 44.92 2.63 7.25
C SER D 374 44.93 1.09 7.56
N ALA D 375 44.32 0.67 8.67
CA ALA D 375 44.19 -0.77 8.98
C ALA D 375 43.39 -1.52 7.90
N LEU D 376 42.30 -0.92 7.42
CA LEU D 376 41.51 -1.49 6.32
C LEU D 376 42.35 -1.52 5.04
N ALA D 377 43.06 -0.44 4.73
CA ALA D 377 43.85 -0.31 3.50
C ALA D 377 44.96 -1.39 3.35
N ARG D 378 45.52 -1.82 4.47
CA ARG D 378 46.60 -2.82 4.49
C ARG D 378 46.06 -4.28 4.63
N LYS D 379 44.90 -4.47 5.24
CA LYS D 379 44.46 -5.83 5.60
C LYS D 379 43.25 -6.37 4.81
N VAL D 380 42.41 -5.49 4.27
CA VAL D 380 41.15 -5.93 3.72
C VAL D 380 41.15 -5.74 2.21
N ALA D 381 40.73 -6.79 1.48
CA ALA D 381 40.62 -6.73 0.00
C ALA D 381 39.26 -6.23 -0.49
N ALA D 382 38.18 -6.41 0.26
CA ALA D 382 36.86 -6.00 -0.17
C ALA D 382 35.90 -5.81 0.99
N ILE D 383 34.98 -4.85 0.83
CA ILE D 383 33.90 -4.68 1.79
C ILE D 383 32.56 -4.76 1.05
N ASP D 384 31.70 -5.74 1.39
CA ASP D 384 30.40 -5.86 0.68
C ASP D 384 29.28 -5.87 1.62
N ILE D 385 28.33 -5.01 1.36
CA ILE D 385 27.08 -5.04 2.12
C ILE D 385 26.38 -6.42 1.93
N ASP D 386 26.13 -7.18 2.99
CA ASP D 386 25.46 -8.48 2.87
C ASP D 386 24.22 -8.61 3.77
N GLY D 387 23.55 -7.51 4.14
CA GLY D 387 22.34 -7.65 4.98
C GLY D 387 21.58 -6.34 4.98
N PRO D 388 20.32 -6.33 5.47
CA PRO D 388 19.57 -5.05 5.46
C PRO D 388 20.33 -3.92 6.22
N VAL D 389 20.41 -2.74 5.59
CA VAL D 389 21.03 -1.59 6.21
C VAL D 389 19.91 -0.86 6.95
N LYS D 390 20.14 -0.48 8.22
CA LYS D 390 19.14 0.19 9.02
C LYS D 390 19.71 1.56 9.40
N ARG D 391 18.90 2.62 9.25
CA ARG D 391 19.37 3.99 9.52
C ARG D 391 18.99 4.28 10.98
N ARG D 392 19.74 5.15 11.67
CA ARG D 392 19.35 5.59 12.98
C ARG D 392 18.85 7.03 12.83
N PHE D 393 17.72 7.36 13.44
CA PHE D 393 17.21 8.69 13.28
C PHE D 393 17.71 9.57 14.44
N ASN D 394 18.30 10.74 14.14
CA ASN D 394 18.67 11.68 15.22
C ASN D 394 18.43 13.11 14.74
N ASN D 395 17.96 14.01 15.58
CA ASN D 395 17.75 15.39 15.12
C ASN D 395 19.00 16.09 14.51
N THR D 396 20.20 15.63 14.82
CA THR D 396 21.39 16.40 14.41
C THR D 396 22.33 15.43 13.71
N LEU D 397 22.41 14.16 14.17
CA LEU D 397 23.37 13.21 13.57
C LEU D 397 22.80 12.40 12.44
N ARG D 398 23.61 12.15 11.42
CA ARG D 398 23.23 11.22 10.30
C ARG D 398 24.12 10.02 10.40
N GLY D 399 23.50 8.85 10.40
CA GLY D 399 24.31 7.67 10.40
C GLY D 399 23.43 6.42 10.47
N LEU D 400 24.10 5.28 10.57
CA LEU D 400 23.43 4.00 10.52
C LEU D 400 23.24 3.33 11.90
N GLU D 401 22.07 2.74 12.15
CA GLU D 401 21.94 1.76 13.27
C GLU D 401 22.64 0.42 13.03
N SER D 402 22.57 -0.09 11.80
CA SER D 402 23.21 -1.35 11.41
C SER D 402 23.69 -1.36 9.98
N LEU D 403 24.86 -1.92 9.78
CA LEU D 403 25.48 -2.03 8.46
C LEU D 403 26.14 -3.42 8.25
N PRO D 404 25.34 -4.47 7.84
CA PRO D 404 25.97 -5.81 7.76
C PRO D 404 26.88 -5.83 6.57
N VAL D 405 28.14 -6.19 6.79
CA VAL D 405 29.10 -6.28 5.72
C VAL D 405 29.94 -7.57 5.84
N LYS D 406 30.45 -8.06 4.71
CA LYS D 406 31.50 -9.05 4.72
C LYS D 406 32.78 -8.39 4.35
N LEU D 407 33.80 -8.60 5.19
CA LEU D 407 35.19 -8.23 4.88
C LEU D 407 35.94 -9.46 4.41
N THR D 408 36.66 -9.35 3.30
CA THR D 408 37.45 -10.48 2.86
C THR D 408 38.89 -10.03 2.92
N PRO D 409 39.79 -10.90 3.44
CA PRO D 409 41.22 -10.59 3.77
C PRO D 409 42.02 -10.30 2.53
N ALA D 410 43.16 -9.62 2.70
CA ALA D 410 44.02 -9.19 1.58
C ALA D 410 44.86 -10.33 1.07
CHA HEM E . -13.52 17.73 -12.31
CHB HEM E . -16.83 18.94 -8.96
CHC HEM E . -20.10 16.01 -11.32
CHD HEM E . -16.34 14.11 -13.78
C1A HEM E . -14.12 18.37 -11.26
C2A HEM E . -13.52 19.41 -10.43
C3A HEM E . -14.44 19.73 -9.49
C4A HEM E . -15.64 18.90 -9.70
CMA HEM E . -14.31 20.74 -8.37
CAA HEM E . -12.16 20.06 -10.71
CBA HEM E . -10.99 19.22 -10.23
CGA HEM E . -9.70 20.00 -10.18
O1A HEM E . -8.66 19.38 -9.76
O2A HEM E . -9.71 21.23 -10.49
C1B HEM E . -18.01 18.24 -9.35
C2B HEM E . -19.33 18.43 -8.76
C3B HEM E . -20.22 17.62 -9.39
C4B HEM E . -19.52 16.90 -10.41
CMB HEM E . -19.61 19.38 -7.56
CAB HEM E . -21.74 17.41 -9.11
CBB HEM E . -22.48 18.37 -8.59
C1C HEM E . -19.39 15.20 -12.20
C2C HEM E . -19.94 14.23 -13.09
C3C HEM E . -18.87 13.66 -13.75
C4C HEM E . -17.65 14.32 -13.32
CMC HEM E . -21.47 13.93 -13.09
CAC HEM E . -18.84 12.58 -14.84
CBC HEM E . -19.97 12.08 -15.42
C1D HEM E . -15.22 14.88 -13.56
C2D HEM E . -13.92 14.59 -14.13
C3D HEM E . -13.06 15.71 -13.72
C4D HEM E . -13.91 16.56 -12.91
CMD HEM E . -13.50 13.34 -14.97
CAD HEM E . -11.55 15.86 -14.07
CBD HEM E . -11.62 16.93 -15.21
CGD HEM E . -10.21 17.41 -15.56
O1D HEM E . -10.05 18.02 -16.65
O2D HEM E . -9.24 17.19 -14.80
NA HEM E . -15.43 18.11 -10.83
NB HEM E . -18.20 17.33 -10.39
NC HEM E . -18.03 15.27 -12.44
ND HEM E . -15.21 16.08 -12.87
FE HEM E . -16.74 16.77 -11.73
S SO4 F . -13.53 21.62 -22.52
O1 SO4 F . -12.54 22.55 -21.92
O2 SO4 F . -12.79 20.30 -22.60
O3 SO4 F . -14.69 21.73 -21.67
O4 SO4 F . -13.90 22.12 -23.85
C1 GOL G . -18.00 20.25 -20.07
O1 GOL G . -18.50 21.53 -19.88
C2 GOL G . -17.84 20.14 -21.59
O2 GOL G . -16.45 19.97 -21.92
C3 GOL G . -18.57 18.90 -22.03
O3 GOL G . -18.50 18.67 -23.43
O1 TWO H . -10.20 11.17 -12.94
C7 TWO H . -10.70 10.85 -11.81
O2 TWO H . -10.58 9.68 -11.34
C5 TWO H . -11.46 11.84 -10.98
C4 TWO H . -11.72 11.55 -9.61
C3 TWO H . -12.42 12.46 -8.81
O4 TWO H . -12.66 12.19 -7.49
C9 TWO H . -13.43 11.09 -7.05
C2 TWO H . -12.79 13.68 -9.35
O3 TWO H . -13.47 14.53 -8.56
C8 TWO H . -14.00 15.71 -9.12
C1 TWO H . -12.53 13.96 -10.71
C6 TWO H . -11.83 13.06 -11.52
CL CL I . -9.01 2.15 -8.44
CHA HEM J . -39.86 -17.35 13.23
CHB HEM J . -35.13 -17.64 12.69
CHC HEM J . -35.67 -17.00 7.84
CHD HEM J . -40.30 -15.61 8.67
C1A HEM J . -38.54 -17.56 13.52
C2A HEM J . -37.98 -17.89 14.82
C3A HEM J . -36.69 -17.97 14.66
C4A HEM J . -36.39 -17.67 13.29
CMA HEM J . -35.59 -18.25 15.71
CAA HEM J . -38.82 -18.24 16.09
CBA HEM J . -39.50 -17.02 16.74
CGA HEM J . -39.93 -17.37 18.14
O1A HEM J . -40.41 -16.41 18.83
O2A HEM J . -39.84 -18.59 18.61
C1B HEM J . -34.85 -17.52 11.32
C2B HEM J . -33.54 -17.75 10.69
C3B HEM J . -33.72 -17.56 9.34
C4B HEM J . -35.08 -17.25 9.07
CMB HEM J . -32.25 -18.11 11.47
CAB HEM J . -32.71 -17.66 8.19
CBB HEM J . -31.58 -18.33 8.25
C1C HEM J . -36.97 -16.59 7.61
C2C HEM J . -37.63 -16.29 6.33
C3C HEM J . -38.90 -15.87 6.58
C4C HEM J . -39.12 -15.96 8.01
CMC HEM J . -36.95 -16.44 4.96
CAC HEM J . -40.05 -15.57 5.60
CBC HEM J . -39.88 -15.53 4.27
C1D HEM J . -40.54 -15.85 10.04
C2D HEM J . -41.80 -15.54 10.68
C3D HEM J . -41.72 -16.10 12.05
C4D HEM J . -40.38 -16.72 12.12
CMD HEM J . -42.98 -14.75 10.05
CAD HEM J . -42.87 -16.03 13.15
CBD HEM J . -43.34 -17.55 13.16
CGD HEM J . -44.38 -17.74 14.29
O1D HEM J . -45.21 -18.70 14.22
O2D HEM J . -44.42 -16.90 15.23
NA HEM J . -37.57 -17.48 12.63
NB HEM J . -35.74 -17.28 10.27
NC HEM J . -37.96 -16.40 8.57
ND HEM J . -39.74 -16.56 10.93
FE HEM J . -37.79 -17.05 10.55
S SO4 K . -46.77 -25.48 10.85
O1 SO4 K . -46.67 -25.53 12.33
O2 SO4 K . -47.50 -24.19 10.64
O3 SO4 K . -45.36 -25.33 10.40
O4 SO4 K . -47.56 -26.57 10.27
C1 GOL L . -17.42 -33.33 14.92
O1 GOL L . -16.29 -33.48 15.72
C2 GOL L . -18.40 -33.73 15.99
O2 GOL L . -17.88 -34.86 16.63
C3 GOL L . -19.84 -33.95 15.52
O3 GOL L . -19.86 -32.96 14.57
C1 GOL M . -42.78 -24.25 7.95
O1 GOL M . -41.71 -24.94 7.41
C2 GOL M . -43.99 -24.68 7.14
O2 GOL M . -45.14 -24.33 7.92
C3 GOL M . -44.10 -23.98 5.79
O3 GOL M . -45.16 -24.63 5.06
O1 TWO N . -43.89 -11.31 12.49
C7 TWO N . -42.83 -10.55 12.50
O2 TWO N . -42.94 -9.26 12.32
C5 TWO N . -41.50 -11.20 12.78
C4 TWO N . -40.39 -10.36 12.97
C3 TWO N . -39.18 -10.98 13.22
O4 TWO N . -38.06 -10.23 13.47
C9 TWO N . -37.71 -9.13 12.68
C2 TWO N . -39.09 -12.35 13.28
O3 TWO N . -37.89 -12.87 13.48
C8 TWO N . -37.66 -14.29 13.45
C1 TWO N . -40.16 -13.23 13.04
C6 TWO N . -41.38 -12.60 12.76
CL CL O . -43.34 -1.31 11.22
CHA HEM P . 22.99 -20.34 -25.75
CHB HEM P . 23.39 -17.34 -21.96
CHC HEM P . 19.62 -14.85 -23.69
CHD HEM P . 18.65 -18.43 -26.80
C1A HEM P . 23.46 -19.75 -24.62
C2A HEM P . 24.63 -20.11 -23.84
C3A HEM P . 24.74 -19.29 -22.77
C4A HEM P . 23.61 -18.36 -22.85
CMA HEM P . 25.84 -19.29 -21.65
CAA HEM P . 25.63 -21.21 -24.27
CBA HEM P . 25.14 -22.67 -24.14
CGA HEM P . 26.30 -23.63 -24.32
O1A HEM P . 26.15 -24.84 -24.10
O2A HEM P . 27.50 -23.22 -24.58
C1B HEM P . 22.40 -16.38 -22.12
C2B HEM P . 22.24 -15.22 -21.27
C3B HEM P . 21.19 -14.52 -21.72
C4B HEM P . 20.68 -15.22 -22.89
CMB HEM P . 23.13 -14.92 -20.06
CAB HEM P . 20.60 -13.20 -21.18
CBB HEM P . 21.22 -12.17 -20.57
C1C HEM P . 19.02 -15.59 -24.70
C2C HEM P . 17.82 -15.22 -25.45
C3C HEM P . 17.55 -16.23 -26.32
C4C HEM P . 18.56 -17.24 -26.16
CMC HEM P . 17.12 -13.85 -25.23
CAC HEM P . 16.42 -16.34 -27.38
CBC HEM P . 15.81 -15.24 -27.92
C1D HEM P . 19.70 -19.29 -26.74
C2D HEM P . 19.77 -20.49 -27.56
C3D HEM P . 21.09 -21.06 -27.25
C4D HEM P . 21.70 -20.19 -26.27
CMD HEM P . 18.71 -21.11 -28.50
CAD HEM P . 21.67 -22.37 -27.85
CBD HEM P . 22.72 -21.90 -28.93
CGD HEM P . 23.47 -23.11 -29.55
O1D HEM P . 24.09 -22.95 -30.64
O2D HEM P . 23.48 -24.23 -28.97
NA HEM P . 22.87 -18.66 -24.00
NB HEM P . 21.45 -16.35 -23.12
NC HEM P . 19.43 -16.81 -25.20
ND HEM P . 20.86 -19.10 -26.01
FE HEM P . 21.22 -17.68 -24.68
S SO4 Q . 26.73 -17.74 -35.61
O1 SO4 Q . 27.71 -18.72 -35.17
O2 SO4 Q . 25.55 -18.55 -35.82
O3 SO4 Q . 26.58 -16.68 -34.61
O4 SO4 Q . 27.17 -17.15 -36.83
S SO4 R . 22.68 -31.91 -42.22
O1 SO4 R . 23.88 -32.22 -42.94
O2 SO4 R . 22.82 -30.48 -42.08
O3 SO4 R . 21.44 -32.07 -42.87
O4 SO4 R . 22.70 -32.50 -40.88
S SO4 S . 48.55 -23.30 -11.26
O1 SO4 S . 49.94 -23.56 -10.93
O2 SO4 S . 48.29 -21.86 -11.01
O3 SO4 S . 48.45 -23.64 -12.70
O4 SO4 S . 47.74 -24.25 -10.43
C1 GOL T . 24.32 -14.53 -32.62
O1 GOL T . 24.44 -13.21 -32.23
C2 GOL T . 24.04 -14.34 -34.14
O2 GOL T . 24.12 -15.60 -34.71
C3 GOL T . 22.66 -13.72 -34.41
O3 GOL T . 22.36 -13.52 -35.76
O1 TWO U . 17.68 -24.99 -26.96
C7 TWO U . 17.20 -24.91 -25.82
O2 TWO U . 16.15 -25.56 -25.49
C5 TWO U . 17.98 -24.06 -24.88
C4 TWO U . 17.67 -24.16 -23.52
C3 TWO U . 18.42 -23.38 -22.65
O4 TWO U . 18.19 -23.37 -21.30
C9 TWO U . 16.98 -23.82 -20.67
C2 TWO U . 19.45 -22.58 -23.11
O3 TWO U . 20.16 -21.91 -22.14
C8 TWO U . 21.18 -20.91 -22.53
C1 TWO U . 19.81 -22.50 -24.48
C6 TWO U . 19.07 -23.30 -25.35
CL CL V . 9.42 -29.54 -23.10
CHA HEM W . 32.66 21.54 17.31
CHB HEM W . 31.61 18.12 14.03
CHC HEM W . 34.50 15.05 16.44
CHD HEM W . 34.50 18.07 20.22
C1A HEM W . 32.13 20.96 16.13
C2A HEM W . 31.33 21.59 15.05
C3A HEM W . 31.06 20.59 14.16
C4A HEM W . 31.69 19.37 14.63
CMA HEM W . 30.23 20.65 12.85
CAA HEM W . 31.00 23.14 14.96
CBA HEM W . 29.86 23.47 15.94
CGA HEM W . 29.44 24.90 15.61
O1A HEM W . 28.54 25.37 16.34
O2A HEM W . 30.01 25.59 14.67
C1B HEM W . 32.29 16.99 14.38
C2B HEM W . 32.44 15.76 13.57
C3B HEM W . 33.24 14.92 14.26
C4B HEM W . 33.63 15.58 15.48
CMB HEM W . 31.74 15.48 12.22
CAB HEM W . 33.72 13.47 13.98
CBB HEM W . 33.90 12.99 12.74
C1C HEM W . 34.76 15.53 17.71
C2C HEM W . 35.59 14.93 18.77
C3C HEM W . 35.56 15.78 19.83
C4C HEM W . 34.75 16.94 19.47
CMC HEM W . 36.35 13.55 18.69
CAC HEM W . 36.26 15.65 21.18
CBC HEM W . 37.34 14.88 21.40
C1D HEM W . 33.94 19.30 19.85
C2D HEM W . 33.71 20.49 20.72
C3D HEM W . 33.15 21.54 19.81
C4D HEM W . 33.09 20.93 18.49
CMD HEM W . 33.95 20.58 22.26
CAD HEM W . 32.72 23.00 20.20
CBD HEM W . 33.95 23.78 19.59
CGD HEM W . 33.70 25.29 19.78
O1D HEM W . 34.66 26.10 19.74
O2D HEM W . 32.53 25.71 20.01
NA HEM W . 32.35 19.66 15.80
NB HEM W . 33.10 16.85 15.45
NC HEM W . 34.35 16.74 18.16
ND HEM W . 33.62 19.63 18.56
FE HEM W . 33.48 18.25 16.94
S SO4 X . 42.08 26.88 17.39
O1 SO4 X . 41.14 27.85 16.76
O2 SO4 X . 41.71 26.87 18.83
O3 SO4 X . 41.98 25.53 16.83
O4 SO4 X . 43.41 27.40 17.05
S SO4 Y . 38.48 36.22 29.73
O1 SO4 Y . 39.25 35.62 28.63
O2 SO4 Y . 38.54 37.64 29.37
O3 SO4 Y . 37.12 35.59 29.80
O4 SO4 Y . 39.09 36.02 31.07
S SO4 Z . 20.11 32.18 -7.54
O1 SO4 Z . 21.43 31.55 -7.65
O2 SO4 Z . 19.95 32.98 -8.75
O3 SO4 Z . 19.04 31.18 -7.58
O4 SO4 Z . 19.95 33.04 -6.35
C1 GOL AA . 41.90 21.80 16.47
O1 GOL AA . 42.27 21.84 15.13
C2 GOL AA . 43.12 22.35 17.19
O2 GOL AA . 42.61 23.37 18.01
C3 GOL AA . 43.63 21.28 18.13
O3 GOL AA . 44.67 21.84 18.91
O1 TWO BA . 30.52 21.68 24.14
C7 TWO BA . 29.62 20.76 23.98
O2 TWO BA . 28.87 20.31 24.90
C5 TWO BA . 29.41 20.23 22.59
C4 TWO BA . 28.28 19.43 22.31
C3 TWO BA . 28.10 18.96 20.99
O4 TWO BA . 27.05 18.19 20.63
C9 TWO BA . 26.71 17.13 21.52
C2 TWO BA . 28.97 19.22 19.99
O3 TWO BA . 28.69 18.71 18.70
C8 TWO BA . 29.69 18.94 17.71
C1 TWO BA . 30.11 19.97 20.28
C6 TWO BA . 30.32 20.48 21.55
CL CL CA . 24.20 17.27 30.99
#